data_9KAK
#
_entry.id   9KAK
#
_cell.length_a   1.00
_cell.length_b   1.00
_cell.length_c   1.00
_cell.angle_alpha   90.00
_cell.angle_beta   90.00
_cell.angle_gamma   90.00
#
_symmetry.space_group_name_H-M   'P 1'
#
loop_
_entity.id
_entity.type
_entity.pdbx_description
1 polymer 'Large T antigen'
2 polymer DNA
3 polymer DNA
4 non-polymer 'PHOSPHOAMINOPHOSPHONIC ACID-ADENYLATE ESTER'
5 non-polymer 'MAGNESIUM ION'
#
loop_
_entity_poly.entity_id
_entity_poly.type
_entity_poly.pdbx_seq_one_letter_code
_entity_poly.pdbx_strand_id
1 'polypeptide(L)'
;KQVSWKLVTEYAMETKCDDVLLLLGMYLEFQYSFEMCLKCIKKEQPSHYKYHEKHYANAAIFADSKNQKTICQQAVDTVL
AKKRVDSLQLTREQMLTNRFNDLLDRMDIMFGSTGSADIEEWMAGVAWLHCLLPKMDSVVYDFLKCMVYNIPKKRYWLFK
GPIDSGKTTLAAALLELCGGKALNVNLPLDRLNFELGVAIDQFLVVFEDVKGTGGESRDLPSGQGINNLDNLRDYLDGSV
KVNLEKKHLNKRTQIFPPGIVTMNEYSVPKTLQARFVKQIDFRPKDYLKHCLERSEFLLEKRIIQSGIALLLMLIWYRPV
AEFAQSIQSRIVEWKERLDKEFSLSVYQKMKFNVAMGIGVLD
;
A,B,C,D,E,F
2 'polydeoxyribonucleotide' (DA)(DA)(DA)(DA)(DA)(DA)(DA)(DA)(DA)(DA) P
3 'polydeoxyribonucleotide' (DT)(DT)(DT)(DT)(DT)(DT)(DT)(DT)(DT)(DT)(DT)(DT)(DT)(DT)(DT) T
#
# COMPACT_ATOMS: atom_id res chain seq x y z
N LYS A 1 1.14 -7.35 -43.80
CA LYS A 1 2.50 -7.82 -43.62
C LYS A 1 2.79 -7.91 -42.11
N GLN A 2 3.97 -7.50 -41.65
CA GLN A 2 4.40 -7.77 -40.28
C GLN A 2 4.98 -6.51 -39.64
N VAL A 3 4.65 -6.27 -38.37
CA VAL A 3 5.10 -5.07 -37.67
C VAL A 3 6.53 -5.25 -37.19
N SER A 4 7.37 -4.25 -37.44
CA SER A 4 8.75 -4.25 -36.99
C SER A 4 8.89 -3.54 -35.64
N TRP A 5 9.19 -4.29 -34.59
CA TRP A 5 9.46 -3.69 -33.29
C TRP A 5 10.80 -2.96 -33.30
N LYS A 6 11.70 -3.37 -34.18
CA LYS A 6 12.97 -2.69 -34.39
C LYS A 6 12.79 -1.23 -34.83
N LEU A 7 11.95 -0.98 -35.83
CA LEU A 7 11.74 0.40 -36.29
C LEU A 7 11.13 1.31 -35.22
N VAL A 8 10.27 0.78 -34.36
CA VAL A 8 9.78 1.59 -33.24
C VAL A 8 10.91 1.88 -32.26
N THR A 9 11.80 0.93 -32.05
CA THR A 9 12.99 1.18 -31.24
C THR A 9 13.90 2.22 -31.87
N GLU A 10 14.04 2.22 -33.21
CA GLU A 10 14.78 3.30 -33.87
C GLU A 10 14.15 4.66 -33.61
N TYR A 11 12.83 4.78 -33.82
CA TYR A 11 12.17 6.06 -33.62
C TYR A 11 12.25 6.53 -32.17
N ALA A 12 11.99 5.64 -31.22
CA ALA A 12 12.12 5.99 -29.82
C ALA A 12 13.53 6.44 -29.46
N MET A 13 14.54 5.72 -29.97
CA MET A 13 15.92 6.09 -29.72
C MET A 13 16.28 7.43 -30.35
N GLU A 14 15.90 7.66 -31.60
CA GLU A 14 16.18 8.93 -32.24
C GLU A 14 15.41 10.08 -31.60
N THR A 15 14.18 9.85 -31.16
CA THR A 15 13.42 10.88 -30.45
C THR A 15 13.80 11.00 -28.99
N LYS A 16 14.50 10.01 -28.43
CA LYS A 16 14.82 9.91 -27.00
C LYS A 16 13.57 9.96 -26.12
N CYS A 17 12.61 9.10 -26.44
CA CYS A 17 11.28 9.10 -25.83
C CYS A 17 11.24 8.18 -24.60
N ASP A 18 11.13 8.76 -23.41
CA ASP A 18 11.04 7.99 -22.17
C ASP A 18 9.63 7.52 -21.83
N ASP A 19 8.60 8.01 -22.50
CA ASP A 19 7.21 7.81 -22.08
C ASP A 19 6.46 6.93 -23.07
N VAL A 20 5.86 5.84 -22.56
CA VAL A 20 5.17 4.86 -23.39
C VAL A 20 3.95 5.45 -24.09
N LEU A 21 3.22 6.34 -23.42
CA LEU A 21 2.03 6.93 -24.03
C LEU A 21 2.39 8.01 -25.04
N LEU A 22 3.50 8.70 -24.83
CA LEU A 22 3.97 9.66 -25.82
C LEU A 22 4.45 8.94 -27.08
N LEU A 23 5.19 7.85 -26.92
CA LEU A 23 5.64 7.08 -28.07
C LEU A 23 4.47 6.50 -28.85
N LEU A 24 3.47 5.97 -28.16
CA LEU A 24 2.27 5.47 -28.80
C LEU A 24 1.56 6.56 -29.59
N GLY A 25 1.38 7.73 -28.98
CA GLY A 25 0.70 8.81 -29.65
C GLY A 25 1.42 9.27 -30.90
N MET A 26 2.72 9.56 -30.77
CA MET A 26 3.51 10.03 -31.91
C MET A 26 3.53 9.02 -33.05
N TYR A 27 3.79 7.75 -32.75
CA TYR A 27 3.91 6.77 -33.82
C TYR A 27 2.59 6.53 -34.54
N LEU A 28 1.47 6.61 -33.85
CA LEU A 28 0.17 6.50 -34.51
C LEU A 28 -0.13 7.64 -35.46
N GLU A 29 0.47 8.82 -35.25
CA GLU A 29 0.28 9.89 -36.20
C GLU A 29 0.89 9.57 -37.56
N PHE A 30 1.85 8.66 -37.61
CA PHE A 30 2.47 8.25 -38.88
C PHE A 30 1.60 7.32 -39.71
N GLN A 31 0.45 6.86 -39.21
CA GLN A 31 -0.36 5.92 -39.99
C GLN A 31 -1.02 6.56 -41.20
N TYR A 32 -1.23 7.88 -41.18
CA TYR A 32 -1.82 8.57 -42.30
C TYR A 32 -0.76 8.85 -43.38
N SER A 33 -1.20 8.92 -44.64
CA SER A 33 -0.26 9.01 -45.75
C SER A 33 0.49 10.34 -45.74
N PHE A 34 1.82 10.26 -45.91
CA PHE A 34 2.67 11.46 -45.87
C PHE A 34 2.56 12.31 -47.13
N GLU A 35 1.86 11.84 -48.16
CA GLU A 35 1.65 12.65 -49.36
C GLU A 35 0.78 13.88 -49.07
N MET A 36 -0.20 13.76 -48.18
CA MET A 36 -1.13 14.82 -47.87
C MET A 36 -0.90 15.46 -46.51
N CYS A 37 -0.06 14.89 -45.65
CA CYS A 37 -0.08 15.20 -44.23
C CYS A 37 0.22 16.67 -43.95
N LEU A 38 -0.69 17.32 -43.23
CA LEU A 38 -0.61 18.76 -43.01
C LEU A 38 0.52 19.15 -42.07
N LYS A 39 0.94 18.26 -41.18
CA LYS A 39 2.03 18.59 -40.26
C LYS A 39 3.39 18.39 -40.92
N CYS A 40 3.50 17.46 -41.86
CA CYS A 40 4.67 17.43 -42.72
C CYS A 40 4.71 18.63 -43.67
N ILE A 41 3.55 19.04 -44.20
CA ILE A 41 3.51 20.22 -45.04
C ILE A 41 3.86 21.47 -44.24
N LYS A 42 3.22 21.66 -43.09
CA LYS A 42 3.48 22.87 -42.32
C LYS A 42 4.85 22.83 -41.64
N LYS A 43 5.40 21.64 -41.40
CA LYS A 43 6.64 21.45 -40.65
C LYS A 43 6.56 22.07 -39.25
N GLU A 44 5.50 21.71 -38.54
CA GLU A 44 5.19 22.30 -37.25
C GLU A 44 6.04 21.71 -36.14
N GLN A 45 6.34 20.41 -36.19
CA GLN A 45 7.12 19.73 -35.16
C GLN A 45 8.22 18.87 -35.77
N PRO A 46 9.48 19.03 -35.34
CA PRO A 46 10.58 18.24 -35.93
C PRO A 46 10.52 16.76 -35.60
N SER A 47 9.96 16.39 -34.45
CA SER A 47 9.75 15.00 -34.09
C SER A 47 8.79 14.28 -35.01
N HIS A 48 8.13 15.00 -35.92
CA HIS A 48 7.26 14.42 -36.93
C HIS A 48 7.83 14.51 -38.33
N TYR A 49 8.05 15.71 -38.86
CA TYR A 49 8.27 15.84 -40.29
C TYR A 49 9.56 15.17 -40.75
N LYS A 50 10.53 14.97 -39.87
CA LYS A 50 11.74 14.23 -40.25
C LYS A 50 11.47 12.74 -40.42
N TYR A 51 10.51 12.19 -39.69
CA TYR A 51 10.39 10.75 -39.47
C TYR A 51 9.22 10.11 -40.18
N HIS A 52 8.16 10.86 -40.49
CA HIS A 52 6.92 10.28 -41.01
C HIS A 52 7.13 9.48 -42.28
N GLU A 53 7.88 10.00 -43.25
CA GLU A 53 8.07 9.28 -44.50
C GLU A 53 8.74 7.93 -44.30
N LYS A 54 9.68 7.86 -43.37
CA LYS A 54 10.38 6.62 -43.07
C LYS A 54 9.52 5.60 -42.34
N HIS A 55 8.59 6.04 -41.50
CA HIS A 55 7.83 5.15 -40.63
C HIS A 55 6.39 4.90 -41.07
N TYR A 56 5.92 5.54 -42.14
CA TYR A 56 4.55 5.33 -42.61
C TYR A 56 4.20 3.87 -42.83
N ALA A 57 5.04 3.13 -43.56
CA ALA A 57 4.72 1.74 -43.87
C ALA A 57 4.54 0.89 -42.61
N ASN A 58 5.40 1.09 -41.62
CA ASN A 58 5.32 0.35 -40.37
C ASN A 58 4.21 0.86 -39.46
N ALA A 59 3.90 2.15 -39.50
CA ALA A 59 2.81 2.69 -38.71
C ALA A 59 1.44 2.23 -39.21
N ALA A 60 1.28 2.03 -40.52
CA ALA A 60 0.04 1.42 -41.01
C ALA A 60 -0.15 -0.01 -40.49
N ILE A 61 0.91 -0.77 -40.33
CA ILE A 61 0.79 -2.13 -39.77
C ILE A 61 0.64 -2.07 -38.25
N PHE A 62 1.35 -1.14 -37.60
CA PHE A 62 1.19 -0.93 -36.17
C PHE A 62 -0.24 -0.56 -35.79
N ALA A 63 -0.91 0.24 -36.61
CA ALA A 63 -2.29 0.61 -36.31
C ALA A 63 -3.27 -0.56 -36.35
N ASP A 64 -2.96 -1.65 -37.04
CA ASP A 64 -3.79 -2.85 -36.97
C ASP A 64 -3.41 -3.79 -35.84
N SER A 65 -2.26 -3.57 -35.20
CA SER A 65 -1.73 -4.50 -34.23
C SER A 65 -2.53 -4.52 -32.93
N LYS A 66 -2.47 -5.66 -32.25
CA LYS A 66 -3.12 -5.91 -30.98
C LYS A 66 -2.15 -5.80 -29.79
N ASN A 67 -0.85 -5.64 -30.06
CA ASN A 67 0.20 -5.62 -29.07
C ASN A 67 0.68 -4.22 -28.74
N GLN A 68 -0.02 -3.19 -29.19
CA GLN A 68 0.57 -1.86 -29.38
C GLN A 68 1.36 -1.35 -28.17
N LYS A 69 0.80 -1.45 -26.96
CA LYS A 69 1.51 -0.95 -25.80
C LYS A 69 2.71 -1.82 -25.43
N THR A 70 2.70 -3.10 -25.77
CA THR A 70 3.87 -3.94 -25.53
C THR A 70 5.01 -3.58 -26.47
N ILE A 71 4.69 -3.29 -27.74
CA ILE A 71 5.70 -2.79 -28.67
C ILE A 71 6.33 -1.50 -28.16
N CYS A 72 5.51 -0.59 -27.64
CA CYS A 72 6.02 0.66 -27.12
C CYS A 72 6.83 0.49 -25.83
N GLN A 73 6.41 -0.42 -24.96
CA GLN A 73 7.13 -0.65 -23.71
C GLN A 73 8.57 -1.08 -23.96
N GLN A 74 8.78 -2.04 -24.88
CA GLN A 74 10.14 -2.49 -25.18
C GLN A 74 10.98 -1.37 -25.80
N ALA A 75 10.38 -0.54 -26.65
CA ALA A 75 11.09 0.60 -27.20
C ALA A 75 11.51 1.59 -26.10
N VAL A 76 10.59 1.89 -25.18
CA VAL A 76 10.92 2.75 -24.05
C VAL A 76 11.97 2.10 -23.14
N ASP A 77 11.88 0.79 -22.91
CA ASP A 77 12.92 0.12 -22.14
C ASP A 77 14.30 0.22 -22.80
N THR A 78 14.36 0.23 -24.13
CA THR A 78 15.63 0.44 -24.82
C THR A 78 16.17 1.85 -24.62
N VAL A 79 15.31 2.86 -24.59
CA VAL A 79 15.74 4.23 -24.33
C VAL A 79 16.19 4.42 -22.88
N LEU A 80 15.49 3.81 -21.93
CA LEU A 80 15.97 3.85 -20.55
C LEU A 80 17.25 3.05 -20.34
N ALA A 81 17.43 1.95 -21.07
CA ALA A 81 18.67 1.19 -20.99
C ALA A 81 19.86 1.97 -21.52
N LYS A 82 19.68 2.69 -22.63
CA LYS A 82 20.73 3.57 -23.16
C LYS A 82 21.16 4.62 -22.14
N LYS A 83 20.21 5.21 -21.40
CA LYS A 83 20.54 6.11 -20.30
C LYS A 83 21.27 5.43 -19.15
N ARG A 84 20.89 4.20 -18.80
CA ARG A 84 21.63 3.46 -17.77
C ARG A 84 23.08 3.25 -18.15
N VAL A 85 23.32 2.77 -19.36
CA VAL A 85 24.69 2.58 -19.84
C VAL A 85 25.46 3.90 -19.82
N ASP A 86 24.88 4.96 -20.37
CA ASP A 86 25.57 6.25 -20.35
C ASP A 86 25.86 6.72 -18.93
N SER A 87 24.90 6.57 -18.02
CA SER A 87 25.09 6.99 -16.64
C SER A 87 26.25 6.26 -15.95
N LEU A 88 26.43 4.97 -16.23
CA LEU A 88 27.59 4.26 -15.68
C LEU A 88 28.89 4.53 -16.44
N GLN A 89 28.84 4.56 -17.77
CA GLN A 89 30.07 4.46 -18.54
C GLN A 89 30.68 5.79 -18.96
N LEU A 90 29.92 6.86 -19.11
CA LEU A 90 30.47 8.15 -19.52
C LEU A 90 31.09 8.92 -18.36
N THR A 91 32.15 9.68 -18.65
CA THR A 91 32.62 10.67 -17.69
C THR A 91 31.64 11.83 -17.62
N ARG A 92 31.64 12.52 -16.48
CA ARG A 92 30.72 13.65 -16.30
C ARG A 92 31.01 14.79 -17.27
N GLU A 93 32.25 14.93 -17.74
CA GLU A 93 32.53 15.89 -18.81
C GLU A 93 31.77 15.54 -20.07
N GLN A 94 31.79 14.26 -20.45
CA GLN A 94 31.14 13.84 -21.68
C GLN A 94 29.63 13.96 -21.56
N MET A 95 29.08 13.66 -20.39
CA MET A 95 27.64 13.84 -20.16
C MET A 95 27.24 15.30 -20.32
N LEU A 96 28.02 16.23 -19.78
CA LEU A 96 27.74 17.64 -19.97
C LEU A 96 27.97 18.09 -21.41
N THR A 97 29.01 17.55 -22.05
CA THR A 97 29.26 17.85 -23.46
C THR A 97 28.12 17.38 -24.35
N ASN A 98 27.59 16.19 -24.07
CA ASN A 98 26.41 15.71 -24.78
C ASN A 98 25.21 16.64 -24.58
N ARG A 99 24.97 17.07 -23.34
CA ARG A 99 23.86 17.99 -23.08
C ARG A 99 24.06 19.34 -23.77
N PHE A 100 25.29 19.84 -23.86
CA PHE A 100 25.53 21.05 -24.64
C PHE A 100 25.30 20.83 -26.13
N ASN A 101 25.74 19.71 -26.69
CA ASN A 101 25.43 19.41 -28.08
C ASN A 101 23.92 19.35 -28.32
N ASP A 102 23.17 18.73 -27.42
CA ASP A 102 21.71 18.69 -27.56
C ASP A 102 21.08 20.08 -27.51
N LEU A 103 21.56 20.93 -26.61
CA LEU A 103 21.07 22.32 -26.57
C LEU A 103 21.50 23.12 -27.80
N LEU A 104 22.73 22.93 -28.28
CA LEU A 104 23.17 23.59 -29.52
C LEU A 104 22.38 23.13 -30.75
N ASP A 105 22.02 21.85 -30.85
CA ASP A 105 21.11 21.41 -31.91
C ASP A 105 19.81 22.20 -31.87
N ARG A 106 19.26 22.32 -30.67
CA ARG A 106 17.98 22.98 -30.47
C ARG A 106 18.07 24.47 -30.74
N MET A 107 19.18 25.11 -30.35
CA MET A 107 19.46 26.48 -30.75
C MET A 107 19.53 26.67 -32.26
N ASP A 108 20.11 25.72 -32.99
CA ASP A 108 20.19 25.85 -34.45
C ASP A 108 18.79 25.91 -35.09
N ILE A 109 17.90 25.02 -34.68
CA ILE A 109 16.54 25.04 -35.19
C ILE A 109 15.84 26.32 -34.75
N MET A 110 16.08 26.73 -33.51
CA MET A 110 15.32 27.80 -32.88
C MET A 110 15.66 29.17 -33.45
N PHE A 111 16.93 29.41 -33.75
CA PHE A 111 17.37 30.68 -34.30
C PHE A 111 17.55 30.65 -35.82
N GLY A 112 17.34 29.51 -36.47
CA GLY A 112 17.33 29.46 -37.91
C GLY A 112 16.10 30.10 -38.52
N SER A 113 16.07 30.12 -39.84
CA SER A 113 14.95 30.74 -40.56
C SER A 113 13.65 30.01 -40.32
N THR A 114 13.69 28.72 -40.01
CA THR A 114 12.50 27.97 -39.63
C THR A 114 12.00 28.38 -38.25
N GLY A 115 12.89 28.86 -37.39
CA GLY A 115 12.55 29.08 -36.00
C GLY A 115 11.87 30.41 -35.73
N SER A 116 11.26 30.49 -34.54
CA SER A 116 10.49 31.63 -34.08
C SER A 116 11.27 32.59 -33.19
N ALA A 117 12.49 32.25 -32.79
CA ALA A 117 13.20 33.01 -31.76
C ALA A 117 14.04 34.16 -32.35
N ASP A 118 13.80 35.36 -31.84
CA ASP A 118 14.65 36.52 -32.12
C ASP A 118 15.86 36.51 -31.20
N ILE A 119 17.05 36.30 -31.78
CA ILE A 119 18.27 36.21 -30.97
C ILE A 119 18.50 37.48 -30.15
N GLU A 120 18.00 38.62 -30.63
CA GLU A 120 18.16 39.87 -29.88
C GLU A 120 17.42 39.83 -28.55
N GLU A 121 16.26 39.18 -28.52
CA GLU A 121 15.50 39.04 -27.29
C GLU A 121 16.19 38.10 -26.31
N TRP A 122 16.82 37.05 -26.81
CA TRP A 122 17.52 36.11 -25.94
C TRP A 122 18.86 36.68 -25.42
N MET A 123 19.55 37.48 -26.22
CA MET A 123 20.71 38.21 -25.73
C MET A 123 20.34 39.31 -24.72
N ALA A 124 19.16 39.91 -24.85
CA ALA A 124 18.64 40.72 -23.75
C ALA A 124 18.39 39.88 -22.50
N GLY A 125 18.05 38.60 -22.65
CA GLY A 125 18.02 37.70 -21.52
C GLY A 125 19.38 37.52 -20.85
N VAL A 126 20.43 37.35 -21.65
CA VAL A 126 21.79 37.29 -21.11
C VAL A 126 22.13 38.55 -20.32
N ALA A 127 21.74 39.71 -20.84
CA ALA A 127 21.99 40.96 -20.11
C ALA A 127 21.23 41.03 -18.78
N TRP A 128 19.96 40.63 -18.76
CA TRP A 128 19.21 40.63 -17.51
C TRP A 128 19.78 39.64 -16.50
N LEU A 129 20.11 38.42 -16.94
CA LEU A 129 20.68 37.44 -16.03
C LEU A 129 22.03 37.86 -15.48
N HIS A 130 22.88 38.47 -16.30
CA HIS A 130 24.19 38.88 -15.81
C HIS A 130 24.11 39.95 -14.73
N CYS A 131 23.04 40.74 -14.69
CA CYS A 131 22.87 41.74 -13.63
C CYS A 131 22.34 41.17 -12.33
N LEU A 132 21.92 39.91 -12.28
CA LEU A 132 21.32 39.35 -11.07
C LEU A 132 22.38 39.13 -9.98
N LEU A 133 23.43 38.36 -10.29
CA LEU A 133 24.49 38.12 -9.34
C LEU A 133 25.80 38.71 -9.85
N PRO A 134 26.64 39.27 -8.98
CA PRO A 134 27.93 39.76 -9.45
C PRO A 134 28.76 38.62 -10.03
N LYS A 135 29.38 38.88 -11.18
CA LYS A 135 30.20 37.89 -11.88
C LYS A 135 29.43 36.60 -12.21
N MET A 136 28.20 36.72 -12.71
CA MET A 136 27.40 35.52 -12.92
C MET A 136 28.01 34.53 -13.90
N ASP A 137 28.71 34.99 -14.94
CA ASP A 137 29.32 34.04 -15.86
C ASP A 137 30.37 33.18 -15.16
N SER A 138 31.05 33.76 -14.19
CA SER A 138 31.98 32.99 -13.37
C SER A 138 31.25 32.07 -12.40
N VAL A 139 30.14 32.55 -11.83
CA VAL A 139 29.28 31.69 -11.03
C VAL A 139 28.79 30.48 -11.83
N VAL A 140 28.37 30.68 -13.08
CA VAL A 140 27.90 29.55 -13.88
C VAL A 140 29.03 28.58 -14.19
N TYR A 141 30.17 29.09 -14.61
CA TYR A 141 31.32 28.21 -14.84
C TYR A 141 31.78 27.53 -13.56
N ASP A 142 31.81 28.26 -12.45
CA ASP A 142 32.11 27.65 -11.16
C ASP A 142 31.10 26.55 -10.81
N PHE A 143 29.83 26.77 -11.10
CA PHE A 143 28.82 25.74 -10.87
C PHE A 143 29.01 24.52 -11.78
N LEU A 144 29.22 24.73 -13.07
CA LEU A 144 29.44 23.60 -13.97
C LEU A 144 30.65 22.79 -13.54
N LYS A 145 31.75 23.47 -13.25
CA LYS A 145 32.94 22.83 -12.72
C LYS A 145 32.62 22.04 -11.46
N CYS A 146 31.86 22.63 -10.55
CA CYS A 146 31.45 21.94 -9.33
C CYS A 146 30.60 20.69 -9.59
N MET A 147 29.73 20.73 -10.60
CA MET A 147 28.92 19.54 -10.91
C MET A 147 29.69 18.48 -11.68
N VAL A 148 30.69 18.88 -12.47
CA VAL A 148 31.56 17.93 -13.14
C VAL A 148 32.56 17.32 -12.15
N TYR A 149 33.18 18.14 -11.32
CA TYR A 149 34.00 17.65 -10.20
C TYR A 149 33.07 17.22 -9.08
N ASN A 150 32.60 16.00 -9.16
CA ASN A 150 31.63 15.45 -8.21
C ASN A 150 32.28 15.13 -6.87
N ILE A 151 32.98 16.11 -6.28
CA ILE A 151 33.78 15.95 -5.06
C ILE A 151 32.90 15.64 -3.86
N PRO A 152 33.05 14.50 -3.19
CA PRO A 152 32.12 14.15 -2.11
C PRO A 152 32.09 15.20 -1.00
N LYS A 153 30.86 15.53 -0.56
CA LYS A 153 30.54 16.58 0.41
C LYS A 153 30.84 18.02 -0.02
N LYS A 154 31.45 18.24 -1.18
CA LYS A 154 31.57 19.58 -1.73
C LYS A 154 30.75 19.70 -3.01
N ARG A 155 29.50 19.24 -2.95
CA ARG A 155 28.69 18.92 -4.11
C ARG A 155 27.48 19.81 -4.30
N TYR A 156 26.97 20.44 -3.24
CA TYR A 156 25.71 21.16 -3.26
C TYR A 156 25.89 22.64 -2.99
N TRP A 157 25.08 23.47 -3.64
CA TRP A 157 25.04 24.92 -3.46
C TRP A 157 23.70 25.35 -2.87
N LEU A 158 23.75 26.34 -1.98
CA LEU A 158 22.58 26.86 -1.29
C LEU A 158 22.21 28.23 -1.85
N PHE A 159 20.95 28.40 -2.25
CA PHE A 159 20.41 29.70 -2.66
C PHE A 159 19.48 30.23 -1.58
N LYS A 160 19.79 31.41 -1.04
CA LYS A 160 19.01 32.01 0.04
C LYS A 160 18.70 33.46 -0.26
N GLY A 161 17.50 33.89 0.11
CA GLY A 161 17.03 35.22 -0.17
C GLY A 161 15.52 35.33 -0.08
N PRO A 162 15.02 36.55 0.01
CA PRO A 162 13.58 36.73 0.22
C PRO A 162 12.70 36.35 -0.96
N ILE A 163 11.41 36.63 -0.83
CA ILE A 163 10.46 36.49 -1.92
C ILE A 163 10.87 37.31 -3.14
N ASP A 164 10.80 36.68 -4.30
CA ASP A 164 11.10 37.29 -5.60
C ASP A 164 12.51 37.88 -5.65
N SER A 165 13.50 37.03 -5.41
CA SER A 165 14.89 37.43 -5.38
C SER A 165 15.73 36.83 -6.51
N GLY A 166 15.27 35.74 -7.13
CA GLY A 166 15.91 35.14 -8.28
C GLY A 166 16.37 33.71 -8.07
N LYS A 167 16.08 33.10 -6.92
CA LYS A 167 16.56 31.75 -6.63
C LYS A 167 16.00 30.73 -7.62
N THR A 168 14.68 30.64 -7.69
CA THR A 168 14.01 29.72 -8.60
C THR A 168 14.36 30.01 -10.05
N THR A 169 14.46 31.29 -10.40
CA THR A 169 14.86 31.68 -11.75
C THR A 169 16.20 31.09 -12.16
N LEU A 170 17.24 31.31 -11.35
CA LEU A 170 18.56 30.80 -11.72
C LEU A 170 18.66 29.29 -11.57
N ALA A 171 18.03 28.72 -10.55
CA ALA A 171 18.04 27.28 -10.41
C ALA A 171 17.35 26.59 -11.59
N ALA A 172 16.25 27.16 -12.07
CA ALA A 172 15.58 26.62 -13.25
C ALA A 172 16.44 26.71 -14.52
N ALA A 173 17.20 27.79 -14.67
CA ALA A 173 18.10 27.89 -15.80
C ALA A 173 19.23 26.86 -15.73
N LEU A 174 19.83 26.71 -14.56
CA LEU A 174 20.88 25.71 -14.39
C LEU A 174 20.36 24.29 -14.55
N LEU A 175 19.12 24.04 -14.12
CA LEU A 175 18.48 22.75 -14.33
C LEU A 175 18.33 22.42 -15.81
N GLU A 176 17.96 23.38 -16.64
CA GLU A 176 17.88 23.10 -18.07
C GLU A 176 19.25 22.99 -18.73
N LEU A 177 20.21 23.82 -18.33
CA LEU A 177 21.56 23.74 -18.88
C LEU A 177 22.21 22.38 -18.59
N CYS A 178 22.19 21.96 -17.34
CA CYS A 178 22.87 20.72 -16.98
C CYS A 178 22.00 19.49 -17.19
N GLY A 179 20.69 19.62 -17.09
CA GLY A 179 19.79 18.48 -17.10
C GLY A 179 19.63 17.87 -15.73
N GLY A 180 18.39 17.63 -15.32
CA GLY A 180 18.12 17.22 -13.96
C GLY A 180 16.65 17.32 -13.64
N LYS A 181 16.33 17.07 -12.36
CA LYS A 181 14.95 17.05 -11.90
C LYS A 181 14.79 17.89 -10.65
N ALA A 182 13.65 18.56 -10.54
CA ALA A 182 13.27 19.26 -9.31
C ALA A 182 12.59 18.30 -8.35
N LEU A 183 12.89 18.46 -7.06
CA LEU A 183 12.34 17.61 -6.01
C LEU A 183 11.69 18.46 -4.93
N ASN A 184 10.49 18.06 -4.51
CA ASN A 184 9.80 18.66 -3.38
C ASN A 184 9.98 17.76 -2.16
N VAL A 185 10.66 18.26 -1.13
CA VAL A 185 10.81 17.54 0.13
C VAL A 185 10.01 18.18 1.26
N ASN A 186 9.08 19.07 0.93
CA ASN A 186 8.15 19.60 1.93
C ASN A 186 7.01 18.63 2.23
N LEU A 187 6.76 17.68 1.35
CA LEU A 187 5.80 16.60 1.59
C LEU A 187 6.34 15.61 2.63
N PRO A 188 5.45 14.86 3.29
CA PRO A 188 5.84 14.13 4.50
C PRO A 188 6.73 12.91 4.24
N LEU A 189 7.53 12.61 5.25
CA LEU A 189 8.74 11.82 5.12
C LEU A 189 8.48 10.37 4.70
N ASP A 190 7.30 9.84 4.98
CA ASP A 190 6.95 8.48 4.52
C ASP A 190 6.81 8.39 3.01
N ARG A 191 6.44 9.46 2.33
CA ARG A 191 6.22 9.46 0.89
C ARG A 191 7.46 9.85 0.07
N LEU A 192 8.53 10.33 0.69
CA LEU A 192 9.66 10.87 -0.06
C LEU A 192 10.44 9.84 -0.87
N ASN A 193 10.39 8.56 -0.54
CA ASN A 193 11.22 7.61 -1.28
C ASN A 193 10.92 7.62 -2.78
N PHE A 194 9.66 7.80 -3.18
CA PHE A 194 9.34 7.93 -4.61
C PHE A 194 9.69 9.29 -5.20
N GLU A 195 9.69 10.37 -4.41
CA GLU A 195 10.28 11.62 -4.90
C GLU A 195 11.77 11.46 -5.17
N LEU A 196 12.51 10.94 -4.21
CA LEU A 196 13.94 10.73 -4.41
C LEU A 196 14.22 9.79 -5.58
N GLY A 197 13.33 8.83 -5.84
CA GLY A 197 13.43 7.96 -7.00
C GLY A 197 13.39 8.63 -8.35
N VAL A 198 12.92 9.87 -8.44
CA VAL A 198 13.01 10.61 -9.70
C VAL A 198 14.44 10.96 -10.08
N ALA A 199 15.35 11.03 -9.10
CA ALA A 199 16.77 11.33 -9.30
C ALA A 199 17.58 10.19 -9.92
N ILE A 200 16.98 9.03 -10.21
CA ILE A 200 17.72 7.93 -10.83
C ILE A 200 18.26 8.33 -12.21
N ASP A 201 19.59 8.20 -12.35
CA ASP A 201 20.38 8.51 -13.56
C ASP A 201 20.34 9.96 -14.01
N GLN A 202 19.94 10.91 -13.17
CA GLN A 202 19.92 12.32 -13.55
C GLN A 202 21.26 12.98 -13.22
N PHE A 203 21.62 14.00 -13.99
CA PHE A 203 22.89 14.70 -13.76
C PHE A 203 22.82 15.65 -12.56
N LEU A 204 21.77 16.46 -12.45
CA LEU A 204 21.50 17.27 -11.26
C LEU A 204 20.17 16.90 -10.59
N VAL A 205 20.03 17.32 -9.32
CA VAL A 205 18.72 17.59 -8.74
C VAL A 205 18.70 19.00 -8.16
N VAL A 206 17.51 19.61 -8.16
CA VAL A 206 17.25 20.86 -7.46
C VAL A 206 16.19 20.59 -6.39
N PHE A 207 16.52 20.90 -5.14
CA PHE A 207 15.57 20.83 -4.03
C PHE A 207 14.96 22.22 -3.83
N GLU A 208 13.68 22.36 -4.15
CA GLU A 208 13.12 23.65 -4.52
C GLU A 208 12.28 24.27 -3.40
N ASP A 209 12.58 25.53 -3.09
CA ASP A 209 11.89 26.36 -2.09
C ASP A 209 11.52 25.56 -0.83
N VAL A 210 12.49 24.84 -0.28
CA VAL A 210 12.25 24.01 0.90
C VAL A 210 12.05 24.86 2.14
N LYS A 211 11.14 24.44 3.00
CA LYS A 211 10.65 25.22 4.13
C LYS A 211 11.38 24.83 5.41
N GLY A 212 11.75 25.83 6.19
CA GLY A 212 12.36 25.58 7.49
C GLY A 212 11.34 25.31 8.58
N THR A 213 11.84 24.75 9.69
CA THR A 213 11.15 24.87 10.96
C THR A 213 11.48 26.21 11.61
N GLY A 214 10.58 26.66 12.48
CA GLY A 214 10.76 27.93 13.15
C GLY A 214 10.80 29.10 12.19
N GLY A 215 11.25 30.23 12.71
CA GLY A 215 11.22 31.47 11.94
C GLY A 215 9.84 31.91 11.54
N GLU A 216 8.86 31.76 12.42
CA GLU A 216 7.48 32.11 12.09
C GLU A 216 7.19 33.59 12.26
N SER A 217 7.98 34.34 13.02
CA SER A 217 8.02 35.77 12.78
C SER A 217 8.62 36.02 11.40
N ARG A 218 8.46 37.24 10.89
CA ARG A 218 8.69 37.58 9.49
C ARG A 218 7.65 36.92 8.57
N ASP A 219 6.65 36.25 9.12
CA ASP A 219 5.60 35.55 8.37
C ASP A 219 6.11 34.54 7.35
N LEU A 220 6.97 33.63 7.79
CA LEU A 220 7.37 32.50 6.96
C LEU A 220 6.71 31.24 7.51
N PRO A 221 5.80 30.59 6.78
CA PRO A 221 5.21 29.35 7.28
C PRO A 221 6.26 28.27 7.51
N SER A 222 6.18 27.64 8.67
CA SER A 222 7.08 26.54 9.01
C SER A 222 6.68 25.26 8.27
N GLY A 223 7.65 24.36 8.13
CA GLY A 223 7.41 23.09 7.46
C GLY A 223 8.55 22.13 7.65
N GLN A 224 8.34 20.91 7.18
CA GLN A 224 9.24 19.79 7.42
C GLN A 224 10.51 19.81 6.57
N GLY A 225 10.60 20.69 5.58
CA GLY A 225 11.62 20.54 4.54
C GLY A 225 13.05 20.47 5.03
N ILE A 226 13.48 21.47 5.81
CA ILE A 226 14.89 21.49 6.25
C ILE A 226 15.21 20.32 7.17
N ASN A 227 14.29 19.95 8.06
CA ASN A 227 14.50 18.74 8.86
C ASN A 227 14.52 17.48 7.99
N ASN A 228 13.74 17.45 6.91
CA ASN A 228 13.82 16.32 5.99
C ASN A 228 15.14 16.26 5.23
N LEU A 229 15.77 17.41 4.97
CA LEU A 229 17.10 17.44 4.39
C LEU A 229 18.22 17.20 5.39
N ASP A 230 17.98 17.41 6.67
CA ASP A 230 18.96 17.00 7.66
C ASP A 230 18.87 15.50 7.91
N ASN A 231 17.67 14.98 7.85
CA ASN A 231 17.48 13.60 7.47
C ASN A 231 17.98 13.47 6.02
N LEU A 232 18.07 12.27 5.47
CA LEU A 232 18.64 12.10 4.12
C LEU A 232 20.06 12.67 4.00
N ARG A 233 20.78 12.82 5.11
CA ARG A 233 22.07 13.51 5.11
C ARG A 233 23.12 12.85 4.21
N ASP A 234 23.13 11.51 4.13
CA ASP A 234 24.08 10.83 3.24
C ASP A 234 23.74 10.97 1.76
N TYR A 235 22.50 11.32 1.41
CA TYR A 235 22.19 11.61 0.02
C TYR A 235 22.93 12.85 -0.46
N LEU A 236 23.00 13.87 0.37
CA LEU A 236 23.73 15.09 0.00
C LEU A 236 25.25 14.85 -0.03
N ASP A 237 25.77 14.04 0.88
CA ASP A 237 27.21 13.79 0.96
C ASP A 237 27.75 13.09 -0.28
N GLY A 238 27.11 12.01 -0.70
CA GLY A 238 27.56 11.28 -1.87
C GLY A 238 28.90 10.58 -1.72
N SER A 239 29.36 10.36 -0.48
CA SER A 239 30.45 9.41 -0.27
C SER A 239 30.00 7.97 -0.46
N VAL A 240 28.73 7.68 -0.20
CA VAL A 240 28.18 6.33 -0.18
C VAL A 240 27.00 6.22 -1.13
N LYS A 241 26.81 5.02 -1.68
CA LYS A 241 25.68 4.74 -2.57
C LYS A 241 24.36 4.63 -1.80
N VAL A 242 23.34 5.33 -2.29
CA VAL A 242 22.00 5.30 -1.72
C VAL A 242 21.06 4.53 -2.64
N ASN A 243 19.94 4.09 -2.07
CA ASN A 243 19.04 3.15 -2.72
C ASN A 243 17.71 3.82 -3.07
N LEU A 244 17.38 3.85 -4.36
CA LEU A 244 16.34 4.72 -4.92
C LEU A 244 15.22 3.90 -5.58
N GLU A 245 13.97 4.30 -5.35
CA GLU A 245 12.79 3.48 -5.68
C GLU A 245 11.96 4.01 -6.84
N LYS A 246 11.65 3.12 -7.78
CA LYS A 246 10.61 3.31 -8.78
C LYS A 246 9.57 2.21 -8.60
N LYS A 247 8.30 2.52 -8.89
CA LYS A 247 7.23 1.55 -8.71
C LYS A 247 7.40 0.36 -9.63
N HIS A 248 7.15 -0.84 -9.10
CA HIS A 248 7.32 -2.11 -9.78
C HIS A 248 8.76 -2.40 -10.21
N LEU A 249 9.74 -1.68 -9.70
CA LEU A 249 11.14 -1.95 -9.99
C LEU A 249 11.95 -2.02 -8.71
N ASN A 250 12.98 -2.87 -8.73
CA ASN A 250 13.88 -3.08 -7.60
C ASN A 250 14.65 -1.80 -7.26
N LYS A 251 15.15 -1.73 -6.02
CA LYS A 251 15.90 -0.57 -5.58
C LYS A 251 17.21 -0.39 -6.34
N ARG A 252 17.23 0.57 -7.26
CA ARG A 252 18.44 1.07 -7.89
C ARG A 252 19.38 1.67 -6.85
N THR A 253 20.68 1.36 -6.93
CA THR A 253 21.67 1.91 -6.00
C THR A 253 22.70 2.76 -6.75
N GLN A 254 22.87 4.00 -6.32
CA GLN A 254 23.78 4.92 -7.00
C GLN A 254 24.19 6.04 -6.04
N ILE A 255 25.21 6.80 -6.44
CA ILE A 255 25.56 8.05 -5.77
C ILE A 255 24.55 9.12 -6.16
N PHE A 256 23.84 9.66 -5.17
CA PHE A 256 22.76 10.59 -5.45
C PHE A 256 23.30 11.86 -6.14
N PRO A 257 22.61 12.37 -7.16
CA PRO A 257 23.14 13.52 -7.95
C PRO A 257 23.53 14.72 -7.09
N PRO A 258 24.48 15.53 -7.56
CA PRO A 258 24.69 16.86 -6.97
C PRO A 258 23.59 17.83 -7.38
N GLY A 259 23.59 19.03 -6.81
CA GLY A 259 22.41 19.86 -6.97
C GLY A 259 22.45 21.20 -6.25
N ILE A 260 21.28 21.83 -6.23
CA ILE A 260 21.02 23.14 -5.61
C ILE A 260 19.89 23.01 -4.61
N VAL A 261 20.01 23.71 -3.48
CA VAL A 261 18.90 23.89 -2.54
C VAL A 261 18.48 25.36 -2.53
N THR A 262 17.21 25.63 -2.79
CA THR A 262 16.66 26.99 -2.74
C THR A 262 15.71 27.13 -1.55
N MET A 263 15.92 28.16 -0.73
CA MET A 263 15.08 28.34 0.45
C MET A 263 14.98 29.81 0.85
N ASN A 264 13.86 30.13 1.51
CA ASN A 264 13.43 31.51 1.71
C ASN A 264 13.77 32.01 3.11
N GLU A 265 15.07 32.23 3.33
CA GLU A 265 15.59 32.90 4.51
C GLU A 265 15.20 32.23 5.85
N TYR A 266 15.05 30.91 5.86
CA TYR A 266 14.94 30.12 7.08
C TYR A 266 16.33 29.83 7.68
N SER A 267 16.35 29.51 8.97
CA SER A 267 17.57 29.13 9.66
C SER A 267 17.96 27.67 9.42
N VAL A 268 19.20 27.46 9.00
CA VAL A 268 19.70 26.14 8.61
C VAL A 268 20.59 25.55 9.71
N PRO A 269 20.42 24.27 10.06
CA PRO A 269 21.35 23.60 11.00
C PRO A 269 22.81 23.62 10.54
N LYS A 270 23.73 23.68 11.51
CA LYS A 270 25.16 23.56 11.16
C LYS A 270 25.49 22.23 10.51
N THR A 271 24.78 21.16 10.87
CA THR A 271 24.98 19.86 10.22
C THR A 271 24.67 19.90 8.73
N LEU A 272 23.68 20.70 8.33
CA LEU A 272 23.33 20.84 6.93
C LEU A 272 24.17 21.90 6.23
N GLN A 273 24.50 23.01 6.89
CA GLN A 273 25.46 23.94 6.31
C GLN A 273 26.78 23.27 5.97
N ALA A 274 27.22 22.29 6.76
CA ALA A 274 28.42 21.52 6.41
C ALA A 274 28.33 20.78 5.08
N ARG A 275 27.14 20.59 4.52
CA ARG A 275 26.99 19.95 3.21
C ARG A 275 27.06 20.91 2.04
N PHE A 276 26.92 22.22 2.26
CA PHE A 276 26.84 23.18 1.18
C PHE A 276 28.18 23.88 1.02
N VAL A 277 28.78 23.76 -0.17
CA VAL A 277 30.11 24.34 -0.36
C VAL A 277 30.03 25.85 -0.58
N LYS A 278 28.95 26.34 -1.16
CA LYS A 278 28.80 27.75 -1.46
C LYS A 278 27.37 28.17 -1.18
N GLN A 279 27.21 29.31 -0.52
CA GLN A 279 25.91 29.96 -0.37
C GLN A 279 25.87 31.22 -1.21
N ILE A 280 24.84 31.34 -2.03
CA ILE A 280 24.58 32.53 -2.83
C ILE A 280 23.43 33.29 -2.19
N ASP A 281 23.65 34.57 -1.89
CA ASP A 281 22.63 35.45 -1.35
C ASP A 281 21.97 36.24 -2.48
N PHE A 282 20.72 35.92 -2.76
CA PHE A 282 19.94 36.65 -3.75
C PHE A 282 19.24 37.83 -3.10
N ARG A 283 19.40 39.02 -3.68
CA ARG A 283 18.84 40.25 -3.16
C ARG A 283 17.89 40.88 -4.18
N PRO A 284 16.65 41.21 -3.81
CA PRO A 284 15.76 41.92 -4.74
C PRO A 284 16.28 43.29 -5.16
N LYS A 285 16.19 43.56 -6.46
CA LYS A 285 16.64 44.82 -7.05
C LYS A 285 15.49 45.49 -7.80
N ASP A 286 15.24 46.77 -7.47
CA ASP A 286 14.16 47.53 -8.10
C ASP A 286 14.31 47.61 -9.62
N TYR A 287 15.52 47.82 -10.10
CA TYR A 287 15.72 48.02 -11.53
C TYR A 287 15.46 46.78 -12.35
N LEU A 288 15.77 45.61 -11.81
CA LEU A 288 15.39 44.37 -12.48
C LEU A 288 13.87 44.22 -12.56
N LYS A 289 13.16 44.59 -11.49
CA LYS A 289 11.70 44.54 -11.51
C LYS A 289 11.10 45.51 -12.53
N HIS A 290 11.55 46.75 -12.55
CA HIS A 290 11.01 47.71 -13.51
C HIS A 290 11.43 47.37 -14.94
N CYS A 291 12.64 46.83 -15.12
CA CYS A 291 13.03 46.32 -16.43
C CYS A 291 12.11 45.21 -16.92
N LEU A 292 11.81 44.23 -16.06
CA LEU A 292 10.85 43.20 -16.45
C LEU A 292 9.46 43.74 -16.74
N GLU A 293 8.96 44.70 -15.97
CA GLU A 293 7.64 45.25 -16.26
C GLU A 293 7.57 45.88 -17.64
N ARG A 294 8.67 46.45 -18.12
CA ARG A 294 8.69 47.10 -19.41
C ARG A 294 9.20 46.20 -20.53
N SER A 295 9.83 45.08 -20.20
CA SER A 295 10.31 44.13 -21.21
C SER A 295 9.72 42.75 -20.98
N GLU A 296 8.39 42.68 -21.00
CA GLU A 296 7.63 41.50 -20.61
C GLU A 296 7.85 40.29 -21.52
N PHE A 297 8.42 40.47 -22.71
CA PHE A 297 8.73 39.33 -23.58
C PHE A 297 9.66 38.33 -22.90
N LEU A 298 10.53 38.80 -22.01
CA LEU A 298 11.42 37.93 -21.25
C LEU A 298 10.66 36.87 -20.44
N LEU A 299 9.54 37.26 -19.83
CA LEU A 299 8.75 36.32 -19.04
C LEU A 299 7.79 35.49 -19.89
N GLU A 300 7.17 36.10 -20.89
CA GLU A 300 6.21 35.36 -21.71
C GLU A 300 6.89 34.24 -22.48
N LYS A 301 8.09 34.48 -23.00
CA LYS A 301 8.82 33.47 -23.74
C LYS A 301 9.71 32.61 -22.85
N ARG A 302 9.72 32.89 -21.54
CA ARG A 302 10.51 32.16 -20.53
C ARG A 302 12.02 32.23 -20.78
N ILE A 303 12.49 33.37 -21.27
CA ILE A 303 13.88 33.51 -21.70
C ILE A 303 14.82 33.47 -20.50
N ILE A 304 14.52 34.24 -19.45
CA ILE A 304 15.42 34.39 -18.31
C ILE A 304 15.54 33.15 -17.44
N GLN A 305 14.71 32.13 -17.62
CA GLN A 305 14.88 30.87 -16.92
C GLN A 305 15.35 29.74 -17.83
N SER A 306 15.71 30.03 -19.07
CA SER A 306 16.12 29.02 -20.03
C SER A 306 17.60 28.69 -19.91
N GLY A 307 17.94 27.43 -20.15
CA GLY A 307 19.33 27.03 -20.24
C GLY A 307 20.04 27.62 -21.44
N ILE A 308 19.29 27.90 -22.51
CA ILE A 308 19.87 28.53 -23.70
C ILE A 308 20.34 29.96 -23.40
N ALA A 309 19.63 30.69 -22.55
CA ALA A 309 20.14 31.98 -22.09
C ALA A 309 21.47 31.84 -21.33
N LEU A 310 21.62 30.82 -20.50
CA LEU A 310 22.91 30.62 -19.85
C LEU A 310 23.96 30.12 -20.83
N LEU A 311 23.58 29.31 -21.80
CA LEU A 311 24.55 28.84 -22.78
C LEU A 311 25.03 29.97 -23.68
N LEU A 312 24.13 30.88 -24.04
CA LEU A 312 24.54 32.10 -24.73
C LEU A 312 25.41 32.99 -23.85
N MET A 313 25.12 33.07 -22.55
CA MET A 313 26.00 33.78 -21.64
C MET A 313 27.41 33.18 -21.62
N LEU A 314 27.51 31.85 -21.51
CA LEU A 314 28.81 31.21 -21.53
C LEU A 314 29.52 31.39 -22.87
N ILE A 315 28.78 31.33 -23.97
CA ILE A 315 29.37 31.59 -25.29
C ILE A 315 29.88 33.02 -25.41
N TRP A 316 29.13 33.99 -24.88
CA TRP A 316 29.61 35.38 -24.92
C TRP A 316 30.81 35.59 -24.00
N TYR A 317 30.69 35.24 -22.72
CA TYR A 317 31.70 35.64 -21.74
C TYR A 317 32.90 34.69 -21.61
N ARG A 318 32.72 33.37 -21.67
CA ARG A 318 33.86 32.48 -21.39
C ARG A 318 34.74 32.30 -22.63
N PRO A 319 36.06 32.21 -22.47
CA PRO A 319 36.93 31.86 -23.59
C PRO A 319 36.70 30.43 -24.05
N VAL A 320 36.94 30.18 -25.34
CA VAL A 320 36.59 28.88 -25.91
C VAL A 320 37.35 27.74 -25.25
N ALA A 321 38.56 27.99 -24.77
CA ALA A 321 39.38 26.94 -24.19
C ALA A 321 38.78 26.30 -22.94
N GLU A 322 37.76 26.90 -22.33
CA GLU A 322 37.10 26.30 -21.18
C GLU A 322 36.06 25.25 -21.55
N PHE A 323 35.56 25.27 -22.79
CA PHE A 323 34.65 24.25 -23.27
C PHE A 323 35.41 22.98 -23.70
N ALA A 324 34.70 21.86 -23.69
CA ALA A 324 35.29 20.58 -24.07
C ALA A 324 35.79 20.60 -25.51
N GLN A 325 36.84 19.80 -25.75
CA GLN A 325 37.53 19.85 -27.04
C GLN A 325 36.62 19.48 -28.20
N SER A 326 35.70 18.54 -27.98
CA SER A 326 34.76 18.13 -29.02
C SER A 326 33.82 19.25 -29.45
N ILE A 327 33.48 20.16 -28.55
CA ILE A 327 32.46 21.16 -28.80
C ILE A 327 33.05 22.52 -29.17
N GLN A 328 34.38 22.67 -29.08
CA GLN A 328 35.08 23.88 -29.50
C GLN A 328 34.61 24.40 -30.86
N SER A 329 34.63 23.54 -31.87
CA SER A 329 34.35 23.94 -33.25
C SER A 329 32.94 24.50 -33.43
N ARG A 330 31.96 23.92 -32.76
CA ARG A 330 30.59 24.44 -32.81
C ARG A 330 30.44 25.75 -32.05
N ILE A 331 31.18 25.93 -30.96
CA ILE A 331 31.12 27.15 -30.17
C ILE A 331 31.83 28.34 -30.82
N VAL A 332 32.91 28.09 -31.55
CA VAL A 332 33.57 29.16 -32.31
C VAL A 332 32.62 29.72 -33.38
N GLU A 333 31.85 28.85 -34.03
CA GLU A 333 30.82 29.30 -34.95
C GLU A 333 29.77 30.18 -34.28
N TRP A 334 29.33 29.80 -33.08
CA TRP A 334 28.36 30.61 -32.35
C TRP A 334 28.93 31.94 -31.85
N LYS A 335 30.18 31.96 -31.39
CA LYS A 335 30.82 33.24 -31.08
C LYS A 335 30.87 34.16 -32.30
N GLU A 336 31.22 33.60 -33.45
CA GLU A 336 31.21 34.38 -34.70
C GLU A 336 29.81 34.90 -35.03
N ARG A 337 28.79 34.06 -34.89
CA ARG A 337 27.43 34.52 -35.12
C ARG A 337 27.01 35.65 -34.18
N LEU A 338 27.33 35.54 -32.88
CA LEU A 338 26.94 36.61 -31.96
C LEU A 338 27.72 37.90 -32.22
N ASP A 339 29.03 37.83 -32.47
CA ASP A 339 29.77 39.04 -32.77
C ASP A 339 29.33 39.67 -34.09
N LYS A 340 28.84 38.85 -35.02
CA LYS A 340 28.28 39.40 -36.25
C LYS A 340 26.99 40.17 -35.99
N GLU A 341 26.07 39.57 -35.26
CA GLU A 341 24.76 40.18 -35.06
C GLU A 341 24.76 41.24 -33.97
N PHE A 342 25.69 41.20 -33.02
CA PHE A 342 25.79 42.17 -31.94
C PHE A 342 27.18 42.76 -31.89
N SER A 343 27.27 44.09 -31.89
CA SER A 343 28.46 44.73 -31.38
C SER A 343 28.45 44.63 -29.86
N LEU A 344 29.61 44.88 -29.25
CA LEU A 344 29.64 45.09 -27.81
C LEU A 344 28.80 46.30 -27.42
N SER A 345 28.69 47.30 -28.29
CA SER A 345 28.00 48.53 -27.93
C SER A 345 26.50 48.34 -27.82
N VAL A 346 25.90 47.52 -28.69
CA VAL A 346 24.49 47.18 -28.54
C VAL A 346 24.27 46.45 -27.23
N TYR A 347 25.13 45.50 -26.89
CA TYR A 347 24.98 44.75 -25.64
C TYR A 347 25.25 45.60 -24.40
N GLN A 348 26.22 46.51 -24.45
CA GLN A 348 26.42 47.40 -23.30
C GLN A 348 25.28 48.39 -23.13
N LYS A 349 24.63 48.81 -24.22
CA LYS A 349 23.40 49.58 -24.08
C LYS A 349 22.29 48.76 -23.43
N MET A 350 22.17 47.47 -23.78
CA MET A 350 21.22 46.61 -23.09
C MET A 350 21.47 46.54 -21.59
N LYS A 351 22.71 46.32 -21.16
CA LYS A 351 23.01 46.28 -19.73
C LYS A 351 22.79 47.64 -19.05
N PHE A 352 23.08 48.73 -19.76
CA PHE A 352 22.75 50.05 -19.23
C PHE A 352 21.25 50.22 -19.03
N ASN A 353 20.44 49.80 -19.99
CA ASN A 353 18.99 49.85 -19.82
C ASN A 353 18.50 49.01 -18.64
N VAL A 354 19.13 47.86 -18.38
CA VAL A 354 18.74 47.06 -17.22
C VAL A 354 19.02 47.79 -15.91
N ALA A 355 20.20 48.41 -15.79
CA ALA A 355 20.50 49.17 -14.59
C ALA A 355 19.64 50.43 -14.46
N MET A 356 19.18 50.99 -15.57
CA MET A 356 18.25 52.11 -15.54
C MET A 356 16.84 51.70 -15.14
N GLY A 357 16.46 50.45 -15.38
CA GLY A 357 15.11 50.02 -15.12
C GLY A 357 14.12 50.42 -16.19
N ILE A 358 14.63 50.74 -17.37
CA ILE A 358 13.81 50.97 -18.55
C ILE A 358 13.83 49.69 -19.38
N GLY A 359 12.99 49.63 -20.41
CA GLY A 359 12.95 48.45 -21.25
C GLY A 359 14.29 48.11 -21.87
N VAL A 360 14.70 46.84 -21.71
CA VAL A 360 16.02 46.40 -22.14
C VAL A 360 16.29 46.64 -23.62
N LEU A 361 15.28 46.56 -24.47
CA LEU A 361 15.50 46.80 -25.90
C LEU A 361 15.40 48.27 -26.32
N ASP A 362 14.90 49.15 -25.47
CA ASP A 362 14.47 50.46 -25.97
C ASP A 362 15.61 51.24 -26.60
N LYS B 1 -15.43 -14.05 -38.90
CA LYS B 1 -14.62 -12.85 -39.08
C LYS B 1 -14.27 -12.27 -37.71
N GLN B 2 -13.14 -11.59 -37.60
CA GLN B 2 -12.67 -11.07 -36.33
C GLN B 2 -13.16 -9.65 -36.05
N VAL B 3 -13.19 -9.32 -34.75
CA VAL B 3 -13.47 -7.96 -34.30
C VAL B 3 -12.34 -7.04 -34.74
N SER B 4 -12.70 -5.91 -35.33
CA SER B 4 -11.74 -4.85 -35.64
C SER B 4 -11.42 -4.04 -34.38
N TRP B 5 -10.18 -4.17 -33.91
CA TRP B 5 -9.71 -3.33 -32.81
C TRP B 5 -9.56 -1.88 -33.26
N LYS B 6 -9.32 -1.67 -34.55
CA LYS B 6 -9.23 -0.34 -35.14
C LYS B 6 -10.54 0.43 -35.02
N LEU B 7 -11.67 -0.20 -35.31
CA LEU B 7 -12.96 0.47 -35.17
C LEU B 7 -13.31 0.81 -33.73
N VAL B 8 -12.92 0.00 -32.75
CA VAL B 8 -13.16 0.39 -31.36
C VAL B 8 -12.30 1.60 -30.99
N THR B 9 -11.05 1.61 -31.43
CA THR B 9 -10.17 2.74 -31.17
C THR B 9 -10.68 3.99 -31.86
N GLU B 10 -11.19 3.85 -33.08
CA GLU B 10 -11.80 4.97 -33.79
C GLU B 10 -13.01 5.53 -33.05
N TYR B 11 -13.91 4.66 -32.58
CA TYR B 11 -15.03 5.15 -31.78
C TYR B 11 -14.57 5.87 -30.51
N ALA B 12 -13.60 5.30 -29.81
CA ALA B 12 -13.09 5.94 -28.60
C ALA B 12 -12.44 7.29 -28.88
N MET B 13 -11.73 7.40 -30.00
CA MET B 13 -11.15 8.67 -30.41
C MET B 13 -12.23 9.68 -30.79
N GLU B 14 -13.25 9.26 -31.52
CA GLU B 14 -14.31 10.18 -31.90
C GLU B 14 -15.10 10.70 -30.70
N THR B 15 -15.34 9.85 -29.70
CA THR B 15 -16.10 10.28 -28.53
C THR B 15 -15.23 10.75 -27.36
N LYS B 16 -13.93 10.46 -27.41
CA LYS B 16 -12.95 10.88 -26.38
C LYS B 16 -13.23 10.28 -25.00
N CYS B 17 -13.39 8.96 -24.96
CA CYS B 17 -13.52 8.19 -23.73
C CYS B 17 -12.15 7.97 -23.06
N ASP B 18 -12.00 8.48 -21.84
CA ASP B 18 -10.92 8.05 -20.96
C ASP B 18 -11.29 6.82 -20.14
N ASP B 19 -12.56 6.43 -20.13
CA ASP B 19 -13.09 5.49 -19.16
C ASP B 19 -13.32 4.14 -19.84
N VAL B 20 -12.55 3.14 -19.44
CA VAL B 20 -12.58 1.83 -20.09
C VAL B 20 -13.94 1.14 -19.90
N LEU B 21 -14.58 1.31 -18.75
CA LEU B 21 -15.91 0.73 -18.56
C LEU B 21 -16.97 1.47 -19.37
N LEU B 22 -16.87 2.78 -19.48
CA LEU B 22 -17.83 3.51 -20.30
C LEU B 22 -17.70 3.12 -21.77
N LEU B 23 -16.49 2.98 -22.26
CA LEU B 23 -16.29 2.56 -23.64
C LEU B 23 -16.89 1.17 -23.88
N LEU B 24 -16.62 0.24 -22.97
CA LEU B 24 -17.21 -1.09 -23.05
C LEU B 24 -18.73 -1.03 -23.10
N GLY B 25 -19.33 -0.30 -22.18
CA GLY B 25 -20.78 -0.22 -22.12
C GLY B 25 -21.38 0.43 -23.35
N MET B 26 -20.79 1.54 -23.80
CA MET B 26 -21.27 2.20 -25.00
C MET B 26 -21.23 1.26 -26.20
N TYR B 27 -20.09 0.59 -26.42
CA TYR B 27 -19.95 -0.22 -27.62
C TYR B 27 -20.84 -1.45 -27.58
N LEU B 28 -21.09 -2.01 -26.40
CA LEU B 28 -22.04 -3.11 -26.28
C LEU B 28 -23.46 -2.71 -26.67
N GLU B 29 -23.83 -1.43 -26.53
CA GLU B 29 -25.15 -1.01 -26.99
C GLU B 29 -25.35 -1.15 -28.49
N PHE B 30 -24.28 -1.17 -29.26
CA PHE B 30 -24.37 -1.29 -30.71
C PHE B 30 -24.64 -2.71 -31.19
N GLN B 31 -24.75 -3.68 -30.28
CA GLN B 31 -25.11 -5.05 -30.66
C GLN B 31 -26.42 -5.11 -31.44
N TYR B 32 -27.44 -4.42 -30.95
CA TYR B 32 -28.81 -4.65 -31.36
C TYR B 32 -29.09 -4.00 -32.71
N SER B 33 -30.00 -4.62 -33.45
CA SER B 33 -30.16 -4.28 -34.87
C SER B 33 -30.45 -2.80 -35.06
N PHE B 34 -29.63 -2.17 -35.91
CA PHE B 34 -29.78 -0.74 -36.18
C PHE B 34 -31.13 -0.37 -36.75
N GLU B 35 -31.74 -1.27 -37.54
CA GLU B 35 -32.96 -0.90 -38.26
C GLU B 35 -34.11 -0.55 -37.33
N MET B 36 -34.05 -0.95 -36.08
CA MET B 36 -35.18 -0.85 -35.16
C MET B 36 -34.91 -0.08 -33.89
N CYS B 37 -33.67 0.31 -33.62
CA CYS B 37 -33.29 0.67 -32.26
C CYS B 37 -33.97 1.94 -31.78
N LEU B 38 -34.56 1.86 -30.59
CA LEU B 38 -35.35 2.94 -30.02
C LEU B 38 -34.51 4.17 -29.71
N LYS B 39 -33.25 4.00 -29.30
CA LYS B 39 -32.41 5.14 -28.94
C LYS B 39 -32.07 6.00 -30.15
N CYS B 40 -31.84 5.38 -31.30
CA CYS B 40 -31.63 6.14 -32.53
C CYS B 40 -32.90 6.82 -33.02
N ILE B 41 -34.04 6.15 -32.88
CA ILE B 41 -35.32 6.78 -33.23
C ILE B 41 -35.63 7.95 -32.31
N LYS B 42 -35.36 7.81 -31.00
CA LYS B 42 -35.47 8.95 -30.10
C LYS B 42 -34.41 10.03 -30.35
N LYS B 43 -33.28 9.69 -30.93
CA LYS B 43 -32.08 10.54 -30.95
C LYS B 43 -31.78 11.10 -29.57
N GLU B 44 -31.63 10.17 -28.64
CA GLU B 44 -31.55 10.50 -27.22
C GLU B 44 -30.17 11.04 -26.85
N GLN B 45 -29.12 10.30 -27.16
CA GLN B 45 -27.74 10.63 -26.81
C GLN B 45 -26.86 10.69 -28.05
N PRO B 46 -26.17 11.80 -28.32
CA PRO B 46 -25.47 11.94 -29.60
C PRO B 46 -24.30 11.00 -29.78
N SER B 47 -23.64 10.59 -28.71
CA SER B 47 -22.58 9.60 -28.78
C SER B 47 -23.08 8.20 -29.10
N HIS B 48 -24.39 8.00 -29.17
CA HIS B 48 -24.96 6.75 -29.68
C HIS B 48 -25.47 6.89 -31.10
N TYR B 49 -26.47 7.75 -31.33
CA TYR B 49 -27.20 7.69 -32.58
C TYR B 49 -26.34 8.06 -33.77
N LYS B 50 -25.30 8.88 -33.58
CA LYS B 50 -24.37 9.16 -34.68
C LYS B 50 -23.51 7.96 -35.07
N TYR B 51 -23.30 7.00 -34.17
CA TYR B 51 -22.27 5.98 -34.35
C TYR B 51 -22.79 4.57 -34.53
N HIS B 52 -23.98 4.25 -34.03
CA HIS B 52 -24.46 2.87 -34.02
C HIS B 52 -24.50 2.24 -35.40
N GLU B 53 -24.98 2.97 -36.41
CA GLU B 53 -25.11 2.38 -37.75
C GLU B 53 -23.76 1.97 -38.33
N LYS B 54 -22.74 2.79 -38.10
CA LYS B 54 -21.38 2.47 -38.54
C LYS B 54 -20.82 1.24 -37.83
N HIS B 55 -20.96 1.18 -36.52
CA HIS B 55 -20.29 0.19 -35.68
C HIS B 55 -21.07 -1.11 -35.44
N TYR B 56 -22.33 -1.20 -35.86
CA TYR B 56 -23.15 -2.40 -35.63
C TYR B 56 -22.46 -3.70 -36.05
N ALA B 57 -21.91 -3.75 -37.25
CA ALA B 57 -21.26 -4.98 -37.72
C ALA B 57 -20.12 -5.41 -36.81
N ASN B 58 -19.29 -4.46 -36.38
CA ASN B 58 -18.18 -4.76 -35.48
C ASN B 58 -18.67 -5.08 -34.07
N ALA B 59 -19.71 -4.40 -33.59
CA ALA B 59 -20.20 -4.62 -32.24
C ALA B 59 -20.88 -5.98 -32.08
N ALA B 60 -21.49 -6.51 -33.14
CA ALA B 60 -22.02 -7.87 -33.09
C ALA B 60 -20.92 -8.90 -32.91
N ILE B 61 -19.77 -8.70 -33.55
CA ILE B 61 -18.63 -9.60 -33.36
C ILE B 61 -17.94 -9.34 -32.02
N PHE B 62 -17.89 -8.08 -31.60
CA PHE B 62 -17.32 -7.73 -30.30
C PHE B 62 -18.07 -8.41 -29.15
N ALA B 63 -19.39 -8.52 -29.26
CA ALA B 63 -20.16 -9.19 -28.19
C ALA B 63 -19.85 -10.68 -28.06
N ASP B 64 -19.41 -11.35 -29.12
CA ASP B 64 -18.96 -12.74 -29.00
C ASP B 64 -17.54 -12.87 -28.45
N SER B 65 -16.77 -11.80 -28.38
CA SER B 65 -15.35 -11.90 -28.08
C SER B 65 -15.07 -12.23 -26.61
N LYS B 66 -13.92 -12.87 -26.39
CA LYS B 66 -13.49 -13.36 -25.08
C LYS B 66 -12.48 -12.44 -24.38
N ASN B 67 -12.19 -11.27 -24.95
CA ASN B 67 -11.12 -10.40 -24.47
C ASN B 67 -11.56 -8.93 -24.48
N GLN B 68 -12.86 -8.70 -24.26
CA GLN B 68 -13.47 -7.40 -24.52
C GLN B 68 -12.80 -6.26 -23.79
N LYS B 69 -12.37 -6.47 -22.55
CA LYS B 69 -11.72 -5.39 -21.79
C LYS B 69 -10.30 -5.11 -22.27
N THR B 70 -9.65 -6.08 -22.91
CA THR B 70 -8.35 -5.84 -23.51
C THR B 70 -8.46 -4.95 -24.75
N ILE B 71 -9.50 -5.17 -25.56
CA ILE B 71 -9.78 -4.30 -26.69
C ILE B 71 -10.06 -2.88 -26.24
N CYS B 72 -10.95 -2.71 -25.26
CA CYS B 72 -11.28 -1.38 -24.76
C CYS B 72 -10.12 -0.68 -24.07
N GLN B 73 -9.25 -1.42 -23.37
CA GLN B 73 -8.10 -0.78 -22.74
C GLN B 73 -7.14 -0.20 -23.77
N GLN B 74 -6.87 -0.92 -24.86
CA GLN B 74 -6.04 -0.34 -25.91
C GLN B 74 -6.64 0.92 -26.50
N ALA B 75 -7.96 0.92 -26.72
CA ALA B 75 -8.62 2.11 -27.23
C ALA B 75 -8.51 3.29 -26.27
N VAL B 76 -8.71 3.04 -24.98
CA VAL B 76 -8.50 4.10 -24.00
C VAL B 76 -7.05 4.57 -23.96
N ASP B 77 -6.08 3.65 -24.06
CA ASP B 77 -4.68 4.05 -24.14
C ASP B 77 -4.40 4.93 -25.35
N THR B 78 -5.10 4.71 -26.46
CA THR B 78 -4.92 5.55 -27.64
C THR B 78 -5.47 6.96 -27.44
N VAL B 79 -6.55 7.10 -26.68
CA VAL B 79 -7.09 8.41 -26.35
C VAL B 79 -6.20 9.14 -25.35
N LEU B 80 -5.69 8.42 -24.33
CA LEU B 80 -4.73 9.01 -23.40
C LEU B 80 -3.42 9.38 -24.09
N ALA B 81 -2.97 8.56 -25.04
CA ALA B 81 -1.78 8.88 -25.82
C ALA B 81 -1.95 10.16 -26.63
N LYS B 82 -3.07 10.31 -27.33
CA LYS B 82 -3.27 11.57 -28.06
C LYS B 82 -3.33 12.77 -27.14
N LYS B 83 -3.94 12.60 -25.97
CA LYS B 83 -4.01 13.69 -25.01
C LYS B 83 -2.63 14.11 -24.51
N ARG B 84 -1.73 13.14 -24.30
CA ARG B 84 -0.36 13.48 -23.90
C ARG B 84 0.44 14.10 -25.03
N VAL B 85 0.25 13.62 -26.26
CA VAL B 85 0.82 14.31 -27.43
C VAL B 85 0.32 15.74 -27.53
N ASP B 86 -1.00 15.93 -27.49
CA ASP B 86 -1.55 17.30 -27.56
C ASP B 86 -0.96 18.21 -26.49
N SER B 87 -0.84 17.73 -25.25
CA SER B 87 -0.31 18.57 -24.17
C SER B 87 1.11 19.03 -24.45
N LEU B 88 1.95 18.15 -24.95
CA LEU B 88 3.34 18.52 -25.20
C LEU B 88 3.55 19.25 -26.53
N GLN B 89 2.74 18.97 -27.55
CA GLN B 89 2.99 19.52 -28.88
C GLN B 89 2.13 20.71 -29.27
N LEU B 90 0.92 20.86 -28.76
CA LEU B 90 0.11 22.03 -29.10
C LEU B 90 0.57 23.28 -28.36
N THR B 91 0.46 24.42 -29.03
CA THR B 91 0.50 25.68 -28.32
C THR B 91 -0.74 25.82 -27.45
N ARG B 92 -0.59 26.59 -26.38
CA ARG B 92 -1.64 26.66 -25.37
C ARG B 92 -2.86 27.43 -25.87
N GLU B 93 -2.70 28.27 -26.89
CA GLU B 93 -3.82 28.90 -27.57
C GLU B 93 -4.55 27.94 -28.51
N GLN B 94 -3.84 27.00 -29.14
CA GLN B 94 -4.51 25.91 -29.84
C GLN B 94 -5.35 25.05 -28.90
N MET B 95 -4.82 24.75 -27.71
CA MET B 95 -5.61 23.99 -26.74
C MET B 95 -6.91 24.70 -26.38
N LEU B 96 -6.85 26.01 -26.17
CA LEU B 96 -8.07 26.76 -25.87
C LEU B 96 -9.00 26.80 -27.07
N THR B 97 -8.46 26.97 -28.27
CA THR B 97 -9.28 26.98 -29.48
C THR B 97 -9.96 25.63 -29.70
N ASN B 98 -9.27 24.55 -29.36
CA ASN B 98 -9.87 23.22 -29.44
C ASN B 98 -11.01 23.05 -28.44
N ARG B 99 -10.85 23.58 -27.23
CA ARG B 99 -11.93 23.57 -26.24
C ARG B 99 -13.11 24.43 -26.67
N PHE B 100 -12.85 25.60 -27.25
CA PHE B 100 -13.94 26.45 -27.74
C PHE B 100 -14.73 25.78 -28.85
N ASN B 101 -14.05 25.12 -29.78
CA ASN B 101 -14.75 24.33 -30.79
C ASN B 101 -15.61 23.21 -30.19
N ASP B 102 -15.09 22.49 -29.19
CA ASP B 102 -15.91 21.49 -28.50
C ASP B 102 -17.13 22.09 -27.80
N LEU B 103 -16.98 23.25 -27.18
CA LEU B 103 -18.15 23.93 -26.59
C LEU B 103 -19.10 24.47 -27.66
N LEU B 104 -18.56 24.99 -28.76
CA LEU B 104 -19.41 25.44 -29.86
C LEU B 104 -20.15 24.29 -30.52
N ASP B 105 -19.52 23.12 -30.63
CA ASP B 105 -20.26 21.93 -31.08
C ASP B 105 -21.40 21.57 -30.14
N ARG B 106 -21.15 21.63 -28.83
CA ARG B 106 -22.19 21.36 -27.85
C ARG B 106 -23.32 22.40 -27.91
N MET B 107 -22.97 23.67 -28.10
CA MET B 107 -23.99 24.71 -28.30
C MET B 107 -24.84 24.48 -29.55
N ASP B 108 -24.23 24.04 -30.65
CA ASP B 108 -25.00 23.78 -31.85
C ASP B 108 -26.05 22.68 -31.65
N ILE B 109 -25.78 21.68 -30.83
CA ILE B 109 -26.80 20.68 -30.49
C ILE B 109 -27.83 21.24 -29.51
N MET B 110 -27.38 21.94 -28.47
CA MET B 110 -28.27 22.48 -27.45
C MET B 110 -29.33 23.43 -28.02
N PHE B 111 -28.94 24.32 -28.91
CA PHE B 111 -29.83 25.39 -29.35
C PHE B 111 -30.43 25.15 -30.73
N GLY B 112 -30.25 23.97 -31.30
CA GLY B 112 -30.85 23.62 -32.57
C GLY B 112 -32.30 23.17 -32.45
N SER B 113 -32.71 22.30 -33.38
CA SER B 113 -34.02 21.67 -33.31
C SER B 113 -34.06 20.52 -32.32
N THR B 114 -32.96 19.80 -32.14
CA THR B 114 -32.96 18.61 -31.29
C THR B 114 -32.86 18.97 -29.81
N GLY B 115 -32.12 20.04 -29.49
CA GLY B 115 -31.77 20.32 -28.12
C GLY B 115 -32.89 20.96 -27.31
N SER B 116 -32.77 20.81 -25.99
CA SER B 116 -33.75 21.32 -25.05
C SER B 116 -33.54 22.79 -24.69
N ALA B 117 -32.37 23.35 -24.94
CA ALA B 117 -32.02 24.65 -24.37
C ALA B 117 -32.71 25.82 -25.07
N ASP B 118 -33.08 26.82 -24.29
CA ASP B 118 -33.67 28.06 -24.79
C ASP B 118 -32.64 29.19 -24.64
N ILE B 119 -32.20 29.78 -25.76
CA ILE B 119 -31.15 30.80 -25.63
C ILE B 119 -31.61 32.00 -24.81
N GLU B 120 -32.92 32.23 -24.72
CA GLU B 120 -33.40 33.33 -23.90
C GLU B 120 -33.07 33.13 -22.43
N GLU B 121 -33.16 31.90 -21.95
CA GLU B 121 -32.77 31.59 -20.57
C GLU B 121 -31.27 31.63 -20.38
N TRP B 122 -30.51 31.14 -21.35
CA TRP B 122 -29.05 31.17 -21.24
C TRP B 122 -28.49 32.60 -21.34
N MET B 123 -29.07 33.44 -22.19
CA MET B 123 -28.65 34.84 -22.21
C MET B 123 -29.08 35.60 -20.96
N ALA B 124 -30.17 35.19 -20.32
CA ALA B 124 -30.47 35.72 -18.99
C ALA B 124 -29.41 35.34 -17.97
N GLY B 125 -28.75 34.19 -18.16
CA GLY B 125 -27.58 33.87 -17.35
C GLY B 125 -26.38 34.75 -17.63
N VAL B 126 -26.19 35.12 -18.89
CA VAL B 126 -25.15 36.09 -19.23
C VAL B 126 -25.39 37.42 -18.52
N ALA B 127 -26.63 37.90 -18.53
CA ALA B 127 -26.96 39.12 -17.80
C ALA B 127 -26.69 39.00 -16.30
N TRP B 128 -27.08 37.89 -15.68
CA TRP B 128 -26.81 37.71 -14.25
C TRP B 128 -25.32 37.61 -13.94
N LEU B 129 -24.56 36.92 -14.78
CA LEU B 129 -23.11 36.87 -14.58
C LEU B 129 -22.44 38.21 -14.81
N HIS B 130 -22.90 38.98 -15.79
CA HIS B 130 -22.28 40.28 -16.03
C HIS B 130 -22.53 41.28 -14.90
N CYS B 131 -23.48 41.02 -14.01
CA CYS B 131 -23.67 41.85 -12.82
C CYS B 131 -22.84 41.42 -11.62
N LEU B 132 -22.18 40.27 -11.68
CA LEU B 132 -21.48 39.76 -10.50
C LEU B 132 -20.24 40.59 -10.17
N LEU B 133 -19.36 40.79 -11.14
CA LEU B 133 -18.17 41.61 -10.96
C LEU B 133 -18.20 42.78 -11.95
N PRO B 134 -17.67 43.94 -11.57
CA PRO B 134 -17.46 45.01 -12.54
C PRO B 134 -16.68 44.56 -13.77
N LYS B 135 -17.14 44.97 -14.95
CA LYS B 135 -16.48 44.69 -16.21
C LYS B 135 -16.16 43.20 -16.37
N MET B 136 -17.20 42.39 -16.19
CA MET B 136 -17.05 40.93 -16.17
C MET B 136 -16.45 40.36 -17.46
N ASP B 137 -16.81 40.92 -18.62
CA ASP B 137 -16.30 40.38 -19.87
C ASP B 137 -14.78 40.58 -19.97
N SER B 138 -14.30 41.73 -19.49
CA SER B 138 -12.87 41.99 -19.45
C SER B 138 -12.18 41.09 -18.42
N VAL B 139 -12.82 40.85 -17.28
CA VAL B 139 -12.32 39.88 -16.31
C VAL B 139 -12.15 38.49 -16.94
N VAL B 140 -13.15 38.02 -17.67
CA VAL B 140 -13.05 36.70 -18.30
C VAL B 140 -11.94 36.69 -19.33
N TYR B 141 -11.88 37.71 -20.19
CA TYR B 141 -10.83 37.76 -21.20
C TYR B 141 -9.44 37.83 -20.57
N ASP B 142 -9.27 38.64 -19.53
CA ASP B 142 -7.98 38.73 -18.86
C ASP B 142 -7.59 37.40 -18.20
N PHE B 143 -8.54 36.67 -17.64
CA PHE B 143 -8.27 35.32 -17.17
C PHE B 143 -7.80 34.40 -18.29
N LEU B 144 -8.51 34.38 -19.41
CA LEU B 144 -8.11 33.53 -20.53
C LEU B 144 -6.69 33.85 -21.01
N LYS B 145 -6.38 35.13 -21.21
CA LYS B 145 -5.01 35.51 -21.56
C LYS B 145 -4.00 34.97 -20.56
N CYS B 146 -4.27 35.13 -19.28
CA CYS B 146 -3.36 34.63 -18.25
C CYS B 146 -3.17 33.12 -18.34
N MET B 147 -4.26 32.37 -18.51
CA MET B 147 -4.15 30.92 -18.65
C MET B 147 -3.42 30.52 -19.94
N VAL B 148 -3.59 31.30 -21.00
CA VAL B 148 -2.88 31.03 -22.26
C VAL B 148 -1.39 31.36 -22.13
N TYR B 149 -1.05 32.52 -21.56
CA TYR B 149 0.35 32.92 -21.52
C TYR B 149 1.17 32.12 -20.51
N ASN B 150 0.58 31.68 -19.40
CA ASN B 150 1.27 30.74 -18.50
C ASN B 150 2.63 31.29 -18.03
N ILE B 151 2.62 32.55 -17.63
CA ILE B 151 3.82 33.33 -17.27
C ILE B 151 4.35 32.86 -15.91
N PRO B 152 5.65 32.53 -15.78
CA PRO B 152 6.11 31.58 -14.76
C PRO B 152 6.02 31.94 -13.27
N LYS B 153 5.40 33.04 -12.88
CA LYS B 153 4.95 33.18 -11.50
C LYS B 153 3.66 33.96 -11.41
N LYS B 154 3.01 34.20 -12.54
CA LYS B 154 1.89 35.10 -12.70
C LYS B 154 0.72 34.32 -13.28
N ARG B 155 0.55 33.10 -12.77
CA ARG B 155 -0.36 32.10 -13.33
C ARG B 155 -1.62 31.87 -12.54
N TYR B 156 -1.69 32.29 -11.28
CA TYR B 156 -2.83 32.00 -10.41
C TYR B 156 -3.58 33.25 -10.00
N TRP B 157 -4.90 33.12 -9.93
CA TRP B 157 -5.82 34.16 -9.47
C TRP B 157 -6.51 33.71 -8.18
N LEU B 158 -6.69 34.65 -7.26
CA LEU B 158 -7.29 34.38 -5.95
C LEU B 158 -8.70 34.95 -5.89
N PHE B 159 -9.69 34.10 -5.62
CA PHE B 159 -11.07 34.52 -5.39
C PHE B 159 -11.35 34.52 -3.90
N LYS B 160 -11.66 35.69 -3.35
CA LYS B 160 -11.81 35.89 -1.91
C LYS B 160 -13.13 36.59 -1.62
N GLY B 161 -13.78 36.21 -0.52
CA GLY B 161 -15.05 36.80 -0.16
C GLY B 161 -15.96 35.92 0.67
N PRO B 162 -17.05 36.52 1.19
CA PRO B 162 -17.95 35.80 2.11
C PRO B 162 -18.60 34.54 1.58
N ILE B 163 -19.37 33.90 2.47
CA ILE B 163 -20.31 32.86 2.07
C ILE B 163 -21.32 33.41 1.07
N ASP B 164 -21.61 32.62 0.04
CA ASP B 164 -22.56 32.99 -1.02
C ASP B 164 -22.23 34.34 -1.64
N SER B 165 -20.96 34.50 -2.04
CA SER B 165 -20.50 35.70 -2.71
C SER B 165 -20.32 35.50 -4.21
N GLY B 166 -20.17 34.25 -4.66
CA GLY B 166 -20.13 33.94 -6.07
C GLY B 166 -18.81 33.34 -6.55
N LYS B 167 -17.94 32.97 -5.60
CA LYS B 167 -16.60 32.49 -5.95
C LYS B 167 -16.68 31.16 -6.69
N THR B 168 -17.32 30.16 -6.08
CA THR B 168 -17.42 28.84 -6.70
C THR B 168 -18.26 28.89 -7.97
N THR B 169 -19.22 29.81 -8.03
CA THR B 169 -20.01 30.02 -9.22
C THR B 169 -19.15 30.42 -10.42
N LEU B 170 -18.33 31.46 -10.26
CA LEU B 170 -17.48 31.88 -11.37
C LEU B 170 -16.34 30.90 -11.61
N ALA B 171 -15.79 30.30 -10.56
CA ALA B 171 -14.71 29.34 -10.73
C ALA B 171 -15.16 28.11 -11.51
N ALA B 172 -16.32 27.55 -11.17
CA ALA B 172 -16.87 26.43 -11.92
C ALA B 172 -17.19 26.77 -13.36
N ALA B 173 -17.63 27.99 -13.63
CA ALA B 173 -17.86 28.42 -15.01
C ALA B 173 -16.57 28.55 -15.81
N LEU B 174 -15.51 29.10 -15.21
CA LEU B 174 -14.23 29.17 -15.89
C LEU B 174 -13.61 27.79 -16.06
N LEU B 175 -13.83 26.91 -15.09
CA LEU B 175 -13.38 25.53 -15.19
C LEU B 175 -14.01 24.78 -16.37
N GLU B 176 -15.30 24.99 -16.64
CA GLU B 176 -15.88 24.38 -17.82
C GLU B 176 -15.45 25.09 -19.11
N LEU B 177 -15.31 26.41 -19.08
CA LEU B 177 -14.90 27.14 -20.27
C LEU B 177 -13.51 26.69 -20.74
N CYS B 178 -12.53 26.71 -19.85
CA CYS B 178 -11.18 26.29 -20.21
C CYS B 178 -11.00 24.78 -20.15
N GLY B 179 -11.76 24.10 -19.29
CA GLY B 179 -11.50 22.70 -18.99
C GLY B 179 -10.43 22.52 -17.96
N GLY B 180 -10.60 21.56 -17.06
CA GLY B 180 -9.66 21.39 -15.98
C GLY B 180 -10.23 20.48 -14.91
N LYS B 181 -9.60 20.50 -13.75
CA LYS B 181 -10.04 19.73 -12.60
C LYS B 181 -10.13 20.60 -11.36
N ALA B 182 -10.99 20.21 -10.43
CA ALA B 182 -11.08 20.82 -9.11
C ALA B 182 -10.36 19.94 -8.09
N LEU B 183 -9.51 20.56 -7.28
CA LEU B 183 -8.71 19.84 -6.28
C LEU B 183 -9.05 20.31 -4.87
N ASN B 184 -9.31 19.36 -3.97
CA ASN B 184 -9.55 19.64 -2.55
C ASN B 184 -8.27 19.38 -1.76
N VAL B 185 -7.57 20.47 -1.42
CA VAL B 185 -6.33 20.40 -0.65
C VAL B 185 -6.54 20.60 0.85
N ASN B 186 -7.78 20.54 1.34
CA ASN B 186 -8.02 20.54 2.78
C ASN B 186 -7.75 19.20 3.44
N LEU B 187 -7.57 18.14 2.65
CA LEU B 187 -7.24 16.82 3.16
C LEU B 187 -5.77 16.73 3.60
N PRO B 188 -5.42 15.75 4.43
CA PRO B 188 -4.06 15.67 4.97
C PRO B 188 -3.01 15.30 3.91
N LEU B 189 -1.77 15.70 4.22
CA LEU B 189 -0.68 15.67 3.25
C LEU B 189 -0.38 14.28 2.70
N ASP B 190 -0.65 13.21 3.45
CA ASP B 190 -0.34 11.88 2.95
C ASP B 190 -1.34 11.34 1.92
N ARG B 191 -2.55 11.88 1.86
CA ARG B 191 -3.42 11.62 0.73
C ARG B 191 -3.32 12.69 -0.36
N LEU B 192 -2.81 13.87 -0.01
CA LEU B 192 -2.73 14.99 -0.95
C LEU B 192 -1.96 14.64 -2.21
N ASN B 193 -0.98 13.75 -2.08
CA ASN B 193 -0.15 13.31 -3.19
C ASN B 193 -0.95 12.80 -4.38
N PHE B 194 -1.97 11.97 -4.14
CA PHE B 194 -2.82 11.50 -5.24
C PHE B 194 -3.85 12.53 -5.70
N GLU B 195 -4.25 13.46 -4.84
CA GLU B 195 -5.13 14.54 -5.29
C GLU B 195 -4.45 15.39 -6.35
N LEU B 196 -3.17 15.72 -6.14
CA LEU B 196 -2.43 16.52 -7.12
C LEU B 196 -2.20 15.78 -8.43
N GLY B 197 -2.10 14.46 -8.41
CA GLY B 197 -1.99 13.67 -9.63
C GLY B 197 -3.17 13.74 -10.57
N VAL B 198 -4.32 14.24 -10.11
CA VAL B 198 -5.46 14.46 -10.99
C VAL B 198 -5.20 15.58 -11.99
N ALA B 199 -4.23 16.44 -11.74
CA ALA B 199 -3.81 17.51 -12.65
C ALA B 199 -2.95 17.04 -13.82
N ILE B 200 -2.61 15.76 -13.93
CA ILE B 200 -1.80 15.30 -15.06
C ILE B 200 -2.49 15.60 -16.38
N ASP B 201 -1.80 16.36 -17.24
CA ASP B 201 -2.22 16.78 -18.58
C ASP B 201 -3.49 17.64 -18.61
N GLN B 202 -3.84 18.31 -17.53
CA GLN B 202 -5.01 19.20 -17.52
C GLN B 202 -4.61 20.64 -17.87
N PHE B 203 -5.60 21.41 -18.35
CA PHE B 203 -5.36 22.82 -18.68
C PHE B 203 -5.45 23.75 -17.45
N LEU B 204 -6.50 23.62 -16.64
CA LEU B 204 -6.62 24.35 -15.37
C LEU B 204 -6.66 23.40 -14.18
N VAL B 205 -6.30 23.92 -13.02
CA VAL B 205 -6.82 23.41 -11.75
C VAL B 205 -7.50 24.55 -10.99
N VAL B 206 -8.56 24.21 -10.30
CA VAL B 206 -9.21 25.10 -9.33
C VAL B 206 -9.05 24.46 -7.95
N PHE B 207 -8.42 25.19 -7.04
CA PHE B 207 -8.33 24.78 -5.64
C PHE B 207 -9.51 25.38 -4.88
N GLU B 208 -10.52 24.56 -4.61
CA GLU B 208 -11.83 25.07 -4.24
C GLU B 208 -11.98 25.19 -2.73
N ASP B 209 -12.41 26.37 -2.30
CA ASP B 209 -12.76 26.67 -0.90
C ASP B 209 -11.72 26.16 0.10
N VAL B 210 -10.46 26.54 -0.11
CA VAL B 210 -9.39 26.14 0.79
C VAL B 210 -9.48 26.92 2.09
N LYS B 211 -9.20 26.24 3.21
CA LYS B 211 -9.36 26.77 4.55
C LYS B 211 -8.01 27.14 5.17
N GLY B 212 -7.96 28.28 5.84
CA GLY B 212 -6.79 28.74 6.55
C GLY B 212 -6.88 28.55 8.04
N THR B 213 -6.24 29.45 8.78
CA THR B 213 -6.40 29.55 10.22
C THR B 213 -6.44 31.02 10.63
N GLY B 214 -6.78 31.26 11.88
CA GLY B 214 -7.05 32.62 12.32
C GLY B 214 -8.42 33.12 11.95
N GLY B 215 -9.39 32.22 11.86
CA GLY B 215 -10.73 32.55 11.43
C GLY B 215 -11.79 32.59 12.51
N GLU B 216 -11.49 32.05 13.69
CA GLU B 216 -12.51 31.90 14.72
C GLU B 216 -13.04 33.23 15.26
N SER B 217 -12.28 34.32 15.15
CA SER B 217 -12.84 35.63 15.45
C SER B 217 -13.99 36.01 14.52
N ARG B 218 -14.13 35.31 13.39
CA ARG B 218 -15.22 35.53 12.46
C ARG B 218 -16.12 34.30 12.35
N ASP B 219 -15.97 33.33 13.26
CA ASP B 219 -16.56 32.00 13.15
C ASP B 219 -16.31 31.34 11.80
N LEU B 220 -15.08 31.46 11.32
CA LEU B 220 -14.63 30.67 10.19
C LEU B 220 -13.76 29.55 10.72
N PRO B 221 -14.13 28.27 10.58
CA PRO B 221 -13.34 27.21 11.20
C PRO B 221 -12.01 27.01 10.49
N SER B 222 -10.96 26.85 11.29
CA SER B 222 -9.61 26.59 10.81
C SER B 222 -9.48 25.24 10.12
N GLY B 223 -8.46 25.14 9.28
CA GLY B 223 -8.08 23.91 8.63
C GLY B 223 -6.70 24.06 8.03
N GLN B 224 -6.22 22.98 7.41
CA GLN B 224 -4.84 22.91 6.92
C GLN B 224 -4.64 23.40 5.50
N GLY B 225 -5.71 23.72 4.77
CA GLY B 225 -5.60 23.98 3.34
C GLY B 225 -4.52 24.98 2.94
N ILE B 226 -4.47 26.13 3.61
CA ILE B 226 -3.48 27.14 3.23
C ILE B 226 -2.06 26.73 3.61
N ASN B 227 -1.90 25.98 4.69
CA ASN B 227 -0.58 25.42 5.00
C ASN B 227 -0.15 24.40 3.96
N ASN B 228 -1.10 23.62 3.44
CA ASN B 228 -0.82 22.70 2.34
C ASN B 228 -0.43 23.41 1.05
N LEU B 229 -1.14 24.47 0.66
CA LEU B 229 -0.74 25.22 -0.53
C LEU B 229 0.67 25.80 -0.41
N ASP B 230 1.04 26.29 0.77
CA ASP B 230 2.38 26.85 0.91
C ASP B 230 3.48 25.78 0.88
N ASN B 231 3.17 24.53 1.19
CA ASN B 231 4.11 23.45 0.87
C ASN B 231 4.22 23.19 -0.62
N LEU B 232 3.16 23.48 -1.39
CA LEU B 232 3.14 23.27 -2.83
C LEU B 232 3.53 24.49 -3.66
N ARG B 233 4.17 25.49 -3.07
CA ARG B 233 4.42 26.73 -3.79
C ARG B 233 5.34 26.54 -4.99
N ASP B 234 6.16 25.49 -4.97
CA ASP B 234 6.83 24.99 -6.17
C ASP B 234 5.85 24.72 -7.32
N TYR B 235 4.73 24.05 -7.02
CA TYR B 235 3.72 23.76 -8.02
C TYR B 235 2.99 25.01 -8.52
N LEU B 236 2.79 26.00 -7.66
CA LEU B 236 2.12 27.23 -8.09
C LEU B 236 3.00 28.10 -8.99
N ASP B 237 4.30 28.20 -8.70
CA ASP B 237 5.22 28.95 -9.57
C ASP B 237 5.19 28.42 -11.00
N GLY B 238 5.57 27.16 -11.19
CA GLY B 238 5.69 26.59 -12.51
C GLY B 238 6.93 27.00 -13.27
N SER B 239 7.97 27.44 -12.58
CA SER B 239 9.28 27.60 -13.22
C SER B 239 9.97 26.27 -13.47
N VAL B 240 9.81 25.29 -12.60
CA VAL B 240 10.41 23.97 -12.77
C VAL B 240 9.33 22.89 -12.79
N LYS B 241 9.64 21.80 -13.47
CA LYS B 241 8.71 20.68 -13.63
C LYS B 241 8.59 19.87 -12.34
N VAL B 242 7.36 19.70 -11.87
CA VAL B 242 7.05 18.91 -10.68
C VAL B 242 6.60 17.51 -11.08
N ASN B 243 6.71 16.57 -10.13
CA ASN B 243 6.57 15.14 -10.35
C ASN B 243 5.23 14.62 -9.81
N LEU B 244 4.22 14.58 -10.69
CA LEU B 244 2.85 14.21 -10.32
C LEU B 244 2.64 12.70 -10.30
N GLU B 245 1.75 12.23 -9.43
CA GLU B 245 1.63 10.81 -9.09
C GLU B 245 0.19 10.33 -9.07
N LYS B 246 -0.08 9.19 -9.72
CA LYS B 246 -1.36 8.49 -9.60
C LYS B 246 -1.08 7.00 -9.42
N LYS B 247 -2.07 6.28 -8.88
CA LYS B 247 -1.83 4.95 -8.33
C LYS B 247 -1.24 3.99 -9.36
N HIS B 248 -0.27 3.21 -8.90
CA HIS B 248 0.52 2.26 -9.70
C HIS B 248 1.37 2.84 -10.81
N LEU B 249 1.07 4.02 -11.33
CA LEU B 249 1.93 4.64 -12.34
C LEU B 249 3.11 5.37 -11.72
N ASN B 250 4.28 5.26 -12.36
CA ASN B 250 5.43 6.08 -12.00
C ASN B 250 5.21 7.54 -12.32
N LYS B 251 5.97 8.38 -11.62
CA LYS B 251 5.73 9.83 -11.65
C LYS B 251 5.93 10.42 -13.04
N ARG B 252 5.05 11.35 -13.40
CA ARG B 252 5.16 12.16 -14.60
C ARG B 252 5.64 13.56 -14.25
N THR B 253 6.60 14.05 -15.01
CA THR B 253 7.22 15.34 -14.78
C THR B 253 6.63 16.38 -15.74
N GLN B 254 6.03 17.42 -15.19
CA GLN B 254 5.42 18.48 -15.99
C GLN B 254 5.33 19.76 -15.19
N ILE B 255 5.05 20.85 -15.88
CA ILE B 255 4.65 22.10 -15.22
C ILE B 255 3.21 21.96 -14.74
N PHE B 256 3.00 22.16 -13.44
CA PHE B 256 1.66 22.04 -12.89
C PHE B 256 0.77 23.16 -13.43
N PRO B 257 -0.49 22.88 -13.76
CA PRO B 257 -1.32 23.86 -14.52
C PRO B 257 -1.57 25.17 -13.79
N PRO B 258 -1.84 26.24 -14.53
CA PRO B 258 -2.47 27.46 -13.98
C PRO B 258 -3.84 27.20 -13.36
N GLY B 259 -4.39 28.20 -12.67
CA GLY B 259 -5.62 27.94 -11.94
C GLY B 259 -6.10 29.08 -11.06
N ILE B 260 -7.14 28.76 -10.30
CA ILE B 260 -7.84 29.65 -9.38
C ILE B 260 -7.78 29.04 -7.98
N VAL B 261 -7.52 29.88 -6.98
CA VAL B 261 -7.71 29.51 -5.57
C VAL B 261 -8.91 30.28 -5.03
N THR B 262 -9.88 29.56 -4.47
CA THR B 262 -11.06 30.17 -3.85
C THR B 262 -11.02 29.94 -2.35
N MET B 263 -11.26 31.00 -1.58
CA MET B 263 -11.25 30.90 -0.12
C MET B 263 -12.18 31.93 0.49
N ASN B 264 -12.62 31.65 1.72
CA ASN B 264 -13.17 32.70 2.57
C ASN B 264 -12.02 33.57 3.10
N GLU B 265 -12.39 34.64 3.80
CA GLU B 265 -11.40 35.62 4.23
C GLU B 265 -10.53 35.15 5.40
N TYR B 266 -9.79 34.07 5.17
CA TYR B 266 -8.66 33.67 5.99
C TYR B 266 -7.42 34.52 5.65
N SER B 267 -6.42 34.48 6.53
CA SER B 267 -5.15 35.14 6.23
C SER B 267 -4.28 34.28 5.34
N VAL B 268 -3.65 34.89 4.35
CA VAL B 268 -2.79 34.22 3.38
C VAL B 268 -1.34 34.62 3.62
N PRO B 269 -0.41 33.67 3.82
CA PRO B 269 1.00 34.01 4.03
C PRO B 269 1.60 34.82 2.89
N LYS B 270 2.52 35.74 3.22
CA LYS B 270 3.14 36.55 2.17
C LYS B 270 3.86 35.70 1.13
N THR B 271 4.40 34.55 1.52
CA THR B 271 5.05 33.65 0.57
C THR B 271 4.07 33.11 -0.47
N LEU B 272 2.83 32.86 -0.06
CA LEU B 272 1.81 32.38 -0.98
C LEU B 272 1.15 33.53 -1.75
N GLN B 273 0.93 34.66 -1.08
CA GLN B 273 0.42 35.84 -1.78
C GLN B 273 1.29 36.21 -2.96
N ALA B 274 2.61 36.00 -2.86
CA ALA B 274 3.52 36.28 -3.98
C ALA B 274 3.24 35.44 -5.22
N ARG B 275 2.58 34.30 -5.09
CA ARG B 275 2.20 33.46 -6.23
C ARG B 275 0.93 33.89 -6.95
N PHE B 276 0.14 34.81 -6.40
CA PHE B 276 -1.12 35.21 -6.99
C PHE B 276 -0.99 36.56 -7.69
N VAL B 277 -1.24 36.58 -9.01
CA VAL B 277 -1.06 37.80 -9.78
C VAL B 277 -2.21 38.76 -9.56
N LYS B 278 -3.40 38.25 -9.24
CA LYS B 278 -4.58 39.09 -9.10
C LYS B 278 -5.50 38.47 -8.05
N GLN B 279 -6.17 39.33 -7.30
CA GLN B 279 -7.15 38.95 -6.31
C GLN B 279 -8.47 39.62 -6.65
N ILE B 280 -9.54 38.83 -6.73
CA ILE B 280 -10.89 39.35 -6.95
C ILE B 280 -11.67 39.20 -5.66
N ASP B 281 -12.15 40.33 -5.16
CA ASP B 281 -12.95 40.39 -3.93
C ASP B 281 -14.42 40.27 -4.30
N PHE B 282 -15.00 39.11 -4.06
CA PHE B 282 -16.41 38.89 -4.31
C PHE B 282 -17.24 39.38 -3.14
N ARG B 283 -18.29 40.14 -3.43
CA ARG B 283 -19.17 40.69 -2.42
C ARG B 283 -20.60 40.23 -2.67
N PRO B 284 -21.32 39.77 -1.65
CA PRO B 284 -22.73 39.42 -1.85
C PRO B 284 -23.56 40.64 -2.20
N LYS B 285 -24.51 40.45 -3.09
CA LYS B 285 -25.42 41.52 -3.51
C LYS B 285 -26.85 41.08 -3.29
N ASP B 286 -27.63 41.97 -2.66
CA ASP B 286 -29.02 41.66 -2.30
C ASP B 286 -29.89 41.43 -3.53
N TYR B 287 -29.70 42.23 -4.58
CA TYR B 287 -30.51 42.10 -5.78
C TYR B 287 -30.19 40.84 -6.59
N LEU B 288 -28.94 40.38 -6.59
CA LEU B 288 -28.64 39.12 -7.27
C LEU B 288 -29.33 37.94 -6.61
N LYS B 289 -29.42 37.97 -5.28
CA LYS B 289 -30.16 36.96 -4.53
C LYS B 289 -31.66 37.00 -4.80
N HIS B 290 -32.27 38.19 -4.75
CA HIS B 290 -33.71 38.28 -5.03
C HIS B 290 -34.03 37.92 -6.47
N CYS B 291 -33.16 38.29 -7.40
CA CYS B 291 -33.33 37.88 -8.79
C CYS B 291 -33.29 36.37 -8.98
N LEU B 292 -32.39 35.68 -8.29
CA LEU B 292 -32.29 34.23 -8.48
C LEU B 292 -33.50 33.46 -7.98
N GLU B 293 -34.08 33.85 -6.85
CA GLU B 293 -35.23 33.10 -6.37
C GLU B 293 -36.46 33.34 -7.23
N ARG B 294 -36.57 34.50 -7.88
CA ARG B 294 -37.58 34.70 -8.91
C ARG B 294 -37.18 34.17 -10.29
N SER B 295 -35.94 33.72 -10.46
CA SER B 295 -35.43 33.22 -11.75
C SER B 295 -34.80 31.84 -11.59
N GLU B 296 -35.50 30.94 -10.90
CA GLU B 296 -34.95 29.66 -10.48
C GLU B 296 -34.46 28.75 -11.62
N PHE B 297 -34.90 28.97 -12.86
CA PHE B 297 -34.37 28.19 -13.97
C PHE B 297 -32.86 28.36 -14.13
N LEU B 298 -32.32 29.48 -13.66
CA LEU B 298 -30.87 29.69 -13.69
C LEU B 298 -30.12 28.68 -12.81
N LEU B 299 -30.67 28.37 -11.64
CA LEU B 299 -30.06 27.39 -10.76
C LEU B 299 -30.39 25.96 -11.16
N GLU B 300 -31.62 25.70 -11.56
CA GLU B 300 -32.02 24.33 -11.89
C GLU B 300 -31.26 23.81 -13.10
N LYS B 301 -31.17 24.58 -14.16
CA LYS B 301 -30.49 24.16 -15.37
C LYS B 301 -28.98 24.40 -15.30
N ARG B 302 -28.50 24.94 -14.17
CA ARG B 302 -27.08 25.24 -13.93
C ARG B 302 -26.49 26.25 -14.90
N ILE B 303 -27.30 27.21 -15.33
CA ILE B 303 -26.88 28.13 -16.39
C ILE B 303 -25.76 29.05 -15.90
N ILE B 304 -25.91 29.61 -14.70
CA ILE B 304 -24.90 30.54 -14.19
C ILE B 304 -23.58 29.86 -13.83
N GLN B 305 -23.53 28.54 -13.79
CA GLN B 305 -22.26 27.84 -13.63
C GLN B 305 -21.59 27.44 -14.94
N SER B 306 -22.24 27.62 -16.08
CA SER B 306 -21.82 26.91 -17.28
C SER B 306 -20.80 27.72 -18.07
N GLY B 307 -19.80 27.02 -18.62
CA GLY B 307 -18.87 27.64 -19.54
C GLY B 307 -19.53 28.16 -20.79
N ILE B 308 -20.64 27.57 -21.16
CA ILE B 308 -21.41 28.02 -22.32
C ILE B 308 -22.05 29.39 -22.06
N ALA B 309 -22.40 29.70 -20.81
CA ALA B 309 -22.82 31.06 -20.49
C ALA B 309 -21.68 32.07 -20.60
N LEU B 310 -20.48 31.74 -20.10
CA LEU B 310 -19.37 32.65 -20.26
C LEU B 310 -18.92 32.77 -21.71
N LEU B 311 -19.00 31.68 -22.47
CA LEU B 311 -18.70 31.74 -23.90
C LEU B 311 -19.69 32.62 -24.65
N LEU B 312 -20.98 32.50 -24.31
CA LEU B 312 -21.98 33.42 -24.85
C LEU B 312 -21.69 34.87 -24.46
N MET B 313 -21.19 35.09 -23.25
CA MET B 313 -20.76 36.43 -22.85
C MET B 313 -19.59 36.94 -23.69
N LEU B 314 -18.61 36.09 -23.95
CA LEU B 314 -17.50 36.50 -24.83
C LEU B 314 -17.97 36.77 -26.25
N ILE B 315 -18.86 35.92 -26.77
CA ILE B 315 -19.45 36.17 -28.08
C ILE B 315 -20.23 37.49 -28.10
N TRP B 316 -21.03 37.76 -27.07
CA TRP B 316 -21.79 39.00 -27.06
C TRP B 316 -20.89 40.24 -26.91
N TYR B 317 -20.01 40.24 -25.92
CA TYR B 317 -19.26 41.47 -25.60
C TYR B 317 -17.95 41.67 -26.38
N ARG B 318 -17.16 40.62 -26.64
CA ARG B 318 -15.82 40.85 -27.17
C ARG B 318 -15.79 41.03 -28.69
N PRO B 319 -14.87 41.86 -29.21
CA PRO B 319 -14.65 41.94 -30.66
C PRO B 319 -14.25 40.61 -31.28
N VAL B 320 -14.58 40.45 -32.56
CA VAL B 320 -14.24 39.23 -33.29
C VAL B 320 -12.73 39.02 -33.35
N ALA B 321 -11.98 40.11 -33.49
CA ALA B 321 -10.53 40.07 -33.64
C ALA B 321 -9.78 39.50 -32.43
N GLU B 322 -10.44 39.28 -31.30
CA GLU B 322 -9.77 38.70 -30.15
C GLU B 322 -9.73 37.18 -30.19
N PHE B 323 -10.61 36.53 -30.93
CA PHE B 323 -10.62 35.08 -31.05
C PHE B 323 -9.62 34.61 -32.09
N ALA B 324 -9.12 33.40 -31.90
CA ALA B 324 -8.16 32.82 -32.83
C ALA B 324 -8.76 32.66 -34.22
N GLN B 325 -7.89 32.78 -35.23
CA GLN B 325 -8.30 32.77 -36.63
C GLN B 325 -9.20 31.60 -37.00
N SER B 326 -8.95 30.41 -36.44
CA SER B 326 -9.79 29.25 -36.76
C SER B 326 -11.24 29.43 -36.34
N ILE B 327 -11.49 29.93 -35.13
CA ILE B 327 -12.87 30.04 -34.65
C ILE B 327 -13.59 31.30 -35.10
N GLN B 328 -12.88 32.32 -35.59
CA GLN B 328 -13.54 33.57 -35.97
C GLN B 328 -14.72 33.34 -36.92
N SER B 329 -14.61 32.36 -37.82
CA SER B 329 -15.73 32.01 -38.69
C SER B 329 -16.97 31.57 -37.91
N ARG B 330 -16.81 30.66 -36.95
CA ARG B 330 -17.94 30.23 -36.13
C ARG B 330 -18.44 31.34 -35.21
N ILE B 331 -17.53 32.16 -34.70
CA ILE B 331 -17.91 33.27 -33.82
C ILE B 331 -18.75 34.30 -34.55
N VAL B 332 -18.38 34.65 -35.79
CA VAL B 332 -19.19 35.61 -36.55
C VAL B 332 -20.60 35.08 -36.78
N GLU B 333 -20.73 33.79 -37.06
CA GLU B 333 -22.05 33.17 -37.19
C GLU B 333 -22.84 33.25 -35.89
N TRP B 334 -22.22 33.00 -34.75
CA TRP B 334 -22.93 33.10 -33.48
C TRP B 334 -23.29 34.54 -33.11
N LYS B 335 -22.46 35.51 -33.45
CA LYS B 335 -22.84 36.91 -33.26
C LYS B 335 -24.06 37.29 -34.10
N GLU B 336 -24.13 36.84 -35.34
CA GLU B 336 -25.35 37.06 -36.13
C GLU B 336 -26.57 36.44 -35.48
N ARG B 337 -26.44 35.22 -34.98
CA ARG B 337 -27.56 34.55 -34.32
C ARG B 337 -28.06 35.30 -33.08
N LEU B 338 -27.15 35.77 -32.22
CA LEU B 338 -27.59 36.49 -31.03
C LEU B 338 -28.24 37.83 -31.36
N ASP B 339 -27.71 38.55 -32.35
CA ASP B 339 -28.34 39.82 -32.75
C ASP B 339 -29.66 39.60 -33.48
N LYS B 340 -29.86 38.43 -34.07
CA LYS B 340 -31.16 38.10 -34.64
C LYS B 340 -32.20 37.83 -33.57
N GLU B 341 -31.84 37.08 -32.53
CA GLU B 341 -32.81 36.64 -31.54
C GLU B 341 -32.97 37.61 -30.37
N PHE B 342 -31.97 38.43 -30.06
CA PHE B 342 -32.12 39.53 -29.12
C PHE B 342 -31.78 40.84 -29.79
N SER B 343 -32.65 41.83 -29.61
CA SER B 343 -32.18 43.20 -29.73
C SER B 343 -31.35 43.53 -28.50
N LEU B 344 -30.60 44.63 -28.60
CA LEU B 344 -29.95 45.19 -27.42
C LEU B 344 -30.97 45.55 -26.34
N SER B 345 -32.19 45.89 -26.74
CA SER B 345 -33.19 46.33 -25.78
C SER B 345 -33.70 45.19 -24.89
N VAL B 346 -33.86 43.99 -25.45
CA VAL B 346 -34.20 42.84 -24.61
C VAL B 346 -33.09 42.56 -23.60
N TYR B 347 -31.83 42.61 -24.03
CA TYR B 347 -30.73 42.37 -23.11
C TYR B 347 -30.57 43.48 -22.08
N GLN B 348 -30.76 44.73 -22.48
CA GLN B 348 -30.72 45.83 -21.51
C GLN B 348 -31.87 45.77 -20.51
N LYS B 349 -33.05 45.33 -20.93
CA LYS B 349 -34.13 45.07 -19.97
C LYS B 349 -33.80 43.89 -19.04
N MET B 350 -33.12 42.87 -19.54
CA MET B 350 -32.67 41.78 -18.66
C MET B 350 -31.74 42.28 -17.56
N LYS B 351 -30.72 43.07 -17.90
CA LYS B 351 -29.86 43.62 -16.85
C LYS B 351 -30.60 44.59 -15.91
N PHE B 352 -31.55 45.36 -16.43
CA PHE B 352 -32.35 46.18 -15.53
C PHE B 352 -33.19 45.33 -14.58
N ASN B 353 -33.81 44.27 -15.09
CA ASN B 353 -34.52 43.33 -14.22
C ASN B 353 -33.62 42.76 -13.13
N VAL B 354 -32.38 42.40 -13.45
CA VAL B 354 -31.46 41.88 -12.43
C VAL B 354 -31.17 42.91 -11.35
N ALA B 355 -30.90 44.15 -11.74
CA ALA B 355 -30.61 45.18 -10.74
C ALA B 355 -31.80 45.48 -9.83
N MET B 356 -33.02 45.34 -10.32
CA MET B 356 -34.22 45.52 -9.50
C MET B 356 -34.55 44.31 -8.65
N GLY B 357 -33.84 43.20 -8.79
CA GLY B 357 -34.18 41.98 -8.08
C GLY B 357 -35.45 41.32 -8.57
N ILE B 358 -35.94 41.72 -9.71
CA ILE B 358 -37.11 41.13 -10.33
C ILE B 358 -36.66 39.96 -11.18
N GLY B 359 -37.59 39.08 -11.54
CA GLY B 359 -37.25 37.96 -12.41
C GLY B 359 -36.68 38.42 -13.74
N VAL B 360 -35.61 37.75 -14.17
CA VAL B 360 -34.86 38.20 -15.34
C VAL B 360 -35.73 38.26 -16.58
N LEU B 361 -36.67 37.33 -16.74
CA LEU B 361 -37.52 37.33 -17.93
C LEU B 361 -38.75 38.24 -17.83
N ASP B 362 -38.98 38.92 -16.73
CA ASP B 362 -40.28 39.56 -16.54
C ASP B 362 -40.51 40.73 -17.49
N LYS C 1 -18.66 -29.19 -27.28
CA LYS C 1 -19.03 -27.82 -27.60
C LYS C 1 -18.42 -26.87 -26.57
N GLN C 2 -18.12 -25.65 -27.00
CA GLN C 2 -17.52 -24.65 -26.12
C GLN C 2 -18.58 -23.94 -25.26
N VAL C 3 -18.10 -23.43 -24.12
CA VAL C 3 -18.95 -22.64 -23.24
C VAL C 3 -19.29 -21.30 -23.89
N SER C 4 -20.56 -20.92 -23.84
CA SER C 4 -21.00 -19.61 -24.27
C SER C 4 -20.71 -18.56 -23.19
N TRP C 5 -19.77 -17.66 -23.46
CA TRP C 5 -19.55 -16.53 -22.57
C TRP C 5 -20.72 -15.56 -22.63
N LYS C 6 -21.41 -15.54 -23.76
CA LYS C 6 -22.59 -14.71 -23.98
C LYS C 6 -23.74 -15.05 -23.05
N LEU C 7 -24.06 -16.34 -22.89
CA LEU C 7 -25.11 -16.75 -21.96
C LEU C 7 -24.78 -16.43 -20.50
N VAL C 8 -23.52 -16.49 -20.10
CA VAL C 8 -23.17 -16.06 -18.74
C VAL C 8 -23.38 -14.56 -18.59
N THR C 9 -22.97 -13.78 -19.60
CA THR C 9 -23.18 -12.34 -19.55
C THR C 9 -24.66 -12.00 -19.54
N GLU C 10 -25.46 -12.78 -20.27
CA GLU C 10 -26.90 -12.63 -20.22
C GLU C 10 -27.48 -12.94 -18.85
N TYR C 11 -27.02 -14.01 -18.19
CA TYR C 11 -27.46 -14.27 -16.83
C TYR C 11 -27.06 -13.16 -15.87
N ALA C 12 -25.82 -12.68 -15.98
CA ALA C 12 -25.38 -11.58 -15.13
C ALA C 12 -26.21 -10.32 -15.34
N MET C 13 -26.51 -10.00 -16.59
CA MET C 13 -27.33 -8.83 -16.90
C MET C 13 -28.77 -8.98 -16.39
N GLU C 14 -29.38 -10.15 -16.61
CA GLU C 14 -30.75 -10.36 -16.13
C GLU C 14 -30.83 -10.40 -14.60
N THR C 15 -29.77 -10.87 -13.93
CA THR C 15 -29.73 -10.89 -12.48
C THR C 15 -29.23 -9.57 -11.88
N LYS C 16 -28.59 -8.72 -12.68
CA LYS C 16 -27.85 -7.55 -12.21
C LYS C 16 -26.80 -7.90 -11.15
N CYS C 17 -25.97 -8.87 -11.49
CA CYS C 17 -24.96 -9.42 -10.58
C CYS C 17 -23.60 -8.80 -10.87
N ASP C 18 -23.00 -8.16 -9.87
CA ASP C 18 -21.71 -7.48 -10.03
C ASP C 18 -20.67 -7.99 -9.03
N ASP C 19 -20.89 -9.17 -8.48
CA ASP C 19 -19.91 -9.87 -7.65
C ASP C 19 -19.44 -11.12 -8.39
N VAL C 20 -18.14 -11.19 -8.65
CA VAL C 20 -17.57 -12.29 -9.44
C VAL C 20 -17.79 -13.64 -8.75
N LEU C 21 -17.65 -13.68 -7.42
CA LEU C 21 -17.81 -14.94 -6.71
C LEU C 21 -19.27 -15.34 -6.60
N LEU C 22 -20.16 -14.39 -6.40
CA LEU C 22 -21.60 -14.70 -6.40
C LEU C 22 -22.05 -15.22 -7.76
N LEU C 23 -21.63 -14.56 -8.84
CA LEU C 23 -21.96 -15.05 -10.18
C LEU C 23 -21.42 -16.45 -10.42
N LEU C 24 -20.18 -16.71 -10.01
CA LEU C 24 -19.59 -18.03 -10.16
C LEU C 24 -20.38 -19.08 -9.38
N GLY C 25 -20.72 -18.78 -8.13
CA GLY C 25 -21.51 -19.71 -7.34
C GLY C 25 -22.89 -19.96 -7.92
N MET C 26 -23.57 -18.89 -8.33
CA MET C 26 -24.88 -19.01 -8.93
C MET C 26 -24.85 -19.83 -10.21
N TYR C 27 -23.92 -19.56 -11.11
CA TYR C 27 -23.92 -20.31 -12.37
C TYR C 27 -23.51 -21.76 -12.18
N LEU C 28 -22.67 -22.04 -11.19
CA LEU C 28 -22.32 -23.43 -10.89
C LEU C 28 -23.47 -24.21 -10.27
N GLU C 29 -24.45 -23.54 -9.66
CA GLU C 29 -25.63 -24.25 -9.19
C GLU C 29 -26.34 -24.96 -10.33
N PHE C 30 -26.31 -24.37 -11.53
CA PHE C 30 -27.08 -24.83 -12.68
C PHE C 30 -26.56 -26.13 -13.30
N GLN C 31 -25.38 -26.61 -12.93
CA GLN C 31 -24.83 -27.78 -13.59
C GLN C 31 -25.65 -29.06 -13.34
N TYR C 32 -26.35 -29.15 -12.21
CA TYR C 32 -27.14 -30.33 -11.90
C TYR C 32 -28.47 -30.31 -12.67
N SER C 33 -28.89 -31.48 -13.14
CA SER C 33 -29.93 -31.54 -14.16
C SER C 33 -31.25 -30.96 -13.65
N PHE C 34 -32.00 -30.36 -14.58
CA PHE C 34 -33.18 -29.58 -14.24
C PHE C 34 -34.31 -30.43 -13.66
N GLU C 35 -34.57 -31.61 -14.23
CA GLU C 35 -35.74 -32.38 -13.81
C GLU C 35 -35.69 -32.75 -12.34
N MET C 36 -34.51 -33.00 -11.81
CA MET C 36 -34.34 -33.41 -10.42
C MET C 36 -34.22 -32.25 -9.44
N CYS C 37 -34.06 -31.01 -9.91
CA CYS C 37 -33.50 -29.96 -9.07
C CYS C 37 -34.45 -29.57 -7.94
N LEU C 38 -33.99 -29.80 -6.71
CA LEU C 38 -34.77 -29.50 -5.50
C LEU C 38 -34.98 -28.00 -5.28
N LYS C 39 -34.02 -27.15 -5.69
CA LYS C 39 -34.24 -25.70 -5.59
C LYS C 39 -35.32 -25.21 -6.54
N CYS C 40 -35.43 -25.81 -7.71
CA CYS C 40 -36.53 -25.47 -8.61
C CYS C 40 -37.89 -25.95 -8.08
N ILE C 41 -37.93 -27.16 -7.53
CA ILE C 41 -39.20 -27.68 -6.98
C ILE C 41 -39.66 -26.88 -5.77
N LYS C 42 -38.75 -26.55 -4.84
CA LYS C 42 -39.13 -25.73 -3.70
C LYS C 42 -39.30 -24.24 -4.02
N LYS C 43 -38.96 -23.80 -5.23
CA LYS C 43 -39.04 -22.39 -5.63
C LYS C 43 -38.35 -21.48 -4.61
N GLU C 44 -37.14 -21.85 -4.22
CA GLU C 44 -36.51 -21.24 -3.07
C GLU C 44 -36.11 -19.78 -3.34
N GLN C 45 -35.31 -19.56 -4.39
CA GLN C 45 -34.80 -18.24 -4.73
C GLN C 45 -35.07 -17.93 -6.20
N PRO C 46 -35.62 -16.75 -6.52
CA PRO C 46 -36.06 -16.51 -7.91
C PRO C 46 -34.91 -16.47 -8.89
N SER C 47 -33.73 -16.01 -8.45
CA SER C 47 -32.54 -15.99 -9.28
C SER C 47 -32.08 -17.39 -9.69
N HIS C 48 -32.63 -18.44 -9.12
CA HIS C 48 -32.38 -19.81 -9.58
C HIS C 48 -33.50 -20.37 -10.42
N TYR C 49 -34.72 -20.44 -9.88
CA TYR C 49 -35.75 -21.22 -10.54
C TYR C 49 -36.20 -20.59 -11.87
N LYS C 50 -36.08 -19.28 -12.01
CA LYS C 50 -36.39 -18.67 -13.32
C LYS C 50 -35.42 -19.11 -14.39
N TYR C 51 -34.14 -19.29 -14.05
CA TYR C 51 -33.06 -19.28 -15.02
C TYR C 51 -32.41 -20.64 -15.25
N HIS C 52 -32.57 -21.58 -14.32
CA HIS C 52 -31.83 -22.85 -14.38
C HIS C 52 -32.07 -23.62 -15.67
N GLU C 53 -33.33 -23.78 -16.08
CA GLU C 53 -33.64 -24.65 -17.21
C GLU C 53 -32.96 -24.14 -18.48
N LYS C 54 -32.93 -22.83 -18.64
CA LYS C 54 -32.30 -22.17 -19.78
C LYS C 54 -30.78 -22.34 -19.79
N HIS C 55 -30.15 -22.27 -18.62
CA HIS C 55 -28.70 -22.26 -18.52
C HIS C 55 -28.05 -23.62 -18.20
N TYR C 56 -28.84 -24.67 -17.94
CA TYR C 56 -28.28 -25.98 -17.64
C TYR C 56 -27.32 -26.49 -18.73
N ALA C 57 -27.69 -26.36 -19.99
CA ALA C 57 -26.82 -26.84 -21.06
C ALA C 57 -25.45 -26.18 -21.01
N ASN C 58 -25.44 -24.87 -20.83
CA ASN C 58 -24.21 -24.11 -20.76
C ASN C 58 -23.47 -24.31 -19.44
N ALA C 59 -24.20 -24.49 -18.35
CA ALA C 59 -23.58 -24.68 -17.04
C ALA C 59 -22.87 -26.03 -16.89
N ALA C 60 -23.33 -27.06 -17.57
CA ALA C 60 -22.58 -28.32 -17.60
C ALA C 60 -21.22 -28.15 -18.27
N ILE C 61 -21.18 -27.41 -19.38
CA ILE C 61 -19.94 -27.15 -20.09
C ILE C 61 -19.09 -26.14 -19.32
N PHE C 62 -19.72 -25.19 -18.62
CA PHE C 62 -18.99 -24.28 -17.75
C PHE C 62 -18.35 -25.02 -16.58
N ALA C 63 -19.05 -25.98 -15.98
CA ALA C 63 -18.51 -26.72 -14.85
C ALA C 63 -17.23 -27.50 -15.20
N ASP C 64 -17.04 -27.88 -16.45
CA ASP C 64 -15.79 -28.49 -16.89
C ASP C 64 -14.68 -27.50 -17.21
N SER C 65 -15.00 -26.23 -17.43
CA SER C 65 -14.07 -25.27 -18.01
C SER C 65 -12.95 -24.85 -17.04
N LYS C 66 -11.82 -24.47 -17.63
CA LYS C 66 -10.59 -24.17 -16.91
C LYS C 66 -10.38 -22.69 -16.63
N ASN C 67 -11.22 -21.81 -17.14
CA ASN C 67 -11.08 -20.36 -17.01
C ASN C 67 -12.35 -19.73 -16.47
N GLN C 68 -12.95 -20.39 -15.47
CA GLN C 68 -14.26 -19.97 -14.94
C GLN C 68 -14.26 -18.55 -14.37
N LYS C 69 -13.22 -18.13 -13.66
CA LYS C 69 -13.23 -16.76 -13.15
C LYS C 69 -13.08 -15.74 -14.28
N THR C 70 -12.31 -16.05 -15.32
CA THR C 70 -12.20 -15.14 -16.44
C THR C 70 -13.55 -14.93 -17.12
N ILE C 71 -14.34 -15.99 -17.27
CA ILE C 71 -15.67 -15.89 -17.84
C ILE C 71 -16.57 -15.00 -16.97
N CYS C 72 -16.53 -15.20 -15.65
CA CYS C 72 -17.37 -14.41 -14.76
C CYS C 72 -16.92 -12.96 -14.65
N GLN C 73 -15.61 -12.73 -14.74
CA GLN C 73 -15.10 -11.37 -14.65
C GLN C 73 -15.63 -10.52 -15.81
N GLN C 74 -15.59 -11.05 -17.02
CA GLN C 74 -16.16 -10.33 -18.16
C GLN C 74 -17.66 -10.06 -17.99
N ALA C 75 -18.40 -11.04 -17.49
CA ALA C 75 -19.83 -10.83 -17.22
C ALA C 75 -20.06 -9.76 -16.16
N VAL C 76 -19.30 -9.80 -15.07
CA VAL C 76 -19.36 -8.73 -14.06
C VAL C 76 -18.96 -7.38 -14.66
N ASP C 77 -17.90 -7.37 -15.48
CA ASP C 77 -17.52 -6.14 -16.17
C ASP C 77 -18.60 -5.61 -17.09
N THR C 78 -19.38 -6.50 -17.70
CA THR C 78 -20.51 -6.04 -18.53
C THR C 78 -21.62 -5.41 -17.70
N VAL C 79 -21.91 -5.94 -16.52
CA VAL C 79 -22.91 -5.32 -15.65
C VAL C 79 -22.44 -3.98 -15.12
N LEU C 80 -21.19 -3.90 -14.66
CA LEU C 80 -20.62 -2.64 -14.22
C LEU C 80 -20.53 -1.61 -15.34
N ALA C 81 -20.25 -2.06 -16.56
CA ALA C 81 -20.26 -1.15 -17.70
C ALA C 81 -21.63 -0.52 -17.95
N LYS C 82 -22.68 -1.33 -17.93
CA LYS C 82 -24.03 -0.77 -18.05
C LYS C 82 -24.36 0.20 -16.92
N LYS C 83 -24.01 -0.14 -15.68
CA LYS C 83 -24.23 0.79 -14.58
C LYS C 83 -23.53 2.13 -14.81
N ARG C 84 -22.27 2.11 -15.26
CA ARG C 84 -21.58 3.38 -15.52
C ARG C 84 -22.15 4.11 -16.74
N VAL C 85 -22.54 3.40 -17.80
CA VAL C 85 -23.25 4.07 -18.88
C VAL C 85 -24.51 4.77 -18.37
N ASP C 86 -25.37 4.03 -17.69
CA ASP C 86 -26.64 4.60 -17.23
C ASP C 86 -26.42 5.76 -16.26
N SER C 87 -25.39 5.66 -15.42
CA SER C 87 -25.03 6.74 -14.52
C SER C 87 -24.74 8.06 -15.25
N LEU C 88 -24.05 8.01 -16.39
CA LEU C 88 -23.78 9.25 -17.12
C LEU C 88 -24.90 9.67 -18.05
N GLN C 89 -25.68 8.74 -18.58
CA GLN C 89 -26.60 9.05 -19.67
C GLN C 89 -28.06 9.25 -19.27
N LEU C 90 -28.51 8.71 -18.14
CA LEU C 90 -29.89 8.92 -17.70
C LEU C 90 -30.10 10.27 -17.04
N THR C 91 -31.31 10.81 -17.19
CA THR C 91 -31.76 11.87 -16.30
C THR C 91 -32.08 11.30 -14.92
N ARG C 92 -31.98 12.14 -13.90
CA ARG C 92 -32.22 11.68 -12.55
C ARG C 92 -33.65 11.21 -12.33
N GLU C 93 -34.60 11.77 -13.08
CA GLU C 93 -35.97 11.27 -13.02
C GLU C 93 -36.07 9.83 -13.51
N GLN C 94 -35.35 9.48 -14.58
CA GLN C 94 -35.31 8.11 -15.03
C GLN C 94 -34.62 7.19 -14.03
N MET C 95 -33.54 7.65 -13.39
CA MET C 95 -32.90 6.85 -12.35
C MET C 95 -33.86 6.53 -11.21
N LEU C 96 -34.64 7.51 -10.78
CA LEU C 96 -35.62 7.28 -9.72
C LEU C 96 -36.76 6.41 -10.19
N THR C 97 -37.18 6.57 -11.45
CA THR C 97 -38.26 5.74 -11.99
C THR C 97 -37.82 4.28 -12.15
N ASN C 98 -36.56 4.07 -12.50
CA ASN C 98 -36.02 2.71 -12.55
C ASN C 98 -35.92 2.09 -11.16
N ARG C 99 -35.57 2.88 -10.14
CA ARG C 99 -35.60 2.38 -8.76
C ARG C 99 -37.02 2.05 -8.30
N PHE C 100 -38.00 2.91 -8.60
CA PHE C 100 -39.38 2.59 -8.22
C PHE C 100 -39.89 1.36 -8.93
N ASN C 101 -39.48 1.11 -10.16
CA ASN C 101 -39.85 -0.14 -10.82
C ASN C 101 -39.25 -1.36 -10.12
N ASP C 102 -37.96 -1.30 -9.75
CA ASP C 102 -37.35 -2.40 -9.02
C ASP C 102 -38.00 -2.64 -7.66
N LEU C 103 -38.43 -1.57 -6.99
CA LEU C 103 -39.17 -1.71 -5.75
C LEU C 103 -40.55 -2.32 -5.97
N LEU C 104 -41.27 -1.86 -6.99
CA LEU C 104 -42.57 -2.44 -7.27
C LEU C 104 -42.48 -3.89 -7.70
N ASP C 105 -41.43 -4.27 -8.44
CA ASP C 105 -41.16 -5.68 -8.67
C ASP C 105 -40.95 -6.46 -7.38
N ARG C 106 -40.25 -5.88 -6.39
CA ARG C 106 -40.18 -6.51 -5.07
C ARG C 106 -41.55 -6.57 -4.40
N MET C 107 -42.34 -5.50 -4.49
CA MET C 107 -43.66 -5.48 -3.88
C MET C 107 -44.59 -6.54 -4.48
N ASP C 108 -44.45 -6.83 -5.77
CA ASP C 108 -45.22 -7.93 -6.37
C ASP C 108 -44.95 -9.25 -5.68
N ILE C 109 -43.69 -9.54 -5.39
CA ILE C 109 -43.32 -10.78 -4.71
C ILE C 109 -43.75 -10.77 -3.25
N MET C 110 -43.56 -9.64 -2.57
CA MET C 110 -43.85 -9.57 -1.14
C MET C 110 -45.33 -9.79 -0.84
N PHE C 111 -46.21 -9.18 -1.62
CA PHE C 111 -47.64 -9.19 -1.35
C PHE C 111 -48.44 -10.09 -2.30
N GLY C 112 -47.77 -10.90 -3.10
CA GLY C 112 -48.44 -11.85 -3.97
C GLY C 112 -48.87 -13.12 -3.26
N SER C 113 -49.32 -14.08 -4.06
CA SER C 113 -49.76 -15.37 -3.52
C SER C 113 -48.60 -16.18 -2.95
N THR C 114 -47.44 -16.16 -3.62
CA THR C 114 -46.25 -16.78 -3.06
C THR C 114 -45.65 -15.96 -1.92
N GLY C 115 -46.11 -14.72 -1.75
CA GLY C 115 -45.48 -13.77 -0.85
C GLY C 115 -45.59 -14.15 0.61
N SER C 116 -44.84 -13.39 1.41
CA SER C 116 -44.57 -13.72 2.80
C SER C 116 -45.07 -12.66 3.77
N ALA C 117 -45.67 -11.58 3.29
CA ALA C 117 -45.92 -10.39 4.09
C ALA C 117 -47.38 -9.96 4.00
N ASP C 118 -47.84 -9.25 5.03
CA ASP C 118 -49.22 -8.80 5.15
C ASP C 118 -49.30 -7.30 4.91
N ILE C 119 -50.13 -6.88 3.96
CA ILE C 119 -50.24 -5.45 3.65
C ILE C 119 -50.74 -4.65 4.84
N GLU C 120 -51.51 -5.27 5.72
CA GLU C 120 -52.02 -4.54 6.89
C GLU C 120 -50.90 -4.17 7.86
N GLU C 121 -49.91 -5.04 8.03
CA GLU C 121 -48.75 -4.67 8.84
C GLU C 121 -47.97 -3.53 8.19
N TRP C 122 -47.72 -3.63 6.89
CA TRP C 122 -47.00 -2.59 6.18
C TRP C 122 -47.77 -1.27 6.13
N MET C 123 -49.09 -1.31 5.95
CA MET C 123 -49.90 -0.09 6.02
C MET C 123 -49.98 0.50 7.42
N ALA C 124 -49.93 -0.33 8.46
CA ALA C 124 -49.76 0.23 9.80
C ALA C 124 -48.44 0.96 9.92
N GLY C 125 -47.41 0.51 9.20
CA GLY C 125 -46.20 1.29 9.05
C GLY C 125 -46.42 2.66 8.44
N VAL C 126 -47.17 2.72 7.35
CA VAL C 126 -47.53 4.01 6.75
C VAL C 126 -48.20 4.93 7.75
N ALA C 127 -49.11 4.40 8.55
CA ALA C 127 -49.74 5.21 9.60
C ALA C 127 -48.75 5.68 10.65
N TRP C 128 -47.87 4.80 11.13
CA TRP C 128 -46.86 5.22 12.10
C TRP C 128 -45.90 6.24 11.51
N LEU C 129 -45.46 6.03 10.27
CA LEU C 129 -44.57 6.98 9.61
C LEU C 129 -45.22 8.33 9.36
N HIS C 130 -46.51 8.35 8.98
CA HIS C 130 -47.14 9.64 8.73
C HIS C 130 -47.25 10.49 9.99
N CYS C 131 -47.32 9.87 11.16
CA CYS C 131 -47.40 10.61 12.41
C CYS C 131 -46.05 11.11 12.92
N LEU C 132 -44.94 10.62 12.38
CA LEU C 132 -43.63 11.03 12.90
C LEU C 132 -43.40 12.53 12.70
N LEU C 133 -43.70 13.03 11.51
CA LEU C 133 -43.35 14.39 11.16
C LEU C 133 -44.57 15.02 10.48
N PRO C 134 -44.89 16.28 10.80
CA PRO C 134 -46.10 16.88 10.20
C PRO C 134 -46.02 16.97 8.68
N LYS C 135 -47.13 16.59 8.03
CA LYS C 135 -47.24 16.57 6.57
C LYS C 135 -46.17 15.70 5.91
N MET C 136 -45.95 14.52 6.48
CA MET C 136 -44.92 13.60 6.02
C MET C 136 -44.99 13.27 4.52
N ASP C 137 -46.19 13.19 3.95
CA ASP C 137 -46.28 12.91 2.52
C ASP C 137 -45.75 14.06 1.66
N SER C 138 -46.01 15.29 2.07
CA SER C 138 -45.37 16.42 1.40
C SER C 138 -43.87 16.47 1.65
N VAL C 139 -43.43 16.14 2.87
CA VAL C 139 -42.00 16.12 3.17
C VAL C 139 -41.27 15.10 2.30
N VAL C 140 -41.85 13.93 2.11
CA VAL C 140 -41.21 12.92 1.25
C VAL C 140 -41.26 13.31 -0.21
N TYR C 141 -42.38 13.82 -0.69
CA TYR C 141 -42.44 14.30 -2.08
C TYR C 141 -41.49 15.47 -2.32
N ASP C 142 -41.42 16.42 -1.38
CA ASP C 142 -40.46 17.50 -1.50
C ASP C 142 -39.03 16.99 -1.49
N PHE C 143 -38.74 15.96 -0.67
CA PHE C 143 -37.43 15.33 -0.70
C PHE C 143 -37.11 14.66 -2.03
N LEU C 144 -38.03 13.84 -2.54
CA LEU C 144 -37.80 13.23 -3.85
C LEU C 144 -37.49 14.28 -4.90
N LYS C 145 -38.30 15.33 -4.95
CA LYS C 145 -38.14 16.39 -5.93
C LYS C 145 -36.82 17.14 -5.73
N CYS C 146 -36.40 17.35 -4.49
CA CYS C 146 -35.10 17.92 -4.21
C CYS C 146 -33.95 17.04 -4.70
N MET C 147 -34.02 15.73 -4.47
CA MET C 147 -32.96 14.84 -4.96
C MET C 147 -32.98 14.71 -6.48
N VAL C 148 -34.14 14.81 -7.11
CA VAL C 148 -34.22 14.73 -8.56
C VAL C 148 -33.70 16.01 -9.23
N TYR C 149 -34.06 17.18 -8.71
CA TYR C 149 -33.58 18.42 -9.34
C TYR C 149 -32.11 18.70 -9.08
N ASN C 150 -31.58 18.29 -7.93
CA ASN C 150 -30.13 18.35 -7.66
C ASN C 150 -29.55 19.75 -7.85
N ILE C 151 -30.23 20.75 -7.30
CA ILE C 151 -29.86 22.16 -7.47
C ILE C 151 -28.59 22.46 -6.66
N PRO C 152 -27.53 23.00 -7.27
CA PRO C 152 -26.25 23.14 -6.55
C PRO C 152 -26.33 24.04 -5.32
N LYS C 153 -25.75 23.54 -4.22
CA LYS C 153 -25.81 24.14 -2.89
C LYS C 153 -27.21 24.17 -2.27
N LYS C 154 -28.22 23.77 -3.02
CA LYS C 154 -29.60 23.71 -2.53
C LYS C 154 -30.11 22.27 -2.60
N ARG C 155 -29.35 21.33 -2.02
CA ARG C 155 -29.61 19.91 -2.24
C ARG C 155 -29.31 18.98 -1.07
N TYR C 156 -28.86 19.46 0.08
CA TYR C 156 -28.79 18.65 1.29
C TYR C 156 -29.79 19.11 2.33
N TRP C 157 -30.35 18.14 3.06
CA TRP C 157 -31.30 18.37 4.14
C TRP C 157 -30.69 17.97 5.47
N LEU C 158 -31.02 18.70 6.52
CA LEU C 158 -30.49 18.46 7.86
C LEU C 158 -31.59 17.87 8.75
N PHE C 159 -31.37 16.65 9.23
CA PHE C 159 -32.21 16.01 10.23
C PHE C 159 -31.58 16.26 11.60
N LYS C 160 -32.14 17.19 12.37
CA LYS C 160 -31.56 17.62 13.64
C LYS C 160 -32.53 17.32 14.77
N GLY C 161 -32.05 16.61 15.79
CA GLY C 161 -32.91 16.28 16.91
C GLY C 161 -32.24 15.43 17.98
N PRO C 162 -32.83 15.38 19.17
CA PRO C 162 -32.21 14.65 20.28
C PRO C 162 -32.23 13.14 20.09
N ILE C 163 -31.76 12.41 21.11
CA ILE C 163 -31.77 10.96 21.13
C ILE C 163 -33.16 10.39 20.87
N ASP C 164 -33.23 9.24 20.20
CA ASP C 164 -34.47 8.55 19.86
C ASP C 164 -35.58 9.47 19.36
N SER C 165 -35.40 10.06 18.18
CA SER C 165 -36.39 10.96 17.59
C SER C 165 -36.69 10.65 16.13
N GLY C 166 -36.32 9.48 15.63
CA GLY C 166 -36.77 9.04 14.32
C GLY C 166 -35.89 9.44 13.15
N LYS C 167 -34.73 10.04 13.40
CA LYS C 167 -33.87 10.50 12.33
C LYS C 167 -33.38 9.33 11.47
N THR C 168 -32.67 8.38 12.06
CA THR C 168 -32.16 7.23 11.31
C THR C 168 -33.29 6.34 10.77
N THR C 169 -34.46 6.33 11.43
CA THR C 169 -35.60 5.59 10.88
C THR C 169 -36.02 6.15 9.53
N LEU C 170 -36.26 7.45 9.45
CA LEU C 170 -36.71 8.06 8.20
C LEU C 170 -35.60 8.08 7.15
N ALA C 171 -34.37 8.32 7.59
CA ALA C 171 -33.24 8.33 6.66
C ALA C 171 -33.01 6.96 6.01
N ALA C 172 -33.12 5.89 6.79
CA ALA C 172 -33.02 4.55 6.19
C ALA C 172 -34.14 4.26 5.20
N ALA C 173 -35.36 4.72 5.49
CA ALA C 173 -36.47 4.53 4.55
C ALA C 173 -36.28 5.33 3.27
N LEU C 174 -35.83 6.57 3.38
CA LEU C 174 -35.52 7.38 2.20
C LEU C 174 -34.35 6.80 1.41
N LEU C 175 -33.34 6.30 2.12
CA LEU C 175 -32.19 5.70 1.45
C LEU C 175 -32.54 4.44 0.66
N GLU C 176 -33.44 3.60 1.18
CA GLU C 176 -33.92 2.47 0.39
C GLU C 176 -34.82 2.92 -0.76
N LEU C 177 -35.69 3.90 -0.52
CA LEU C 177 -36.59 4.37 -1.56
C LEU C 177 -35.82 4.93 -2.77
N CYS C 178 -34.84 5.78 -2.52
CA CYS C 178 -34.07 6.38 -3.61
C CYS C 178 -32.85 5.57 -4.01
N GLY C 179 -32.31 4.78 -3.10
CA GLY C 179 -31.03 4.13 -3.30
C GLY C 179 -29.85 5.02 -2.95
N GLY C 180 -28.88 4.46 -2.27
CA GLY C 180 -27.74 5.21 -1.79
C GLY C 180 -27.08 4.48 -0.64
N LYS C 181 -26.06 5.11 -0.08
CA LYS C 181 -25.35 4.55 1.06
C LYS C 181 -25.17 5.57 2.17
N ALA C 182 -25.10 5.07 3.39
CA ALA C 182 -24.78 5.88 4.55
C ALA C 182 -23.27 6.05 4.70
N LEU C 183 -22.87 7.22 5.20
CA LEU C 183 -21.47 7.55 5.40
C LEU C 183 -21.22 7.95 6.86
N ASN C 184 -20.09 7.49 7.40
CA ASN C 184 -19.65 7.83 8.76
C ASN C 184 -18.47 8.81 8.69
N VAL C 185 -18.78 10.09 8.63
CA VAL C 185 -17.77 11.14 8.57
C VAL C 185 -17.03 11.37 9.89
N ASN C 186 -17.44 10.69 10.96
CA ASN C 186 -16.77 10.85 12.25
C ASN C 186 -15.38 10.25 12.30
N LEU C 187 -14.98 9.45 11.31
CA LEU C 187 -13.70 8.77 11.35
C LEU C 187 -12.53 9.74 11.42
N PRO C 188 -11.36 9.27 11.88
CA PRO C 188 -10.17 10.11 11.81
C PRO C 188 -9.90 10.51 10.37
N LEU C 189 -9.37 11.71 10.22
CA LEU C 189 -9.40 12.36 8.91
C LEU C 189 -8.63 11.60 7.83
N ASP C 190 -7.68 10.73 8.18
CA ASP C 190 -7.03 9.90 7.16
C ASP C 190 -7.98 8.88 6.55
N ARG C 191 -8.92 8.33 7.33
CA ARG C 191 -9.85 7.32 6.82
C ARG C 191 -10.88 7.93 5.88
N LEU C 192 -11.09 9.23 5.98
CA LEU C 192 -12.22 9.89 5.34
C LEU C 192 -12.27 9.65 3.83
N ASN C 193 -11.11 9.55 3.19
CA ASN C 193 -11.05 9.30 1.75
C ASN C 193 -11.81 8.06 1.32
N PHE C 194 -11.58 6.93 1.97
CA PHE C 194 -12.25 5.69 1.59
C PHE C 194 -13.70 5.62 2.05
N GLU C 195 -14.09 6.38 3.07
CA GLU C 195 -15.51 6.58 3.34
C GLU C 195 -16.19 7.26 2.16
N LEU C 196 -15.66 8.41 1.76
CA LEU C 196 -16.27 9.21 0.70
C LEU C 196 -16.28 8.48 -0.64
N GLY C 197 -15.34 7.55 -0.84
CA GLY C 197 -15.36 6.69 -2.01
C GLY C 197 -16.56 5.78 -2.13
N VAL C 198 -17.30 5.56 -1.03
CA VAL C 198 -18.53 4.77 -1.11
C VAL C 198 -19.62 5.48 -1.91
N ALA C 199 -19.54 6.80 -2.02
CA ALA C 199 -20.51 7.59 -2.76
C ALA C 199 -20.42 7.46 -4.28
N ILE C 200 -19.46 6.70 -4.81
CA ILE C 200 -19.28 6.60 -6.26
C ILE C 200 -20.50 5.99 -6.93
N ASP C 201 -21.01 6.66 -7.95
CA ASP C 201 -22.19 6.31 -8.74
C ASP C 201 -23.49 6.18 -7.94
N GLN C 202 -23.53 6.58 -6.68
CA GLN C 202 -24.76 6.47 -5.87
C GLN C 202 -25.73 7.62 -6.18
N PHE C 203 -27.03 7.35 -5.99
CA PHE C 203 -28.06 8.37 -6.19
C PHE C 203 -28.17 9.31 -4.98
N LEU C 204 -28.12 8.78 -3.77
CA LEU C 204 -28.06 9.58 -2.54
C LEU C 204 -26.85 9.20 -1.71
N VAL C 205 -26.52 10.04 -0.74
CA VAL C 205 -25.84 9.58 0.46
C VAL C 205 -26.49 10.20 1.70
N VAL C 206 -26.28 9.55 2.83
CA VAL C 206 -26.71 10.04 4.13
C VAL C 206 -25.51 10.06 5.04
N PHE C 207 -25.35 11.14 5.79
CA PHE C 207 -24.33 11.23 6.83
C PHE C 207 -24.97 10.92 8.18
N GLU C 208 -24.69 9.73 8.68
CA GLU C 208 -25.31 9.21 9.91
C GLU C 208 -24.67 9.78 11.17
N ASP C 209 -25.47 10.49 11.95
CA ASP C 209 -25.08 11.10 13.22
C ASP C 209 -23.69 11.70 13.22
N VAL C 210 -23.52 12.83 12.55
CA VAL C 210 -22.25 13.54 12.60
C VAL C 210 -22.11 14.23 13.96
N LYS C 211 -21.05 13.89 14.68
CA LYS C 211 -20.79 14.49 15.99
C LYS C 211 -19.99 15.77 15.86
N GLY C 212 -20.30 16.75 16.71
CA GLY C 212 -19.61 18.02 16.75
C GLY C 212 -18.71 18.18 17.98
N THR C 213 -18.09 19.35 18.07
CA THR C 213 -17.24 19.68 19.19
C THR C 213 -17.96 20.38 20.35
N GLY C 214 -19.12 20.99 20.11
CA GLY C 214 -19.84 21.68 21.16
C GLY C 214 -20.67 20.76 22.02
N GLY C 215 -21.46 21.37 22.91
CA GLY C 215 -22.55 20.67 23.55
C GLY C 215 -22.19 19.69 24.64
N GLU C 216 -20.94 19.68 25.11
CA GLU C 216 -20.62 18.92 26.32
C GLU C 216 -21.49 19.30 27.50
N SER C 217 -21.91 20.56 27.57
CA SER C 217 -22.83 21.03 28.62
C SER C 217 -24.25 20.52 28.47
N ARG C 218 -24.63 19.97 27.33
CA ARG C 218 -25.91 19.30 27.15
C ARG C 218 -25.77 17.80 26.97
N ASP C 219 -24.66 17.25 27.46
CA ASP C 219 -24.36 15.80 27.47
C ASP C 219 -24.34 15.17 26.08
N LEU C 220 -23.75 15.87 25.11
CA LEU C 220 -23.49 15.29 23.80
C LEU C 220 -22.00 15.02 23.63
N PRO C 221 -21.58 13.79 23.33
CA PRO C 221 -20.13 13.51 23.19
C PRO C 221 -19.49 14.29 22.06
N SER C 222 -18.35 14.89 22.35
CA SER C 222 -17.54 15.55 21.32
C SER C 222 -17.05 14.56 20.27
N GLY C 223 -16.89 15.06 19.03
CA GLY C 223 -16.32 14.26 17.96
C GLY C 223 -16.01 15.13 16.76
N GLN C 224 -15.33 14.53 15.77
CA GLN C 224 -14.77 15.27 14.65
C GLN C 224 -15.72 15.48 13.48
N GLY C 225 -16.92 14.91 13.50
CA GLY C 225 -17.78 14.91 12.34
C GLY C 225 -18.04 16.23 11.64
N ILE C 226 -18.51 17.24 12.37
CA ILE C 226 -18.80 18.54 11.78
C ILE C 226 -17.52 19.20 11.25
N ASN C 227 -16.40 19.04 11.96
CA ASN C 227 -15.14 19.59 11.46
C ASN C 227 -14.68 18.90 10.18
N ASN C 228 -14.85 17.58 10.10
CA ASN C 228 -14.56 16.88 8.84
C ASN C 228 -15.52 17.30 7.74
N LEU C 229 -16.81 17.41 8.05
CA LEU C 229 -17.79 17.79 7.04
C LEU C 229 -17.54 19.19 6.48
N ASP C 230 -17.05 20.12 7.31
CA ASP C 230 -16.68 21.43 6.80
C ASP C 230 -15.42 21.44 5.93
N ASN C 231 -14.57 20.41 6.01
CA ASN C 231 -13.55 20.27 4.98
C ASN C 231 -14.13 19.91 3.61
N LEU C 232 -15.32 19.30 3.59
CA LEU C 232 -15.94 18.77 2.38
C LEU C 232 -16.96 19.73 1.76
N ARG C 233 -16.81 21.04 1.98
CA ARG C 233 -17.74 22.03 1.44
C ARG C 233 -18.07 21.79 -0.04
N ASP C 234 -17.06 21.61 -0.87
CA ASP C 234 -17.27 21.41 -2.31
C ASP C 234 -17.92 20.06 -2.63
N TYR C 235 -17.87 19.10 -1.71
CA TYR C 235 -18.67 17.88 -1.90
C TYR C 235 -20.16 18.13 -1.64
N LEU C 236 -20.50 18.99 -0.68
CA LEU C 236 -21.91 19.30 -0.47
C LEU C 236 -22.45 20.25 -1.55
N ASP C 237 -21.61 21.17 -2.04
CA ASP C 237 -22.04 22.14 -3.05
C ASP C 237 -22.55 21.48 -4.32
N GLY C 238 -21.78 20.55 -4.88
CA GLY C 238 -22.17 19.94 -6.14
C GLY C 238 -22.01 20.82 -7.35
N SER C 239 -21.38 21.98 -7.20
CA SER C 239 -20.99 22.78 -8.37
C SER C 239 -19.86 22.11 -9.16
N VAL C 240 -18.85 21.58 -8.48
CA VAL C 240 -17.65 21.06 -9.13
C VAL C 240 -17.56 19.55 -8.94
N LYS C 241 -16.92 18.90 -9.92
CA LYS C 241 -16.72 17.44 -9.89
C LYS C 241 -15.57 17.09 -8.95
N VAL C 242 -15.90 16.43 -7.84
CA VAL C 242 -14.92 15.99 -6.86
C VAL C 242 -14.33 14.63 -7.24
N ASN C 243 -13.14 14.35 -6.72
CA ASN C 243 -12.33 13.21 -7.13
C ASN C 243 -12.35 12.12 -6.05
N LEU C 244 -13.28 11.18 -6.19
CA LEU C 244 -13.52 10.13 -5.21
C LEU C 244 -12.60 8.94 -5.47
N GLU C 245 -12.19 8.26 -4.40
CA GLU C 245 -11.36 7.06 -4.52
C GLU C 245 -11.85 5.91 -3.66
N LYS C 246 -11.88 4.72 -4.23
CA LYS C 246 -11.94 3.46 -3.49
C LYS C 246 -10.52 2.95 -3.25
N LYS C 247 -10.40 1.91 -2.42
CA LYS C 247 -9.09 1.32 -2.19
C LYS C 247 -8.52 0.74 -3.48
N HIS C 248 -7.24 1.04 -3.74
CA HIS C 248 -6.50 0.61 -4.93
C HIS C 248 -6.99 1.17 -6.27
N LEU C 249 -8.27 1.49 -6.38
CA LEU C 249 -8.81 2.11 -7.58
C LEU C 249 -8.29 3.54 -7.76
N ASN C 250 -8.02 3.93 -9.00
CA ASN C 250 -7.72 5.34 -9.30
C ASN C 250 -8.91 6.27 -9.08
N LYS C 251 -8.56 7.54 -8.89
CA LYS C 251 -9.49 8.64 -8.67
C LYS C 251 -10.53 8.76 -9.79
N ARG C 252 -11.81 8.71 -9.42
CA ARG C 252 -12.92 8.94 -10.33
C ARG C 252 -13.61 10.28 -10.04
N THR C 253 -13.79 11.08 -11.09
CA THR C 253 -14.28 12.45 -10.98
C THR C 253 -15.80 12.51 -11.21
N GLN C 254 -16.54 13.00 -10.23
CA GLN C 254 -18.00 13.11 -10.38
C GLN C 254 -18.57 14.15 -9.43
N ILE C 255 -19.80 14.59 -9.71
CA ILE C 255 -20.57 15.39 -8.76
C ILE C 255 -21.02 14.50 -7.60
N PHE C 256 -20.73 14.92 -6.38
CA PHE C 256 -21.07 14.13 -5.21
C PHE C 256 -22.61 14.06 -5.02
N PRO C 257 -23.15 12.91 -4.63
CA PRO C 257 -24.61 12.78 -4.52
C PRO C 257 -25.22 13.75 -3.54
N PRO C 258 -26.47 14.17 -3.77
CA PRO C 258 -27.25 14.87 -2.73
C PRO C 258 -27.69 13.92 -1.62
N GLY C 259 -28.28 14.43 -0.55
CA GLY C 259 -28.42 13.60 0.62
C GLY C 259 -28.90 14.32 1.87
N ILE C 260 -28.77 13.60 3.00
CA ILE C 260 -29.28 13.99 4.31
C ILE C 260 -28.15 13.94 5.32
N VAL C 261 -28.06 14.96 6.17
CA VAL C 261 -27.19 14.94 7.35
C VAL C 261 -28.05 14.77 8.60
N THR C 262 -27.72 13.77 9.41
CA THR C 262 -28.41 13.51 10.67
C THR C 262 -27.46 13.86 11.82
N MET C 263 -27.93 14.62 12.80
CA MET C 263 -27.09 14.92 13.95
C MET C 263 -27.92 15.27 15.17
N ASN C 264 -27.34 15.02 16.34
CA ASN C 264 -27.80 15.59 17.60
C ASN C 264 -27.55 17.10 17.59
N GLU C 265 -28.03 17.76 18.64
CA GLU C 265 -28.09 19.23 18.67
C GLU C 265 -26.75 19.91 18.89
N TYR C 266 -25.69 19.46 18.22
CA TYR C 266 -24.42 20.16 18.17
C TYR C 266 -24.55 21.46 17.36
N SER C 267 -23.65 22.40 17.62
CA SER C 267 -23.63 23.67 16.90
C SER C 267 -23.05 23.48 15.50
N VAL C 268 -23.67 24.11 14.52
CA VAL C 268 -23.28 24.00 13.10
C VAL C 268 -22.59 25.30 12.68
N PRO C 269 -21.38 25.24 12.11
CA PRO C 269 -20.76 26.47 11.60
C PRO C 269 -21.49 27.02 10.40
N LYS C 270 -21.53 28.35 10.30
CA LYS C 270 -22.30 29.03 9.25
C LYS C 270 -21.91 28.57 7.85
N THR C 271 -20.64 28.25 7.61
CA THR C 271 -20.22 27.77 6.30
C THR C 271 -20.88 26.45 5.94
N LEU C 272 -21.15 25.62 6.92
CA LEU C 272 -21.80 24.34 6.70
C LEU C 272 -23.32 24.48 6.68
N GLN C 273 -23.87 25.33 7.55
CA GLN C 273 -25.31 25.61 7.54
C GLN C 273 -25.76 26.22 6.22
N ALA C 274 -24.93 27.05 5.59
CA ALA C 274 -25.28 27.65 4.31
C ALA C 274 -25.44 26.63 3.19
N ARG C 275 -24.96 25.41 3.36
CA ARG C 275 -25.08 24.35 2.37
C ARG C 275 -26.30 23.45 2.54
N PHE C 276 -27.13 23.69 3.56
CA PHE C 276 -28.35 22.92 3.80
C PHE C 276 -29.58 23.74 3.41
N VAL C 277 -30.49 23.13 2.65
CA VAL C 277 -31.74 23.79 2.27
C VAL C 277 -32.69 23.85 3.45
N LYS C 278 -32.89 22.72 4.10
CA LYS C 278 -33.99 22.57 5.03
C LYS C 278 -33.47 21.88 6.28
N GLN C 279 -33.87 22.39 7.43
CA GLN C 279 -33.64 21.74 8.70
C GLN C 279 -34.97 21.16 9.16
N ILE C 280 -35.01 19.86 9.36
CA ILE C 280 -36.17 19.19 9.91
C ILE C 280 -35.84 18.91 11.37
N ASP C 281 -36.53 19.62 12.26
CA ASP C 281 -36.38 19.45 13.70
C ASP C 281 -37.18 18.23 14.13
N PHE C 282 -36.50 17.10 14.25
CA PHE C 282 -37.10 15.90 14.81
C PHE C 282 -37.17 16.01 16.32
N ARG C 283 -38.31 15.65 16.90
CA ARG C 283 -38.45 15.67 18.34
C ARG C 283 -39.25 14.46 18.83
N PRO C 284 -38.96 13.98 20.04
CA PRO C 284 -39.54 12.71 20.51
C PRO C 284 -41.02 12.82 20.85
N LYS C 285 -41.79 11.82 20.42
CA LYS C 285 -43.22 11.77 20.67
C LYS C 285 -43.54 10.65 21.65
N ASP C 286 -44.20 11.00 22.75
CA ASP C 286 -44.65 10.00 23.72
C ASP C 286 -45.54 8.94 23.08
N TYR C 287 -46.43 9.35 22.19
CA TYR C 287 -47.39 8.41 21.61
C TYR C 287 -46.76 7.44 20.61
N LEU C 288 -45.74 7.87 19.87
CA LEU C 288 -45.06 6.93 18.99
C LEU C 288 -44.29 5.87 19.78
N LYS C 289 -43.73 6.24 20.93
CA LYS C 289 -43.10 5.23 21.78
C LYS C 289 -44.11 4.23 22.35
N HIS C 290 -45.16 4.72 23.01
CA HIS C 290 -46.19 3.80 23.50
C HIS C 290 -46.82 2.98 22.39
N CYS C 291 -46.95 3.55 21.20
CA CYS C 291 -47.47 2.80 20.05
C CYS C 291 -46.55 1.66 19.62
N LEU C 292 -45.25 1.92 19.42
CA LEU C 292 -44.35 0.85 19.02
C LEU C 292 -44.23 -0.26 20.06
N GLU C 293 -44.32 0.08 21.35
CA GLU C 293 -44.32 -0.95 22.37
C GLU C 293 -45.50 -1.91 22.28
N ARG C 294 -46.62 -1.48 21.71
CA ARG C 294 -47.79 -2.34 21.57
C ARG C 294 -48.05 -2.78 20.13
N SER C 295 -47.14 -2.51 19.21
CA SER C 295 -47.29 -2.89 17.81
C SER C 295 -45.96 -3.35 17.23
N GLU C 296 -45.25 -4.17 18.00
CA GLU C 296 -43.84 -4.49 17.79
C GLU C 296 -43.54 -5.23 16.49
N PHE C 297 -44.53 -5.77 15.77
CA PHE C 297 -44.28 -6.32 14.44
C PHE C 297 -43.64 -5.30 13.50
N LEU C 298 -43.90 -4.01 13.70
CA LEU C 298 -43.27 -2.97 12.90
C LEU C 298 -41.75 -3.01 13.02
N LEU C 299 -41.24 -3.20 14.23
CA LEU C 299 -39.80 -3.30 14.43
C LEU C 299 -39.27 -4.65 13.97
N GLU C 300 -39.95 -5.73 14.35
CA GLU C 300 -39.48 -7.07 14.00
C GLU C 300 -39.37 -7.27 12.50
N LYS C 301 -40.37 -6.86 11.74
CA LYS C 301 -40.38 -7.04 10.30
C LYS C 301 -39.53 -5.99 9.56
N ARG C 302 -39.03 -4.98 10.26
CA ARG C 302 -38.33 -3.83 9.68
C ARG C 302 -39.20 -2.97 8.75
N ILE C 303 -40.47 -2.80 9.12
CA ILE C 303 -41.41 -2.09 8.27
C ILE C 303 -41.11 -0.59 8.25
N ILE C 304 -41.00 0.03 9.43
CA ILE C 304 -40.87 1.49 9.48
C ILE C 304 -39.53 1.98 8.96
N GLN C 305 -38.51 1.12 8.86
CA GLN C 305 -37.27 1.50 8.21
C GLN C 305 -37.29 1.36 6.69
N SER C 306 -38.29 0.71 6.11
CA SER C 306 -38.19 0.23 4.74
C SER C 306 -38.79 1.19 3.73
N GLY C 307 -38.10 1.34 2.60
CA GLY C 307 -38.55 2.19 1.51
C GLY C 307 -39.87 1.76 0.90
N ILE C 308 -40.21 0.49 1.04
CA ILE C 308 -41.50 0.00 0.55
C ILE C 308 -42.65 0.56 1.37
N ALA C 309 -42.45 0.77 2.68
CA ALA C 309 -43.44 1.48 3.48
C ALA C 309 -43.58 2.95 3.10
N LEU C 310 -42.49 3.63 2.74
CA LEU C 310 -42.61 4.98 2.21
C LEU C 310 -43.22 5.01 0.81
N LEU C 311 -42.93 4.01 -0.01
CA LEU C 311 -43.55 3.96 -1.33
C LEU C 311 -45.06 3.73 -1.24
N LEU C 312 -45.47 2.88 -0.29
CA LEU C 312 -46.90 2.72 -0.03
C LEU C 312 -47.54 4.01 0.46
N MET C 313 -46.83 4.77 1.29
CA MET C 313 -47.34 6.09 1.67
C MET C 313 -47.54 7.00 0.46
N LEU C 314 -46.60 7.00 -0.48
CA LEU C 314 -46.74 7.83 -1.68
C LEU C 314 -47.87 7.34 -2.58
N ILE C 315 -48.01 6.03 -2.74
CA ILE C 315 -49.12 5.48 -3.50
C ILE C 315 -50.45 5.85 -2.87
N TRP C 316 -50.53 5.78 -1.54
CA TRP C 316 -51.76 6.16 -0.84
C TRP C 316 -52.08 7.64 -0.98
N TYR C 317 -51.13 8.53 -0.68
CA TYR C 317 -51.44 9.95 -0.54
C TYR C 317 -51.33 10.79 -1.82
N ARG C 318 -50.33 10.57 -2.65
CA ARG C 318 -50.07 11.53 -3.71
C ARG C 318 -50.97 11.31 -4.93
N PRO C 319 -51.31 12.38 -5.65
CA PRO C 319 -52.01 12.22 -6.94
C PRO C 319 -51.21 11.37 -7.91
N VAL C 320 -51.94 10.69 -8.82
CA VAL C 320 -51.28 9.88 -9.85
C VAL C 320 -50.34 10.73 -10.69
N ALA C 321 -50.73 11.97 -10.99
CA ALA C 321 -50.00 12.82 -11.91
C ALA C 321 -48.61 13.22 -11.44
N GLU C 322 -48.28 13.05 -10.17
CA GLU C 322 -46.94 13.40 -9.69
C GLU C 322 -45.89 12.36 -10.04
N PHE C 323 -46.29 11.14 -10.38
CA PHE C 323 -45.34 10.10 -10.77
C PHE C 323 -44.92 10.26 -12.23
N ALA C 324 -43.77 9.67 -12.56
CA ALA C 324 -43.34 9.60 -13.94
C ALA C 324 -44.30 8.78 -14.78
N GLN C 325 -44.47 9.20 -16.03
CA GLN C 325 -45.49 8.63 -16.90
C GLN C 325 -45.21 7.16 -17.24
N SER C 326 -43.95 6.74 -17.21
CA SER C 326 -43.61 5.33 -17.41
C SER C 326 -44.17 4.43 -16.33
N ILE C 327 -44.19 4.88 -15.07
CA ILE C 327 -44.64 4.05 -13.96
C ILE C 327 -46.09 4.27 -13.56
N GLN C 328 -46.76 5.29 -14.10
CA GLN C 328 -48.15 5.57 -13.72
C GLN C 328 -49.07 4.35 -13.82
N SER C 329 -48.87 3.48 -14.82
CA SER C 329 -49.71 2.29 -14.94
C SER C 329 -49.70 1.45 -13.67
N ARG C 330 -48.53 1.22 -13.10
CA ARG C 330 -48.41 0.40 -11.89
C ARG C 330 -48.93 1.15 -10.67
N ILE C 331 -48.67 2.45 -10.61
CA ILE C 331 -49.19 3.26 -9.50
C ILE C 331 -50.71 3.22 -9.46
N VAL C 332 -51.36 3.30 -10.63
CA VAL C 332 -52.83 3.22 -10.68
C VAL C 332 -53.33 1.86 -10.25
N GLU C 333 -52.71 0.77 -10.73
CA GLU C 333 -53.07 -0.56 -10.26
C GLU C 333 -52.90 -0.72 -8.76
N TRP C 334 -51.82 -0.19 -8.19
CA TRP C 334 -51.58 -0.30 -6.76
C TRP C 334 -52.51 0.58 -5.93
N LYS C 335 -52.91 1.75 -6.43
CA LYS C 335 -53.97 2.51 -5.77
C LYS C 335 -55.28 1.73 -5.70
N GLU C 336 -55.64 1.06 -6.77
CA GLU C 336 -56.86 0.23 -6.76
C GLU C 336 -56.73 -0.97 -5.83
N ARG C 337 -55.56 -1.61 -5.77
CA ARG C 337 -55.36 -2.66 -4.78
C ARG C 337 -55.44 -2.15 -3.35
N LEU C 338 -54.85 -1.00 -3.04
CA LEU C 338 -54.94 -0.47 -1.68
C LEU C 338 -56.36 -0.03 -1.33
N ASP C 339 -57.07 0.63 -2.25
CA ASP C 339 -58.45 0.99 -1.96
C ASP C 339 -59.33 -0.24 -1.82
N LYS C 340 -59.04 -1.29 -2.58
CA LYS C 340 -59.74 -2.55 -2.39
C LYS C 340 -59.53 -3.10 -0.98
N GLU C 341 -58.28 -3.22 -0.56
CA GLU C 341 -58.00 -3.90 0.71
C GLU C 341 -58.27 -3.03 1.93
N PHE C 342 -58.03 -1.72 1.86
CA PHE C 342 -58.17 -0.83 3.01
C PHE C 342 -59.22 0.23 2.73
N SER C 343 -60.30 0.19 3.49
CA SER C 343 -61.16 1.35 3.60
C SER C 343 -60.37 2.51 4.22
N LEU C 344 -60.75 3.73 3.84
CA LEU C 344 -60.25 4.91 4.52
C LEU C 344 -60.52 4.86 6.03
N SER C 345 -61.64 4.28 6.43
CA SER C 345 -61.94 4.15 7.85
C SER C 345 -60.94 3.25 8.58
N VAL C 346 -60.43 2.22 7.91
CA VAL C 346 -59.42 1.35 8.51
C VAL C 346 -58.14 2.14 8.75
N TYR C 347 -57.73 2.93 7.76
CA TYR C 347 -56.54 3.76 7.91
C TYR C 347 -56.76 4.88 8.93
N GLN C 348 -57.91 5.54 8.91
CA GLN C 348 -58.21 6.55 9.92
C GLN C 348 -58.11 5.98 11.34
N LYS C 349 -58.65 4.77 11.54
CA LYS C 349 -58.57 4.13 12.85
C LYS C 349 -57.13 3.85 13.27
N MET C 350 -56.29 3.42 12.33
CA MET C 350 -54.86 3.27 12.61
C MET C 350 -54.20 4.57 13.07
N LYS C 351 -54.47 5.67 12.37
CA LYS C 351 -53.89 6.95 12.81
C LYS C 351 -54.44 7.41 14.15
N PHE C 352 -55.74 7.26 14.37
CA PHE C 352 -56.29 7.56 15.69
C PHE C 352 -55.70 6.66 16.77
N ASN C 353 -55.47 5.38 16.45
CA ASN C 353 -54.79 4.49 17.38
C ASN C 353 -53.38 4.95 17.74
N VAL C 354 -52.56 5.26 16.74
CA VAL C 354 -51.19 5.70 17.05
C VAL C 354 -51.16 7.05 17.73
N ALA C 355 -52.11 7.94 17.43
CA ALA C 355 -52.15 9.21 18.14
C ALA C 355 -52.36 9.01 19.64
N MET C 356 -53.20 8.05 20.02
CA MET C 356 -53.39 7.72 21.43
C MET C 356 -52.30 6.83 22.00
N GLY C 357 -51.34 6.40 21.19
CA GLY C 357 -50.34 5.46 21.64
C GLY C 357 -50.88 4.08 21.89
N ILE C 358 -52.04 3.77 21.34
CA ILE C 358 -52.60 2.43 21.36
C ILE C 358 -51.94 1.60 20.25
N GLY C 359 -52.00 0.29 20.37
CA GLY C 359 -51.51 -0.54 19.27
C GLY C 359 -52.19 -0.22 17.96
N VAL C 360 -51.40 -0.02 16.90
CA VAL C 360 -51.97 0.44 15.63
C VAL C 360 -53.09 -0.47 15.16
N LEU C 361 -52.90 -1.78 15.27
CA LEU C 361 -53.88 -2.73 14.76
C LEU C 361 -55.07 -2.99 15.67
N ASP C 362 -55.18 -2.33 16.81
CA ASP C 362 -56.25 -2.64 17.74
C ASP C 362 -57.61 -2.23 17.17
N LYS D 1 -2.34 -38.58 -20.08
CA LYS D 1 -3.76 -38.39 -19.76
C LYS D 1 -3.93 -37.09 -18.96
N GLN D 2 -5.10 -36.48 -19.08
CA GLN D 2 -5.34 -35.14 -18.56
C GLN D 2 -5.74 -35.11 -17.09
N VAL D 3 -5.28 -34.08 -16.38
CA VAL D 3 -5.72 -33.83 -15.01
C VAL D 3 -7.18 -33.42 -15.02
N SER D 4 -7.98 -34.02 -14.16
CA SER D 4 -9.33 -33.53 -13.92
C SER D 4 -9.30 -32.39 -12.91
N TRP D 5 -9.61 -31.19 -13.39
CA TRP D 5 -9.80 -30.04 -12.51
C TRP D 5 -11.08 -30.20 -11.69
N LYS D 6 -12.06 -30.87 -12.26
CA LYS D 6 -13.34 -31.13 -11.59
C LYS D 6 -13.18 -31.93 -10.31
N LEU D 7 -12.36 -32.99 -10.36
CA LEU D 7 -12.13 -33.82 -9.17
C LEU D 7 -11.39 -33.07 -8.06
N VAL D 8 -10.54 -32.11 -8.38
CA VAL D 8 -9.94 -31.28 -7.34
C VAL D 8 -10.97 -30.35 -6.74
N THR D 9 -11.84 -29.79 -7.58
CA THR D 9 -12.91 -28.94 -7.08
C THR D 9 -13.87 -29.71 -6.17
N GLU D 10 -14.21 -30.94 -6.53
CA GLU D 10 -15.05 -31.77 -5.66
C GLU D 10 -14.38 -32.10 -4.34
N TYR D 11 -13.10 -32.44 -4.36
CA TYR D 11 -12.36 -32.62 -3.11
C TYR D 11 -12.35 -31.35 -2.26
N ALA D 12 -12.14 -30.20 -2.89
CA ALA D 12 -12.19 -28.93 -2.17
C ALA D 12 -13.57 -28.66 -1.60
N MET D 13 -14.62 -28.98 -2.34
CA MET D 13 -15.99 -28.78 -1.86
C MET D 13 -16.32 -29.73 -0.70
N GLU D 14 -15.89 -30.98 -0.80
CA GLU D 14 -16.17 -31.94 0.26
C GLU D 14 -15.32 -31.69 1.51
N THR D 15 -14.10 -31.18 1.33
CA THR D 15 -13.23 -30.88 2.47
C THR D 15 -13.41 -29.45 2.97
N LYS D 16 -13.92 -28.55 2.13
CA LYS D 16 -14.09 -27.11 2.42
C LYS D 16 -12.75 -26.37 2.64
N CYS D 17 -11.79 -26.62 1.76
CA CYS D 17 -10.55 -25.87 1.73
C CYS D 17 -10.75 -24.54 1.01
N ASP D 18 -10.59 -23.43 1.74
CA ASP D 18 -10.51 -22.11 1.14
C ASP D 18 -9.08 -21.55 1.15
N ASP D 19 -8.08 -22.42 1.31
CA ASP D 19 -6.67 -22.04 1.26
C ASP D 19 -5.93 -22.83 0.19
N VAL D 20 -5.29 -22.09 -0.73
CA VAL D 20 -4.65 -22.68 -1.92
C VAL D 20 -3.49 -23.59 -1.54
N LEU D 21 -2.67 -23.15 -0.58
CA LEU D 21 -1.53 -23.95 -0.15
C LEU D 21 -1.95 -25.20 0.60
N LEU D 22 -3.03 -25.10 1.38
CA LEU D 22 -3.54 -26.29 2.06
C LEU D 22 -4.11 -27.29 1.08
N LEU D 23 -4.85 -26.83 0.08
CA LEU D 23 -5.39 -27.74 -0.93
C LEU D 23 -4.28 -28.41 -1.71
N LEU D 24 -3.25 -27.67 -2.10
CA LEU D 24 -2.09 -28.25 -2.78
C LEU D 24 -1.41 -29.31 -1.91
N GLY D 25 -1.11 -28.97 -0.66
CA GLY D 25 -0.44 -29.92 0.22
C GLY D 25 -1.24 -31.20 0.42
N MET D 26 -2.54 -31.06 0.68
CA MET D 26 -3.40 -32.22 0.87
C MET D 26 -3.48 -33.10 -0.38
N TYR D 27 -3.72 -32.49 -1.54
CA TYR D 27 -3.91 -33.28 -2.75
C TYR D 27 -2.63 -33.98 -3.19
N LEU D 28 -1.48 -33.37 -2.96
CA LEU D 28 -0.22 -34.03 -3.29
C LEU D 28 0.08 -35.24 -2.41
N GLU D 29 -0.53 -35.35 -1.23
CA GLU D 29 -0.39 -36.58 -0.46
C GLU D 29 -1.01 -37.79 -1.16
N PHE D 30 -1.99 -37.58 -2.04
CA PHE D 30 -2.67 -38.69 -2.70
C PHE D 30 -1.88 -39.33 -3.84
N GLN D 31 -0.73 -38.77 -4.23
CA GLN D 31 0.03 -39.33 -5.35
C GLN D 31 0.67 -40.67 -5.04
N TYR D 32 0.90 -40.99 -3.78
CA TYR D 32 1.48 -42.26 -3.38
C TYR D 32 0.41 -43.36 -3.33
N SER D 33 0.83 -44.60 -3.58
CA SER D 33 -0.14 -45.68 -3.76
C SER D 33 -0.94 -45.93 -2.49
N PHE D 34 -2.25 -46.11 -2.68
CA PHE D 34 -3.17 -46.30 -1.55
C PHE D 34 -2.96 -47.63 -0.85
N GLU D 35 -2.66 -48.68 -1.59
CA GLU D 35 -2.70 -50.04 -1.06
C GLU D 35 -1.78 -50.25 0.15
N MET D 36 -0.82 -49.36 0.36
CA MET D 36 0.05 -49.46 1.53
C MET D 36 0.32 -48.10 2.17
N CYS D 37 -0.58 -47.14 1.99
CA CYS D 37 -0.40 -45.79 2.53
C CYS D 37 -0.50 -45.77 4.06
N LEU D 38 0.57 -45.28 4.70
CA LEU D 38 0.67 -45.27 6.16
C LEU D 38 -0.39 -44.40 6.82
N LYS D 39 -0.74 -43.28 6.20
CA LYS D 39 -1.78 -42.40 6.76
C LYS D 39 -3.16 -43.03 6.69
N CYS D 40 -3.41 -43.82 5.65
CA CYS D 40 -4.66 -44.56 5.51
C CYS D 40 -4.72 -45.80 6.39
N ILE D 41 -3.59 -46.48 6.62
CA ILE D 41 -3.58 -47.61 7.55
C ILE D 41 -3.72 -47.15 9.00
N LYS D 42 -3.08 -46.04 9.39
CA LYS D 42 -3.31 -45.51 10.74
C LYS D 42 -4.66 -44.83 10.88
N LYS D 43 -5.21 -44.26 9.81
CA LYS D 43 -6.43 -43.45 9.87
C LYS D 43 -6.31 -42.28 10.85
N GLU D 44 -5.29 -41.47 10.61
CA GLU D 44 -5.00 -40.32 11.46
C GLU D 44 -5.97 -39.18 11.21
N GLN D 45 -6.13 -38.77 9.95
CA GLN D 45 -6.88 -37.57 9.59
C GLN D 45 -8.01 -37.89 8.63
N PRO D 46 -9.25 -37.48 8.92
CA PRO D 46 -10.38 -37.88 8.07
C PRO D 46 -10.34 -37.24 6.69
N SER D 47 -9.75 -36.06 6.56
CA SER D 47 -9.54 -35.41 5.28
C SER D 47 -8.57 -36.15 4.39
N HIS D 48 -7.84 -37.14 4.90
CA HIS D 48 -7.02 -38.01 4.06
C HIS D 48 -7.67 -39.35 3.76
N TYR D 49 -7.98 -40.14 4.79
CA TYR D 49 -8.30 -41.54 4.53
C TYR D 49 -9.61 -41.74 3.79
N LYS D 50 -10.57 -40.82 3.92
CA LYS D 50 -11.79 -40.94 3.14
C LYS D 50 -11.55 -40.80 1.64
N TYR D 51 -10.62 -39.94 1.25
CA TYR D 51 -10.53 -39.45 -0.10
C TYR D 51 -9.36 -40.02 -0.90
N HIS D 52 -8.30 -40.49 -0.24
CA HIS D 52 -7.09 -40.91 -0.94
C HIS D 52 -7.38 -41.99 -1.99
N GLU D 53 -8.17 -43.00 -1.63
CA GLU D 53 -8.42 -44.08 -2.58
C GLU D 53 -9.08 -43.59 -3.87
N LYS D 54 -10.03 -42.65 -3.76
CA LYS D 54 -10.71 -42.12 -4.94
C LYS D 54 -9.83 -41.19 -5.76
N HIS D 55 -9.07 -40.31 -5.11
CA HIS D 55 -8.30 -39.30 -5.80
C HIS D 55 -6.88 -39.71 -6.20
N TYR D 56 -6.42 -40.91 -5.82
CA TYR D 56 -5.09 -41.38 -6.21
C TYR D 56 -4.79 -41.22 -7.70
N ALA D 57 -5.68 -41.71 -8.55
CA ALA D 57 -5.45 -41.64 -10.00
C ALA D 57 -5.31 -40.20 -10.50
N ASN D 58 -6.13 -39.30 -9.98
CA ASN D 58 -6.04 -37.90 -10.37
C ASN D 58 -4.81 -37.22 -9.76
N ALA D 59 -4.45 -37.59 -8.54
CA ALA D 59 -3.30 -36.96 -7.89
C ALA D 59 -1.97 -37.33 -8.53
N ALA D 60 -1.83 -38.57 -9.01
CA ALA D 60 -0.63 -38.94 -9.74
C ALA D 60 -0.44 -38.11 -11.01
N ILE D 61 -1.52 -37.88 -11.76
CA ILE D 61 -1.43 -37.04 -12.96
C ILE D 61 -1.22 -35.58 -12.57
N PHE D 62 -1.86 -35.17 -11.48
CA PHE D 62 -1.69 -33.82 -10.93
C PHE D 62 -0.25 -33.56 -10.46
N ALA D 63 0.42 -34.57 -9.90
CA ALA D 63 1.81 -34.41 -9.51
C ALA D 63 2.77 -34.17 -10.69
N ASP D 64 2.41 -34.53 -11.91
CA ASP D 64 3.19 -34.17 -13.10
C ASP D 64 2.83 -32.79 -13.66
N SER D 65 1.74 -32.19 -13.22
CA SER D 65 1.21 -31.00 -13.86
C SER D 65 2.09 -29.76 -13.67
N LYS D 66 2.01 -28.86 -14.66
CA LYS D 66 2.77 -27.62 -14.72
C LYS D 66 2.00 -26.39 -14.23
N ASN D 67 0.72 -26.53 -13.91
CA ASN D 67 -0.13 -25.41 -13.48
C ASN D 67 -0.92 -25.81 -12.24
N GLN D 68 -0.23 -26.48 -11.31
CA GLN D 68 -0.85 -26.98 -10.09
C GLN D 68 -1.51 -25.87 -9.28
N LYS D 69 -0.84 -24.75 -9.10
CA LYS D 69 -1.44 -23.69 -8.28
C LYS D 69 -2.65 -23.04 -8.97
N THR D 70 -2.67 -23.02 -10.30
CA THR D 70 -3.86 -22.53 -11.01
C THR D 70 -5.06 -23.44 -10.77
N ILE D 71 -4.86 -24.75 -10.84
CA ILE D 71 -5.91 -25.71 -10.52
C ILE D 71 -6.46 -25.46 -9.12
N CYS D 72 -5.56 -25.28 -8.14
CA CYS D 72 -5.97 -25.06 -6.76
C CYS D 72 -6.70 -23.74 -6.56
N GLN D 73 -6.27 -22.67 -7.23
CA GLN D 73 -7.02 -21.42 -7.17
C GLN D 73 -8.47 -21.56 -7.61
N GLN D 74 -8.71 -22.17 -8.78
CA GLN D 74 -10.09 -22.34 -9.23
C GLN D 74 -10.92 -23.20 -8.28
N ALA D 75 -10.32 -24.25 -7.72
CA ALA D 75 -11.02 -25.06 -6.74
C ALA D 75 -11.34 -24.28 -5.47
N VAL D 76 -10.40 -23.46 -5.00
CA VAL D 76 -10.63 -22.60 -3.85
C VAL D 76 -11.65 -21.51 -4.14
N ASP D 77 -11.61 -20.93 -5.34
CA ASP D 77 -12.64 -19.97 -5.73
C ASP D 77 -14.04 -20.58 -5.73
N THR D 78 -14.16 -21.86 -6.09
CA THR D 78 -15.45 -22.52 -6.04
C THR D 78 -15.98 -22.68 -4.62
N VAL D 79 -15.11 -22.99 -3.66
CA VAL D 79 -15.53 -23.03 -2.26
C VAL D 79 -15.92 -21.64 -1.77
N LEU D 80 -15.10 -20.64 -2.08
CA LEU D 80 -15.41 -19.26 -1.71
C LEU D 80 -16.69 -18.76 -2.36
N ALA D 81 -16.97 -19.20 -3.59
CA ALA D 81 -18.25 -18.88 -4.23
C ALA D 81 -19.44 -19.47 -3.49
N LYS D 82 -19.36 -20.74 -3.12
CA LYS D 82 -20.47 -21.35 -2.37
C LYS D 82 -20.71 -20.64 -1.03
N LYS D 83 -19.65 -20.26 -0.33
CA LYS D 83 -19.81 -19.46 0.88
C LYS D 83 -20.53 -18.14 0.61
N ARG D 84 -20.17 -17.43 -0.47
CA ARG D 84 -20.90 -16.22 -0.85
C ARG D 84 -22.38 -16.48 -1.11
N VAL D 85 -22.68 -17.48 -1.95
CA VAL D 85 -24.07 -17.82 -2.24
C VAL D 85 -24.83 -18.20 -0.97
N ASP D 86 -24.23 -19.05 -0.14
CA ASP D 86 -24.88 -19.45 1.10
C ASP D 86 -25.14 -18.28 2.03
N SER D 87 -24.18 -17.36 2.13
CA SER D 87 -24.35 -16.20 3.00
C SER D 87 -25.56 -15.36 2.59
N LEU D 88 -25.73 -15.09 1.31
CA LEU D 88 -26.83 -14.25 0.87
C LEU D 88 -28.17 -14.99 0.84
N GLN D 89 -28.19 -16.28 0.51
CA GLN D 89 -29.45 -16.95 0.20
C GLN D 89 -30.04 -17.81 1.32
N LEU D 90 -29.26 -18.21 2.32
CA LEU D 90 -29.78 -19.06 3.40
C LEU D 90 -30.55 -18.26 4.46
N THR D 91 -31.55 -18.92 5.07
CA THR D 91 -32.08 -18.43 6.33
C THR D 91 -31.07 -18.68 7.46
N ARG D 92 -31.19 -17.87 8.51
CA ARG D 92 -30.33 -18.07 9.68
C ARG D 92 -30.57 -19.42 10.33
N GLU D 93 -31.78 -19.96 10.21
CA GLU D 93 -32.05 -21.30 10.73
C GLU D 93 -31.29 -22.37 9.97
N GLN D 94 -31.18 -22.23 8.64
CA GLN D 94 -30.34 -23.15 7.88
C GLN D 94 -28.87 -22.97 8.22
N MET D 95 -28.41 -21.73 8.39
CA MET D 95 -27.02 -21.49 8.80
C MET D 95 -26.70 -22.18 10.12
N LEU D 96 -27.59 -22.11 11.10
CA LEU D 96 -27.38 -22.81 12.36
C LEU D 96 -27.47 -24.32 12.17
N THR D 97 -28.40 -24.79 11.35
CA THR D 97 -28.57 -26.22 11.14
C THR D 97 -27.35 -26.83 10.45
N ASN D 98 -26.78 -26.11 9.48
CA ASN D 98 -25.50 -26.51 8.90
C ASN D 98 -24.40 -26.59 9.96
N ARG D 99 -24.29 -25.58 10.81
CA ARG D 99 -23.29 -25.59 11.86
C ARG D 99 -23.49 -26.76 12.83
N PHE D 100 -24.73 -27.06 13.21
CA PHE D 100 -24.96 -28.26 14.01
C PHE D 100 -24.59 -29.54 13.27
N ASN D 101 -24.97 -29.66 12.00
CA ASN D 101 -24.56 -30.81 11.20
C ASN D 101 -23.04 -30.98 11.16
N ASP D 102 -22.30 -29.88 11.00
CA ASP D 102 -20.84 -29.93 11.04
C ASP D 102 -20.30 -30.33 12.41
N LEU D 103 -20.90 -29.85 13.50
CA LEU D 103 -20.48 -30.28 14.82
C LEU D 103 -20.78 -31.76 15.07
N LEU D 104 -21.92 -32.25 14.57
CA LEU D 104 -22.23 -33.67 14.72
C LEU D 104 -21.26 -34.56 13.92
N ASP D 105 -20.80 -34.10 12.76
CA ASP D 105 -19.72 -34.81 12.06
C ASP D 105 -18.46 -34.94 12.91
N ARG D 106 -18.05 -33.87 13.58
CA ARG D 106 -16.90 -33.95 14.48
C ARG D 106 -17.15 -34.91 15.63
N MET D 107 -18.35 -34.87 16.20
CA MET D 107 -18.68 -35.78 17.29
C MET D 107 -18.65 -37.25 16.85
N ASP D 108 -19.11 -37.55 15.64
CA ASP D 108 -19.03 -38.93 15.14
C ASP D 108 -17.58 -39.42 15.04
N ILE D 109 -16.67 -38.56 14.64
CA ILE D 109 -15.24 -38.90 14.66
C ILE D 109 -14.72 -38.96 16.09
N MET D 110 -15.06 -37.93 16.87
CA MET D 110 -14.42 -37.71 18.16
C MET D 110 -14.75 -38.81 19.16
N PHE D 111 -15.98 -39.31 19.12
CA PHE D 111 -16.41 -40.43 19.95
C PHE D 111 -16.47 -41.75 19.19
N GLY D 112 -15.85 -41.83 18.03
CA GLY D 112 -15.91 -43.02 17.19
C GLY D 112 -15.00 -44.14 17.64
N SER D 113 -14.76 -45.08 16.71
CA SER D 113 -13.80 -46.15 16.95
C SER D 113 -12.35 -45.64 16.92
N THR D 114 -12.04 -44.68 16.05
CA THR D 114 -10.75 -44.00 16.11
C THR D 114 -10.78 -42.86 17.12
N GLY D 115 -11.89 -42.68 17.83
CA GLY D 115 -12.09 -41.50 18.65
C GLY D 115 -11.13 -41.45 19.82
N SER D 116 -10.38 -40.35 19.92
CA SER D 116 -9.51 -40.09 21.06
C SER D 116 -10.28 -39.65 22.31
N ALA D 117 -11.49 -39.13 22.16
CA ALA D 117 -12.25 -38.61 23.28
C ALA D 117 -13.06 -39.71 23.97
N ASP D 118 -13.25 -39.55 25.27
CA ASP D 118 -14.12 -40.41 26.07
C ASP D 118 -15.41 -39.67 26.37
N ILE D 119 -16.54 -40.23 25.95
CA ILE D 119 -17.82 -39.54 26.12
C ILE D 119 -18.18 -39.31 27.58
N GLU D 120 -17.67 -40.10 28.51
CA GLU D 120 -17.94 -39.85 29.93
C GLU D 120 -17.31 -38.54 30.40
N GLU D 121 -16.10 -38.25 29.94
CA GLU D 121 -15.44 -37.01 30.34
C GLU D 121 -16.14 -35.81 29.73
N TRP D 122 -16.63 -35.94 28.51
CA TRP D 122 -17.37 -34.86 27.89
C TRP D 122 -18.77 -34.69 28.47
N MET D 123 -19.42 -35.79 28.87
CA MET D 123 -20.65 -35.67 29.65
C MET D 123 -20.42 -35.14 31.06
N ALA D 124 -19.24 -35.35 31.63
CA ALA D 124 -18.90 -34.61 32.84
C ALA D 124 -18.77 -33.12 32.55
N GLY D 125 -18.34 -32.76 31.35
CA GLY D 125 -18.46 -31.39 30.89
C GLY D 125 -19.88 -30.85 30.91
N VAL D 126 -20.84 -31.63 30.39
CA VAL D 126 -22.24 -31.24 30.44
C VAL D 126 -22.70 -31.00 31.87
N ALA D 127 -22.38 -31.92 32.78
CA ALA D 127 -22.78 -31.73 34.18
C ALA D 127 -22.18 -30.46 34.79
N TRP D 128 -20.87 -30.23 34.61
CA TRP D 128 -20.27 -29.03 35.18
C TRP D 128 -20.82 -27.75 34.56
N LEU D 129 -20.98 -27.73 33.25
CA LEU D 129 -21.59 -26.55 32.61
C LEU D 129 -23.03 -26.33 33.05
N HIS D 130 -23.80 -27.40 33.19
CA HIS D 130 -25.19 -27.25 33.61
C HIS D 130 -25.33 -26.67 35.00
N CYS D 131 -24.32 -26.83 35.86
CA CYS D 131 -24.31 -26.26 37.20
C CYS D 131 -23.80 -24.83 37.27
N LEU D 132 -23.32 -24.27 36.17
CA LEU D 132 -22.84 -22.89 36.19
C LEU D 132 -23.97 -21.88 36.36
N LEU D 133 -25.12 -22.13 35.74
CA LEU D 133 -26.28 -21.25 35.85
C LEU D 133 -27.52 -22.09 36.01
N PRO D 134 -28.53 -21.61 36.73
CA PRO D 134 -29.80 -22.34 36.77
C PRO D 134 -30.43 -22.46 35.39
N LYS D 135 -31.03 -23.62 35.12
CA LYS D 135 -31.70 -23.93 33.87
C LYS D 135 -30.82 -23.66 32.65
N MET D 136 -29.56 -24.05 32.73
CA MET D 136 -28.60 -23.72 31.67
C MET D 136 -29.09 -24.14 30.29
N ASP D 137 -29.74 -25.30 30.18
CA ASP D 137 -30.19 -25.73 28.85
C ASP D 137 -31.25 -24.80 28.28
N SER D 138 -32.10 -24.21 29.12
CA SER D 138 -33.05 -23.21 28.63
C SER D 138 -32.35 -21.91 28.30
N VAL D 139 -31.32 -21.55 29.05
CA VAL D 139 -30.50 -20.39 28.71
C VAL D 139 -29.86 -20.54 27.34
N VAL D 140 -29.30 -21.73 27.06
CA VAL D 140 -28.65 -21.96 25.77
C VAL D 140 -29.65 -22.04 24.62
N TYR D 141 -30.79 -22.71 24.84
CA TYR D 141 -31.83 -22.75 23.81
C TYR D 141 -32.43 -21.37 23.52
N ASP D 142 -32.69 -20.59 24.55
CA ASP D 142 -33.22 -19.24 24.33
C ASP D 142 -32.18 -18.32 23.72
N PHE D 143 -30.90 -18.52 23.99
CA PHE D 143 -29.88 -17.77 23.27
C PHE D 143 -29.87 -18.12 21.78
N LEU D 144 -29.85 -19.42 21.46
CA LEU D 144 -29.95 -19.83 20.06
C LEU D 144 -31.14 -19.21 19.34
N LYS D 145 -32.32 -19.26 19.96
CA LYS D 145 -33.50 -18.60 19.38
C LYS D 145 -33.29 -17.12 19.14
N CYS D 146 -32.74 -16.38 20.12
CA CYS D 146 -32.49 -14.96 19.90
C CYS D 146 -31.55 -14.73 18.73
N MET D 147 -30.48 -15.51 18.65
CA MET D 147 -29.54 -15.34 17.55
C MET D 147 -30.17 -15.70 16.20
N VAL D 148 -30.99 -16.75 16.17
CA VAL D 148 -31.67 -17.13 14.93
C VAL D 148 -32.70 -16.09 14.50
N TYR D 149 -33.52 -15.59 15.43
CA TYR D 149 -34.57 -14.67 15.03
C TYR D 149 -34.07 -13.25 14.75
N ASN D 150 -33.00 -12.81 15.42
CA ASN D 150 -32.34 -11.55 15.07
C ASN D 150 -33.30 -10.37 15.07
N ILE D 151 -34.27 -10.40 15.99
CA ILE D 151 -35.24 -9.29 16.14
C ILE D 151 -34.50 -8.03 16.56
N PRO D 152 -34.70 -6.89 15.87
CA PRO D 152 -33.70 -5.80 15.93
C PRO D 152 -33.27 -5.30 17.30
N LYS D 153 -34.17 -4.95 18.21
CA LYS D 153 -33.73 -4.51 19.53
C LYS D 153 -33.53 -5.66 20.52
N LYS D 154 -34.26 -6.75 20.37
CA LYS D 154 -34.23 -7.88 21.29
C LYS D 154 -33.12 -8.87 20.90
N ARG D 155 -31.88 -8.38 20.94
CA ARG D 155 -30.84 -8.91 20.07
C ARG D 155 -29.51 -9.21 20.74
N TYR D 156 -29.13 -8.47 21.78
CA TYR D 156 -27.89 -8.72 22.50
C TYR D 156 -28.17 -9.16 23.93
N TRP D 157 -27.27 -9.99 24.46
CA TRP D 157 -27.32 -10.49 25.84
C TRP D 157 -26.11 -9.98 26.61
N LEU D 158 -26.30 -9.78 27.92
CA LEU D 158 -25.28 -9.24 28.82
C LEU D 158 -24.84 -10.28 29.83
N PHE D 159 -23.55 -10.59 29.88
CA PHE D 159 -22.97 -11.50 30.85
C PHE D 159 -22.18 -10.70 31.89
N LYS D 160 -22.61 -10.78 33.15
CA LYS D 160 -22.08 -9.91 34.20
C LYS D 160 -21.74 -10.73 35.44
N GLY D 161 -20.56 -10.49 36.01
CA GLY D 161 -20.11 -11.21 37.17
C GLY D 161 -18.65 -10.96 37.46
N PRO D 162 -18.19 -11.35 38.66
CA PRO D 162 -16.81 -11.06 39.07
C PRO D 162 -15.74 -11.67 38.18
N ILE D 163 -14.48 -11.38 38.52
CA ILE D 163 -13.34 -12.11 37.99
C ILE D 163 -13.44 -13.59 38.33
N ASP D 164 -12.94 -14.42 37.42
CA ASP D 164 -13.01 -15.89 37.50
C ASP D 164 -14.40 -16.39 37.89
N SER D 165 -15.37 -16.13 37.02
CA SER D 165 -16.77 -16.43 37.30
C SER D 165 -17.48 -17.19 36.18
N GLY D 166 -16.82 -17.47 35.06
CA GLY D 166 -17.37 -18.33 34.03
C GLY D 166 -17.87 -17.62 32.79
N LYS D 167 -17.58 -16.34 32.62
CA LYS D 167 -18.19 -15.56 31.56
C LYS D 167 -17.57 -15.88 30.20
N THR D 168 -16.25 -15.77 30.10
CA THR D 168 -15.56 -16.07 28.86
C THR D 168 -15.60 -17.56 28.51
N THR D 169 -15.69 -18.44 29.51
CA THR D 169 -15.89 -19.86 29.21
C THR D 169 -17.22 -20.12 28.51
N LEU D 170 -18.33 -19.59 29.05
CA LEU D 170 -19.59 -19.82 28.36
C LEU D 170 -19.65 -19.09 27.02
N ALA D 171 -19.14 -17.86 26.97
CA ALA D 171 -19.16 -17.11 25.72
C ALA D 171 -18.34 -17.79 24.63
N ALA D 172 -17.20 -18.39 24.98
CA ALA D 172 -16.43 -19.16 24.01
C ALA D 172 -17.13 -20.44 23.56
N ALA D 173 -17.86 -21.10 24.45
CA ALA D 173 -18.63 -22.26 24.06
C ALA D 173 -19.79 -21.90 23.13
N LEU D 174 -20.44 -20.77 23.39
CA LEU D 174 -21.48 -20.28 22.50
C LEU D 174 -20.94 -19.84 21.14
N LEU D 175 -19.74 -19.25 21.11
CA LEU D 175 -19.10 -18.94 19.83
C LEU D 175 -18.87 -20.19 18.99
N GLU D 176 -18.31 -21.24 19.56
CA GLU D 176 -18.08 -22.44 18.77
C GLU D 176 -19.38 -23.10 18.32
N LEU D 177 -20.40 -23.08 19.18
CA LEU D 177 -21.69 -23.64 18.82
C LEU D 177 -22.32 -22.91 17.63
N CYS D 178 -22.33 -21.58 17.67
CA CYS D 178 -23.01 -20.79 16.65
C CYS D 178 -22.11 -20.37 15.50
N GLY D 179 -20.81 -20.26 15.72
CA GLY D 179 -19.92 -19.59 14.79
C GLY D 179 -19.93 -18.09 14.95
N GLY D 180 -18.75 -17.50 15.04
CA GLY D 180 -18.64 -16.08 15.31
C GLY D 180 -17.24 -15.74 15.77
N LYS D 181 -17.06 -14.48 16.15
CA LYS D 181 -15.74 -14.00 16.59
C LYS D 181 -15.87 -13.04 17.77
N ALA D 182 -14.74 -12.81 18.44
CA ALA D 182 -14.64 -11.96 19.61
C ALA D 182 -14.05 -10.59 19.28
N LEU D 183 -14.64 -9.53 19.84
CA LEU D 183 -14.28 -8.14 19.55
C LEU D 183 -13.79 -7.41 20.79
N ASN D 184 -12.70 -6.64 20.63
CA ASN D 184 -12.11 -5.84 21.70
C ASN D 184 -12.43 -4.35 21.51
N VAL D 185 -13.60 -3.93 22.00
CA VAL D 185 -13.99 -2.51 21.96
C VAL D 185 -13.26 -1.63 22.97
N ASN D 186 -12.34 -2.18 23.75
CA ASN D 186 -11.61 -1.35 24.72
C ASN D 186 -10.55 -0.46 24.07
N LEU D 187 -10.18 -0.73 22.83
CA LEU D 187 -9.27 0.15 22.11
C LEU D 187 -9.88 1.53 21.92
N PRO D 188 -9.07 2.57 21.73
CA PRO D 188 -9.63 3.90 21.45
C PRO D 188 -10.39 3.90 20.14
N LEU D 189 -11.35 4.82 20.04
CA LEU D 189 -12.28 4.81 18.92
C LEU D 189 -11.57 4.95 17.57
N ASP D 190 -10.46 5.64 17.49
CA ASP D 190 -9.73 5.79 16.23
C ASP D 190 -9.00 4.53 15.77
N ARG D 191 -9.05 3.42 16.50
CA ARG D 191 -8.64 2.12 16.00
C ARG D 191 -9.76 1.09 15.90
N LEU D 192 -10.98 1.44 16.30
CA LEU D 192 -12.07 0.47 16.29
C LEU D 192 -12.42 -0.04 14.89
N ASN D 193 -12.16 0.74 13.85
CA ASN D 193 -12.66 0.39 12.52
C ASN D 193 -12.32 -1.05 12.12
N PHE D 194 -11.07 -1.46 12.30
CA PHE D 194 -10.68 -2.82 11.95
C PHE D 194 -11.03 -3.87 12.99
N GLU D 195 -11.36 -3.48 14.22
CA GLU D 195 -12.01 -4.41 15.14
C GLU D 195 -13.42 -4.74 14.68
N LEU D 196 -14.23 -3.72 14.42
CA LEU D 196 -15.61 -3.94 14.00
C LEU D 196 -15.69 -4.70 12.68
N GLY D 197 -14.72 -4.52 11.78
CA GLY D 197 -14.62 -5.28 10.55
C GLY D 197 -14.43 -6.77 10.69
N VAL D 198 -14.09 -7.27 11.89
CA VAL D 198 -14.03 -8.72 12.10
C VAL D 198 -15.39 -9.38 11.91
N ALA D 199 -16.46 -8.63 12.13
CA ALA D 199 -17.83 -9.15 12.11
C ALA D 199 -18.39 -9.48 10.72
N ILE D 200 -17.69 -9.18 9.63
CA ILE D 200 -18.26 -9.37 8.30
C ILE D 200 -18.66 -10.82 8.06
N ASP D 201 -19.95 -11.02 7.78
CA ASP D 201 -20.59 -12.31 7.51
C ASP D 201 -20.47 -13.32 8.65
N GLN D 202 -20.15 -12.89 9.85
CA GLN D 202 -20.17 -13.77 11.01
C GLN D 202 -21.60 -13.89 11.55
N PHE D 203 -21.91 -15.06 12.08
CA PHE D 203 -23.23 -15.27 12.68
C PHE D 203 -23.35 -14.58 14.04
N LEU D 204 -22.32 -14.64 14.88
CA LEU D 204 -22.26 -13.95 16.17
C LEU D 204 -21.05 -13.03 16.27
N VAL D 205 -21.15 -12.02 17.14
CA VAL D 205 -19.95 -11.47 17.77
C VAL D 205 -20.12 -11.42 19.29
N VAL D 206 -19.01 -11.63 19.97
CA VAL D 206 -18.90 -11.49 21.42
C VAL D 206 -18.00 -10.31 21.71
N PHE D 207 -18.46 -9.40 22.55
CA PHE D 207 -17.62 -8.31 23.06
C PHE D 207 -16.98 -8.76 24.37
N GLU D 208 -15.66 -8.90 24.33
CA GLU D 208 -14.91 -9.65 25.33
C GLU D 208 -14.35 -8.73 26.40
N ASP D 209 -14.87 -8.85 27.62
CA ASP D 209 -14.47 -8.06 28.77
C ASP D 209 -14.40 -6.56 28.46
N VAL D 210 -15.57 -5.96 28.28
CA VAL D 210 -15.66 -4.51 28.08
C VAL D 210 -15.47 -3.81 29.43
N LYS D 211 -14.35 -3.12 29.58
CA LYS D 211 -14.04 -2.31 30.76
C LYS D 211 -14.75 -0.96 30.69
N GLY D 212 -15.02 -0.37 31.85
CA GLY D 212 -15.67 0.93 31.94
C GLY D 212 -14.90 1.91 32.80
N THR D 213 -15.64 2.80 33.45
CA THR D 213 -15.10 3.76 34.42
C THR D 213 -15.98 3.81 35.65
N GLY D 214 -15.44 4.36 36.73
CA GLY D 214 -16.12 4.36 38.01
C GLY D 214 -16.04 3.05 38.74
N GLY D 215 -15.18 2.14 38.30
CA GLY D 215 -14.95 0.87 38.96
C GLY D 215 -13.73 0.85 39.86
N GLU D 216 -12.92 1.90 39.82
CA GLU D 216 -11.62 1.87 40.47
C GLU D 216 -11.74 1.80 41.99
N SER D 217 -12.85 2.27 42.56
CA SER D 217 -13.10 2.07 43.98
C SER D 217 -13.31 0.61 44.33
N ARG D 218 -13.65 -0.21 43.36
CA ARG D 218 -13.76 -1.65 43.51
C ARG D 218 -12.53 -2.37 42.94
N ASP D 219 -11.46 -1.62 42.68
CA ASP D 219 -10.23 -2.09 42.02
C ASP D 219 -10.46 -2.68 40.64
N LEU D 220 -11.41 -2.14 39.88
CA LEU D 220 -11.64 -2.57 38.51
C LEU D 220 -10.93 -1.62 37.54
N PRO D 221 -10.02 -2.09 36.68
CA PRO D 221 -9.30 -1.17 35.80
C PRO D 221 -10.22 -0.33 34.93
N SER D 222 -9.91 0.95 34.81
CA SER D 222 -10.72 1.86 34.01
C SER D 222 -10.36 1.81 32.53
N GLY D 223 -11.37 1.92 31.69
CA GLY D 223 -11.20 1.84 30.25
C GLY D 223 -12.43 2.35 29.54
N GLN D 224 -12.31 2.49 28.22
CA GLN D 224 -13.30 3.18 27.40
C GLN D 224 -14.38 2.26 26.82
N GLY D 225 -14.27 0.95 27.02
CA GLY D 225 -15.12 0.01 26.30
C GLY D 225 -16.61 0.25 26.44
N ILE D 226 -17.10 0.49 27.67
CA ILE D 226 -18.52 0.74 27.86
C ILE D 226 -18.97 2.02 27.16
N ASN D 227 -18.13 3.05 27.15
CA ASN D 227 -18.48 4.27 26.44
C ASN D 227 -18.50 4.05 24.93
N ASN D 228 -17.59 3.23 24.42
CA ASN D 228 -17.59 2.87 23.01
C ASN D 228 -18.85 2.11 22.60
N LEU D 229 -19.34 1.18 23.44
CA LEU D 229 -20.60 0.50 23.13
C LEU D 229 -21.79 1.45 23.15
N ASP D 230 -21.81 2.36 24.11
CA ASP D 230 -22.84 3.39 24.15
C ASP D 230 -22.83 4.23 22.87
N ASN D 231 -21.64 4.46 22.31
CA ASN D 231 -21.49 5.12 21.01
C ASN D 231 -21.94 4.26 19.82
N LEU D 232 -21.94 2.93 19.93
CA LEU D 232 -22.22 2.02 18.81
C LEU D 232 -23.68 1.56 18.74
N ARG D 233 -24.63 2.42 19.08
CA ARG D 233 -26.05 2.04 19.23
C ARG D 233 -26.63 1.35 18.00
N ASP D 234 -26.39 1.91 16.80
CA ASP D 234 -26.97 1.36 15.58
C ASP D 234 -26.46 -0.04 15.25
N TYR D 235 -25.23 -0.35 15.67
CA TYR D 235 -24.70 -1.70 15.51
C TYR D 235 -25.36 -2.70 16.46
N LEU D 236 -25.65 -2.29 17.70
CA LEU D 236 -26.32 -3.20 18.63
C LEU D 236 -27.78 -3.47 18.23
N ASP D 237 -28.56 -2.44 17.95
CA ASP D 237 -30.00 -2.61 17.82
C ASP D 237 -30.48 -2.91 16.40
N GLY D 238 -29.56 -3.26 15.50
CA GLY D 238 -29.87 -4.11 14.35
C GLY D 238 -30.97 -3.66 13.42
N SER D 239 -31.38 -2.41 13.46
CA SER D 239 -32.50 -1.96 12.64
C SER D 239 -32.06 -1.46 11.27
N VAL D 240 -30.81 -1.04 11.12
CA VAL D 240 -30.32 -0.44 9.89
C VAL D 240 -28.94 -1.00 9.57
N LYS D 241 -28.52 -0.83 8.31
CA LYS D 241 -27.27 -1.40 7.83
C LYS D 241 -26.09 -0.49 8.12
N VAL D 242 -25.00 -1.10 8.56
CA VAL D 242 -23.76 -0.41 8.91
C VAL D 242 -22.65 -0.84 7.96
N ASN D 243 -21.73 0.09 7.70
CA ASN D 243 -20.57 -0.22 6.87
C ASN D 243 -19.47 -0.87 7.70
N LEU D 244 -18.89 -1.97 7.19
CA LEU D 244 -17.83 -2.70 7.87
C LEU D 244 -16.58 -2.78 6.99
N GLU D 245 -15.41 -2.63 7.61
CA GLU D 245 -14.15 -2.45 6.90
C GLU D 245 -13.10 -3.46 7.34
N LYS D 246 -12.68 -4.35 6.43
CA LYS D 246 -11.49 -5.17 6.64
C LYS D 246 -10.27 -4.52 5.99
N LYS D 247 -9.09 -4.79 6.54
CA LYS D 247 -7.85 -4.23 6.00
C LYS D 247 -7.67 -4.60 4.52
N HIS D 248 -7.36 -3.60 3.70
CA HIS D 248 -7.24 -3.69 2.24
C HIS D 248 -8.53 -4.03 1.49
N LEU D 249 -9.68 -4.10 2.15
CA LEU D 249 -10.96 -4.45 1.51
C LEU D 249 -11.97 -3.33 1.63
N ASN D 250 -12.79 -3.15 0.59
CA ASN D 250 -13.78 -2.08 0.52
C ASN D 250 -14.97 -2.32 1.44
N LYS D 251 -15.53 -1.22 1.94
CA LYS D 251 -16.60 -1.26 2.93
C LYS D 251 -17.85 -1.97 2.43
N ARG D 252 -18.29 -2.97 3.19
CA ARG D 252 -19.50 -3.74 2.92
C ARG D 252 -20.62 -3.31 3.85
N THR D 253 -21.85 -3.26 3.34
CA THR D 253 -23.00 -2.79 4.10
C THR D 253 -23.85 -3.98 4.52
N GLN D 254 -24.04 -4.17 5.83
CA GLN D 254 -24.89 -5.25 6.33
C GLN D 254 -25.38 -4.93 7.75
N ILE D 255 -26.35 -5.71 8.21
CA ILE D 255 -26.86 -5.61 9.58
C ILE D 255 -25.90 -6.32 10.53
N PHE D 256 -25.42 -5.60 11.53
CA PHE D 256 -24.32 -6.10 12.36
C PHE D 256 -24.77 -7.36 13.12
N PRO D 257 -23.93 -8.40 13.19
CA PRO D 257 -24.32 -9.66 13.86
C PRO D 257 -24.81 -9.48 15.29
N PRO D 258 -25.78 -10.28 15.72
CA PRO D 258 -26.19 -10.30 17.14
C PRO D 258 -25.15 -10.99 18.02
N GLY D 259 -25.37 -10.94 19.34
CA GLY D 259 -24.45 -11.61 20.25
C GLY D 259 -24.37 -11.18 21.70
N ILE D 260 -23.17 -11.18 22.28
CA ILE D 260 -22.96 -11.20 23.72
C ILE D 260 -22.03 -10.05 24.13
N VAL D 261 -22.34 -9.39 25.25
CA VAL D 261 -21.41 -8.51 25.95
C VAL D 261 -21.03 -9.12 27.30
N THR D 262 -19.72 -9.21 27.56
CA THR D 262 -19.19 -9.76 28.82
C THR D 262 -18.47 -8.67 29.61
N MET D 263 -18.76 -8.56 30.91
CA MET D 263 -18.13 -7.54 31.73
C MET D 263 -18.05 -7.93 33.20
N ASN D 264 -17.07 -7.35 33.89
CA ASN D 264 -17.07 -7.26 35.34
C ASN D 264 -18.13 -6.25 35.79
N GLU D 265 -18.29 -6.08 37.11
CA GLU D 265 -19.38 -5.26 37.62
C GLU D 265 -19.15 -3.76 37.52
N TYR D 266 -18.87 -3.29 36.31
CA TYR D 266 -18.88 -1.86 36.01
C TYR D 266 -20.32 -1.34 35.98
N SER D 267 -20.50 -0.06 36.29
CA SER D 267 -21.81 0.56 36.15
C SER D 267 -22.08 0.85 34.68
N VAL D 268 -23.25 0.45 34.21
CA VAL D 268 -23.62 0.53 32.80
C VAL D 268 -24.61 1.67 32.63
N PRO D 269 -24.40 2.59 31.69
CA PRO D 269 -25.41 3.61 31.41
C PRO D 269 -26.75 3.00 31.05
N LYS D 270 -27.82 3.60 31.58
CA LYS D 270 -29.16 3.10 31.31
C LYS D 270 -29.50 3.15 29.83
N THR D 271 -28.93 4.09 29.08
CA THR D 271 -29.08 4.07 27.62
C THR D 271 -28.41 2.87 26.96
N LEU D 272 -27.32 2.36 27.51
CA LEU D 272 -26.77 1.10 26.99
C LEU D 272 -27.52 -0.12 27.49
N GLN D 273 -27.87 -0.16 28.77
CA GLN D 273 -28.53 -1.35 29.30
C GLN D 273 -29.88 -1.61 28.64
N ALA D 274 -30.56 -0.57 28.16
CA ALA D 274 -31.82 -0.76 27.45
C ALA D 274 -31.69 -1.64 26.20
N ARG D 275 -30.49 -1.81 25.65
CA ARG D 275 -30.29 -2.53 24.40
C ARG D 275 -30.03 -4.03 24.60
N PHE D 276 -29.96 -4.51 25.83
CA PHE D 276 -29.77 -5.92 26.14
C PHE D 276 -31.09 -6.55 26.57
N VAL D 277 -31.47 -7.65 25.92
CA VAL D 277 -32.75 -8.28 26.25
C VAL D 277 -32.69 -9.02 27.57
N LYS D 278 -31.54 -9.59 27.94
CA LYS D 278 -31.43 -10.29 29.21
C LYS D 278 -30.03 -10.14 29.77
N GLN D 279 -29.94 -9.98 31.10
CA GLN D 279 -28.66 -9.99 31.82
C GLN D 279 -28.52 -11.29 32.58
N ILE D 280 -27.41 -11.97 32.36
CA ILE D 280 -27.11 -13.25 33.02
C ILE D 280 -26.08 -12.97 34.11
N ASP D 281 -26.46 -13.24 35.36
CA ASP D 281 -25.59 -13.02 36.51
C ASP D 281 -24.75 -14.25 36.80
N PHE D 282 -23.47 -14.19 36.45
CA PHE D 282 -22.51 -15.22 36.82
C PHE D 282 -21.97 -14.96 38.22
N ARG D 283 -21.88 -16.02 39.01
CA ARG D 283 -21.38 -15.95 40.38
C ARG D 283 -20.32 -17.02 40.63
N PRO D 284 -19.21 -16.69 41.30
CA PRO D 284 -18.24 -17.74 41.68
C PRO D 284 -18.80 -18.66 42.74
N LYS D 285 -18.88 -19.94 42.43
CA LYS D 285 -19.36 -20.96 43.36
C LYS D 285 -18.20 -21.86 43.76
N ASP D 286 -17.96 -21.96 45.07
CA ASP D 286 -16.84 -22.75 45.56
C ASP D 286 -16.97 -24.23 45.23
N TYR D 287 -18.19 -24.79 45.13
CA TYR D 287 -18.27 -26.19 44.75
C TYR D 287 -17.77 -26.42 43.33
N LEU D 288 -18.01 -25.49 42.42
CA LEU D 288 -17.43 -25.63 41.09
C LEU D 288 -15.91 -25.49 41.12
N LYS D 289 -15.40 -24.57 41.92
CA LYS D 289 -13.95 -24.41 42.08
C LYS D 289 -13.29 -25.67 42.60
N HIS D 290 -13.83 -26.24 43.68
CA HIS D 290 -13.30 -27.48 44.23
C HIS D 290 -13.53 -28.68 43.32
N CYS D 291 -14.62 -28.68 42.55
CA CYS D 291 -14.82 -29.73 41.55
C CYS D 291 -13.81 -29.66 40.41
N LEU D 292 -13.50 -28.47 39.91
CA LEU D 292 -12.47 -28.37 38.88
C LEU D 292 -11.10 -28.77 39.41
N GLU D 293 -10.79 -28.43 40.66
CA GLU D 293 -9.54 -28.90 41.26
C GLU D 293 -9.44 -30.42 41.27
N ARG D 294 -10.55 -31.11 41.47
CA ARG D 294 -10.55 -32.56 41.57
C ARG D 294 -11.10 -33.27 40.33
N SER D 295 -11.27 -32.55 39.22
CA SER D 295 -11.70 -33.13 37.95
C SER D 295 -11.02 -32.36 36.82
N GLU D 296 -9.69 -32.33 36.92
CA GLU D 296 -8.85 -31.45 36.13
C GLU D 296 -8.98 -31.65 34.63
N PHE D 297 -9.32 -32.86 34.19
CA PHE D 297 -9.44 -33.15 32.76
C PHE D 297 -10.44 -32.27 32.04
N LEU D 298 -11.39 -31.67 32.76
CA LEU D 298 -12.29 -30.68 32.17
C LEU D 298 -11.54 -29.48 31.61
N LEU D 299 -10.60 -28.94 32.38
CA LEU D 299 -9.78 -27.84 31.87
C LEU D 299 -8.76 -28.33 30.87
N GLU D 300 -8.10 -29.44 31.19
CA GLU D 300 -6.93 -29.87 30.43
C GLU D 300 -7.30 -30.29 29.00
N LYS D 301 -8.45 -30.92 28.80
CA LYS D 301 -8.90 -31.28 27.47
C LYS D 301 -9.79 -30.21 26.83
N ARG D 302 -9.92 -29.05 27.48
CA ARG D 302 -10.75 -27.91 27.02
C ARG D 302 -12.23 -28.22 26.89
N ILE D 303 -12.76 -29.10 27.73
CA ILE D 303 -14.13 -29.59 27.56
C ILE D 303 -15.14 -28.47 27.85
N ILE D 304 -14.97 -27.76 28.97
CA ILE D 304 -15.98 -26.78 29.38
C ILE D 304 -15.97 -25.50 28.57
N GLN D 305 -14.99 -25.28 27.70
CA GLN D 305 -15.05 -24.17 26.76
C GLN D 305 -15.70 -24.56 25.43
N SER D 306 -15.99 -25.83 25.21
CA SER D 306 -16.28 -26.33 23.88
C SER D 306 -17.75 -26.22 23.51
N GLY D 307 -18.01 -25.96 22.23
CA GLY D 307 -19.35 -25.98 21.69
C GLY D 307 -19.96 -27.35 21.65
N ILE D 308 -19.12 -28.38 21.60
CA ILE D 308 -19.61 -29.75 21.64
C ILE D 308 -20.20 -30.09 23.01
N ALA D 309 -19.62 -29.56 24.08
CA ALA D 309 -20.22 -29.75 25.40
C ALA D 309 -21.57 -29.04 25.54
N LEU D 310 -21.77 -27.90 24.89
CA LEU D 310 -23.09 -27.29 24.87
C LEU D 310 -24.06 -27.98 23.91
N LEU D 311 -23.57 -28.53 22.81
CA LEU D 311 -24.43 -29.33 21.95
C LEU D 311 -24.87 -30.59 22.66
N LEU D 312 -23.96 -31.25 23.36
CA LEU D 312 -24.30 -32.43 24.15
C LEU D 312 -25.36 -32.10 25.20
N MET D 313 -25.27 -30.92 25.81
CA MET D 313 -26.30 -30.46 26.73
C MET D 313 -27.65 -30.32 26.05
N LEU D 314 -27.69 -29.72 24.86
CA LEU D 314 -28.94 -29.62 24.13
C LEU D 314 -29.49 -31.00 23.74
N ILE D 315 -28.61 -31.91 23.31
CA ILE D 315 -29.04 -33.25 22.95
C ILE D 315 -29.62 -34.00 24.15
N TRP D 316 -28.94 -33.91 25.30
CA TRP D 316 -29.45 -34.59 26.49
C TRP D 316 -30.76 -33.97 26.99
N TYR D 317 -30.81 -32.65 27.13
CA TYR D 317 -31.95 -32.04 27.79
C TYR D 317 -33.15 -31.67 26.90
N ARG D 318 -32.95 -31.23 25.66
CA ARG D 318 -34.09 -30.72 24.90
C ARG D 318 -34.91 -31.81 24.24
N PRO D 319 -36.23 -31.61 24.09
CA PRO D 319 -37.03 -32.50 23.24
C PRO D 319 -36.69 -32.36 21.77
N VAL D 320 -36.90 -33.46 21.04
CA VAL D 320 -36.44 -33.54 19.65
C VAL D 320 -37.13 -32.51 18.76
N ALA D 321 -38.42 -32.26 19.00
CA ALA D 321 -39.19 -31.39 18.12
C ALA D 321 -38.69 -29.95 18.07
N GLU D 322 -37.81 -29.56 18.97
CA GLU D 322 -37.25 -28.22 18.97
C GLU D 322 -36.10 -28.02 17.98
N PHE D 323 -35.46 -29.10 17.53
CA PHE D 323 -34.41 -28.99 16.52
C PHE D 323 -35.00 -28.92 15.11
N ALA D 324 -34.18 -28.44 14.17
CA ALA D 324 -34.61 -28.33 12.78
C ALA D 324 -34.87 -29.71 12.17
N GLN D 325 -35.87 -29.77 11.30
CA GLN D 325 -36.41 -31.06 10.87
C GLN D 325 -35.36 -31.94 10.18
N SER D 326 -34.44 -31.36 9.41
CA SER D 326 -33.43 -32.19 8.74
C SER D 326 -32.41 -32.79 9.69
N ILE D 327 -32.20 -32.21 10.87
CA ILE D 327 -31.25 -32.75 11.84
C ILE D 327 -31.93 -33.55 12.94
N GLN D 328 -33.27 -33.53 13.02
CA GLN D 328 -33.99 -34.29 14.04
C GLN D 328 -33.70 -35.79 13.98
N SER D 329 -33.58 -36.35 12.78
CA SER D 329 -33.27 -37.78 12.66
C SER D 329 -31.89 -38.11 13.22
N ARG D 330 -30.91 -37.28 12.93
CA ARG D 330 -29.57 -37.47 13.44
C ARG D 330 -29.51 -37.28 14.96
N ILE D 331 -30.30 -36.36 15.49
CA ILE D 331 -30.35 -36.11 16.93
C ILE D 331 -31.08 -37.23 17.67
N VAL D 332 -32.06 -37.87 17.05
CA VAL D 332 -32.66 -39.07 17.62
C VAL D 332 -31.62 -40.17 17.81
N GLU D 333 -30.80 -40.41 16.79
CA GLU D 333 -29.73 -41.39 16.91
C GLU D 333 -28.74 -41.06 18.03
N TRP D 334 -28.38 -39.78 18.17
CA TRP D 334 -27.47 -39.37 19.24
C TRP D 334 -28.10 -39.44 20.63
N LYS D 335 -29.37 -39.04 20.75
CA LYS D 335 -30.08 -39.24 22.01
C LYS D 335 -30.14 -40.70 22.41
N GLU D 336 -30.43 -41.58 21.46
CA GLU D 336 -30.44 -43.01 21.75
C GLU D 336 -29.06 -43.50 22.19
N ARG D 337 -28.00 -43.11 21.48
CA ARG D 337 -26.65 -43.46 21.89
C ARG D 337 -26.33 -42.97 23.31
N LEU D 338 -26.59 -41.70 23.59
CA LEU D 338 -26.27 -41.18 24.91
C LEU D 338 -27.09 -41.84 26.01
N ASP D 339 -28.39 -42.00 25.79
CA ASP D 339 -29.24 -42.58 26.83
C ASP D 339 -28.97 -44.06 27.02
N LYS D 340 -28.45 -44.74 26.00
CA LYS D 340 -27.97 -46.10 26.17
C LYS D 340 -26.70 -46.15 27.01
N GLU D 341 -25.76 -45.25 26.75
CA GLU D 341 -24.49 -45.27 27.48
C GLU D 341 -24.61 -44.72 28.91
N PHE D 342 -25.43 -43.70 29.13
CA PHE D 342 -25.61 -43.14 30.48
C PHE D 342 -27.03 -43.38 30.97
N SER D 343 -27.14 -44.05 32.12
CA SER D 343 -28.37 -44.00 32.87
C SER D 343 -28.53 -42.62 33.48
N LEU D 344 -29.77 -42.23 33.71
CA LEU D 344 -30.03 -41.01 34.45
C LEU D 344 -29.40 -41.05 35.84
N SER D 345 -29.30 -42.24 36.43
CA SER D 345 -28.71 -42.37 37.76
C SER D 345 -27.22 -42.04 37.78
N VAL D 346 -26.47 -42.45 36.76
CA VAL D 346 -25.06 -42.06 36.70
C VAL D 346 -24.93 -40.58 36.40
N TYR D 347 -25.76 -40.05 35.52
CA TYR D 347 -25.75 -38.62 35.25
C TYR D 347 -26.10 -37.79 36.49
N GLN D 348 -27.14 -38.18 37.22
CA GLN D 348 -27.45 -37.48 38.46
C GLN D 348 -26.36 -37.63 39.52
N LYS D 349 -25.61 -38.74 39.52
CA LYS D 349 -24.43 -38.82 40.37
C LYS D 349 -23.38 -37.80 39.98
N MET D 350 -23.18 -37.58 38.67
CA MET D 350 -22.28 -36.52 38.23
C MET D 350 -22.76 -35.15 38.71
N LYS D 351 -24.05 -34.87 38.56
CA LYS D 351 -24.63 -33.63 39.08
C LYS D 351 -24.44 -33.51 40.58
N PHE D 352 -24.72 -34.59 41.32
CA PHE D 352 -24.56 -34.61 42.76
C PHE D 352 -23.09 -34.49 43.18
N ASN D 353 -22.18 -35.14 42.46
CA ASN D 353 -20.76 -34.94 42.70
C ASN D 353 -20.31 -33.49 42.50
N VAL D 354 -20.82 -32.82 41.46
CA VAL D 354 -20.50 -31.41 41.25
C VAL D 354 -21.11 -30.54 42.34
N ALA D 355 -22.37 -30.78 42.69
CA ALA D 355 -23.02 -29.95 43.70
C ALA D 355 -22.32 -30.04 45.05
N MET D 356 -21.72 -31.18 45.38
CA MET D 356 -20.96 -31.31 46.62
C MET D 356 -19.50 -30.87 46.48
N GLY D 357 -19.03 -30.59 45.28
CA GLY D 357 -17.67 -30.13 45.08
C GLY D 357 -16.61 -31.19 45.31
N ILE D 358 -16.93 -32.45 45.05
CA ILE D 358 -16.07 -33.58 45.39
C ILE D 358 -15.22 -34.03 44.21
N GLY D 359 -15.85 -34.24 43.05
CA GLY D 359 -15.18 -34.77 41.88
C GLY D 359 -16.11 -35.62 41.04
N VAL D 360 -16.23 -35.24 39.76
CA VAL D 360 -17.36 -35.68 38.95
C VAL D 360 -17.40 -37.18 38.74
N LEU D 361 -16.25 -37.85 38.68
CA LEU D 361 -16.22 -39.23 38.24
C LEU D 361 -16.52 -40.26 39.32
N ASP D 362 -16.51 -39.90 40.59
CA ASP D 362 -16.65 -40.92 41.64
C ASP D 362 -18.01 -41.60 41.59
N LYS E 1 14.46 -33.48 -25.46
CA LYS E 1 13.99 -34.05 -24.21
C LYS E 1 13.59 -32.94 -23.25
N GLN E 2 12.68 -33.23 -22.33
CA GLN E 2 11.97 -32.20 -21.56
C GLN E 2 12.36 -32.22 -20.09
N VAL E 3 12.40 -31.03 -19.49
CA VAL E 3 12.74 -30.88 -18.07
C VAL E 3 11.63 -31.47 -17.21
N SER E 4 12.00 -32.32 -16.25
CA SER E 4 11.07 -32.82 -15.26
C SER E 4 10.92 -31.83 -14.10
N TRP E 5 9.74 -31.20 -14.01
CA TRP E 5 9.40 -30.36 -12.88
C TRP E 5 9.31 -31.16 -11.58
N LYS E 6 9.01 -32.45 -11.69
CA LYS E 6 8.96 -33.34 -10.53
C LYS E 6 10.32 -33.54 -9.86
N LEU E 7 11.39 -33.66 -10.64
CA LEU E 7 12.72 -33.80 -10.03
C LEU E 7 13.19 -32.52 -9.34
N VAL E 8 12.85 -31.34 -9.86
CA VAL E 8 13.14 -30.12 -9.13
C VAL E 8 12.34 -30.05 -7.84
N THR E 9 11.05 -30.41 -7.89
CA THR E 9 10.25 -30.40 -6.67
C THR E 9 10.79 -31.37 -5.65
N GLU E 10 11.24 -32.54 -6.11
CA GLU E 10 11.84 -33.53 -5.23
C GLU E 10 13.12 -33.02 -4.57
N TYR E 11 14.01 -32.39 -5.33
CA TYR E 11 15.18 -31.76 -4.72
C TYR E 11 14.79 -30.73 -3.66
N ALA E 12 13.81 -29.88 -3.95
CA ALA E 12 13.38 -28.88 -2.98
C ALA E 12 12.82 -29.52 -1.72
N MET E 13 12.09 -30.62 -1.86
CA MET E 13 11.50 -31.31 -0.72
C MET E 13 12.57 -32.01 0.12
N GLU E 14 13.59 -32.54 -0.52
CA GLU E 14 14.68 -33.19 0.19
C GLU E 14 15.68 -32.20 0.77
N THR E 15 15.71 -30.96 0.28
CA THR E 15 16.56 -29.91 0.82
C THR E 15 15.77 -28.90 1.68
N LYS E 16 14.45 -28.94 1.61
CA LYS E 16 13.53 -28.05 2.36
C LYS E 16 13.72 -26.55 2.05
N CYS E 17 13.76 -26.21 0.77
CA CYS E 17 13.91 -24.84 0.30
C CYS E 17 12.59 -24.06 0.31
N ASP E 18 12.49 -23.04 1.15
CA ASP E 18 11.45 -22.02 1.02
C ASP E 18 11.79 -20.95 0.00
N ASP E 19 13.01 -20.96 -0.52
CA ASP E 19 13.60 -19.80 -1.17
C ASP E 19 13.75 -20.10 -2.67
N VAL E 20 13.07 -19.31 -3.50
CA VAL E 20 13.04 -19.56 -4.94
C VAL E 20 14.38 -19.26 -5.61
N LEU E 21 15.09 -18.22 -5.16
CA LEU E 21 16.43 -17.96 -5.72
C LEU E 21 17.46 -18.97 -5.25
N LEU E 22 17.37 -19.41 -4.01
CA LEU E 22 18.30 -20.43 -3.54
C LEU E 22 18.09 -21.76 -4.25
N LEU E 23 16.85 -22.12 -4.53
CA LEU E 23 16.59 -23.32 -5.31
C LEU E 23 17.14 -23.18 -6.72
N LEU E 24 16.87 -22.05 -7.37
CA LEU E 24 17.40 -21.81 -8.71
C LEU E 24 18.92 -21.89 -8.71
N GLY E 25 19.56 -21.21 -7.76
CA GLY E 25 21.02 -21.15 -7.74
C GLY E 25 21.67 -22.50 -7.52
N MET E 26 21.19 -23.24 -6.53
CA MET E 26 21.75 -24.56 -6.28
C MET E 26 21.49 -25.52 -7.43
N TYR E 27 20.29 -25.50 -8.02
CA TYR E 27 20.01 -26.42 -9.10
C TYR E 27 20.83 -26.13 -10.34
N LEU E 28 21.16 -24.86 -10.60
CA LEU E 28 22.02 -24.55 -11.73
C LEU E 28 23.45 -25.04 -11.54
N GLU E 29 23.90 -25.20 -10.29
CA GLU E 29 25.20 -25.79 -10.05
C GLU E 29 25.28 -27.25 -10.48
N PHE E 30 24.16 -27.94 -10.57
CA PHE E 30 24.15 -29.32 -11.05
C PHE E 30 24.36 -29.46 -12.55
N GLN E 31 24.33 -28.38 -13.32
CA GLN E 31 24.42 -28.51 -14.77
C GLN E 31 25.78 -29.03 -15.23
N TYR E 32 26.84 -28.83 -14.45
CA TYR E 32 28.16 -29.33 -14.79
C TYR E 32 28.24 -30.84 -14.57
N SER E 33 29.15 -31.50 -15.29
CA SER E 33 29.22 -32.95 -15.25
C SER E 33 29.74 -33.46 -13.91
N PHE E 34 29.07 -34.50 -13.41
CA PHE E 34 29.33 -35.05 -12.09
C PHE E 34 30.72 -35.65 -11.95
N GLU E 35 31.26 -36.22 -13.03
CA GLU E 35 32.51 -36.96 -12.97
C GLU E 35 33.70 -36.11 -12.55
N MET E 36 33.60 -34.80 -12.64
CA MET E 36 34.74 -33.91 -12.52
C MET E 36 34.61 -32.86 -11.44
N CYS E 37 33.39 -32.53 -11.02
CA CYS E 37 33.17 -31.27 -10.33
C CYS E 37 33.71 -31.27 -8.91
N LEU E 38 34.18 -30.09 -8.49
CA LEU E 38 35.02 -29.94 -7.32
C LEU E 38 34.23 -29.92 -6.00
N LYS E 39 33.01 -29.37 -6.00
CA LYS E 39 32.26 -29.30 -4.75
C LYS E 39 31.89 -30.69 -4.24
N CYS E 40 31.62 -31.61 -5.15
CA CYS E 40 31.47 -33.01 -4.80
C CYS E 40 32.75 -33.59 -4.21
N ILE E 41 33.87 -33.39 -4.91
CA ILE E 41 35.14 -33.98 -4.50
C ILE E 41 35.57 -33.47 -3.13
N LYS E 42 35.35 -32.18 -2.85
CA LYS E 42 35.63 -31.65 -1.52
C LYS E 42 34.67 -32.17 -0.45
N LYS E 43 33.52 -32.71 -0.83
CA LYS E 43 32.46 -33.08 0.10
C LYS E 43 32.10 -31.95 1.07
N GLU E 44 32.13 -30.71 0.57
CA GLU E 44 32.02 -29.56 1.46
C GLU E 44 30.59 -29.29 1.91
N GLN E 45 29.65 -29.22 0.97
CA GLN E 45 28.25 -28.92 1.26
C GLN E 45 27.37 -30.13 0.99
N PRO E 46 26.68 -30.69 2.00
CA PRO E 46 25.87 -31.89 1.75
C PRO E 46 24.67 -31.62 0.86
N SER E 47 24.12 -30.41 0.88
CA SER E 47 23.03 -30.02 -0.01
C SER E 47 23.46 -29.99 -1.47
N HIS E 48 24.72 -30.23 -1.77
CA HIS E 48 25.20 -30.42 -3.14
C HIS E 48 25.67 -31.85 -3.38
N TYR E 49 26.65 -32.34 -2.63
CA TYR E 49 27.34 -33.55 -3.06
C TYR E 49 26.43 -34.77 -3.03
N LYS E 50 25.38 -34.75 -2.20
CA LYS E 50 24.46 -35.87 -2.18
C LYS E 50 23.61 -35.93 -3.45
N TYR E 51 23.23 -34.76 -3.97
CA TYR E 51 22.14 -34.64 -4.93
C TYR E 51 22.60 -34.41 -6.37
N HIS E 52 23.80 -33.86 -6.59
CA HIS E 52 24.25 -33.55 -7.94
C HIS E 52 24.22 -34.78 -8.85
N GLU E 53 24.67 -35.92 -8.36
CA GLU E 53 24.76 -37.12 -9.19
C GLU E 53 23.44 -37.44 -9.91
N LYS E 54 22.36 -37.58 -9.16
CA LYS E 54 21.08 -37.92 -9.80
C LYS E 54 20.46 -36.77 -10.58
N HIS E 55 20.66 -35.52 -10.16
CA HIS E 55 20.00 -34.39 -10.79
C HIS E 55 20.75 -33.80 -11.98
N TYR E 56 21.92 -34.32 -12.33
CA TYR E 56 22.70 -33.81 -13.45
C TYR E 56 21.93 -33.76 -14.76
N ALA E 57 21.28 -34.86 -15.14
CA ALA E 57 20.58 -34.91 -16.42
C ALA E 57 19.46 -33.87 -16.50
N ASN E 58 18.69 -33.76 -15.43
CA ASN E 58 17.64 -32.76 -15.37
C ASN E 58 18.19 -31.33 -15.33
N ALA E 59 19.26 -31.11 -14.58
CA ALA E 59 19.88 -29.79 -14.53
C ALA E 59 20.49 -29.33 -15.85
N ALA E 60 21.04 -30.24 -16.65
CA ALA E 60 21.48 -29.85 -17.99
C ALA E 60 20.33 -29.34 -18.85
N ILE E 61 19.21 -30.06 -18.86
CA ILE E 61 18.04 -29.61 -19.62
C ILE E 61 17.41 -28.38 -18.98
N PHE E 62 17.46 -28.27 -17.66
CA PHE E 62 16.97 -27.08 -16.96
C PHE E 62 17.79 -25.84 -17.30
N ALA E 63 19.11 -25.99 -17.50
CA ALA E 63 19.92 -24.84 -17.91
C ALA E 63 19.53 -24.29 -19.28
N ASP E 64 19.00 -25.11 -20.18
CA ASP E 64 18.47 -24.62 -21.46
C ASP E 64 17.06 -24.06 -21.36
N SER E 65 16.37 -24.26 -20.25
CA SER E 65 14.97 -23.88 -20.14
C SER E 65 14.79 -22.37 -20.11
N LYS E 66 13.63 -21.94 -20.61
CA LYS E 66 13.16 -20.57 -20.58
C LYS E 66 12.24 -20.30 -19.39
N ASN E 67 11.83 -21.34 -18.68
CA ASN E 67 10.83 -21.27 -17.61
C ASN E 67 11.44 -21.23 -16.20
N GLN E 68 12.74 -21.02 -16.07
CA GLN E 68 13.46 -21.44 -14.87
C GLN E 68 12.84 -20.93 -13.57
N LYS E 69 12.43 -19.67 -13.53
CA LYS E 69 11.81 -19.15 -12.31
C LYS E 69 10.44 -19.77 -12.05
N THR E 70 9.69 -20.06 -13.11
CA THR E 70 8.36 -20.67 -12.94
C THR E 70 8.47 -22.07 -12.34
N ILE E 71 9.42 -22.87 -12.82
CA ILE E 71 9.65 -24.21 -12.27
C ILE E 71 9.99 -24.14 -10.79
N CYS E 72 10.94 -23.28 -10.44
CA CYS E 72 11.36 -23.16 -9.05
C CYS E 72 10.24 -22.64 -8.16
N GLN E 73 9.41 -21.73 -8.67
CA GLN E 73 8.27 -21.24 -7.92
C GLN E 73 7.29 -22.37 -7.56
N GLN E 74 6.97 -23.23 -8.52
CA GLN E 74 6.11 -24.37 -8.21
C GLN E 74 6.74 -25.34 -7.23
N ALA E 75 8.04 -25.60 -7.38
CA ALA E 75 8.75 -26.45 -6.43
C ALA E 75 8.73 -25.85 -5.02
N VAL E 76 9.02 -24.56 -4.91
CA VAL E 76 8.94 -23.89 -3.61
C VAL E 76 7.53 -23.89 -3.05
N ASP E 77 6.53 -23.61 -3.89
CA ASP E 77 5.14 -23.68 -3.42
C ASP E 77 4.78 -25.04 -2.84
N THR E 78 5.34 -26.12 -3.40
CA THR E 78 5.13 -27.44 -2.81
C THR E 78 5.73 -27.56 -1.41
N VAL E 79 6.90 -26.99 -1.17
CA VAL E 79 7.50 -27.05 0.16
C VAL E 79 6.73 -26.18 1.15
N LEU E 80 6.26 -25.01 0.74
CA LEU E 80 5.38 -24.21 1.59
C LEU E 80 4.04 -24.91 1.85
N ALA E 81 3.49 -25.59 0.86
CA ALA E 81 2.27 -26.36 1.07
C ALA E 81 2.48 -27.51 2.04
N LYS E 82 3.60 -28.21 1.91
CA LYS E 82 3.98 -29.23 2.88
C LYS E 82 4.03 -28.65 4.30
N LYS E 83 4.65 -27.49 4.47
CA LYS E 83 4.68 -26.86 5.79
C LYS E 83 3.30 -26.51 6.33
N ARG E 84 2.41 -25.99 5.48
CA ARG E 84 1.08 -25.63 6.00
C ARG E 84 0.24 -26.86 6.35
N VAL E 85 0.34 -27.96 5.59
CA VAL E 85 -0.31 -29.20 6.00
C VAL E 85 0.25 -29.74 7.31
N ASP E 86 1.57 -29.80 7.43
CA ASP E 86 2.16 -30.26 8.69
C ASP E 86 1.75 -29.35 9.85
N SER E 87 1.74 -28.04 9.63
CA SER E 87 1.36 -27.11 10.69
C SER E 87 -0.04 -27.37 11.24
N LEU E 88 -1.01 -27.60 10.36
CA LEU E 88 -2.38 -27.83 10.83
C LEU E 88 -2.61 -29.25 11.35
N GLN E 89 -1.87 -30.26 10.88
CA GLN E 89 -2.23 -31.64 11.18
C GLN E 89 -1.29 -32.38 12.13
N LEU E 90 -0.10 -31.88 12.42
CA LEU E 90 0.80 -32.59 13.33
C LEU E 90 0.35 -32.51 14.79
N THR E 91 0.67 -33.56 15.54
CA THR E 91 0.67 -33.47 16.99
C THR E 91 1.84 -32.60 17.44
N ARG E 92 1.71 -32.02 18.63
CA ARG E 92 2.82 -31.24 19.20
C ARG E 92 4.06 -32.08 19.46
N GLU E 93 3.91 -33.35 19.81
CA GLU E 93 5.07 -34.23 19.90
C GLU E 93 5.80 -34.36 18.57
N GLN E 94 5.05 -34.46 17.47
CA GLN E 94 5.69 -34.56 16.16
C GLN E 94 6.40 -33.27 15.76
N MET E 95 5.85 -32.11 16.12
CA MET E 95 6.53 -30.85 15.84
C MET E 95 7.86 -30.77 16.57
N LEU E 96 7.91 -31.16 17.83
CA LEU E 96 9.18 -31.21 18.55
C LEU E 96 10.08 -32.32 18.01
N THR E 97 9.50 -33.46 17.64
CA THR E 97 10.28 -34.55 17.04
C THR E 97 10.90 -34.15 15.71
N ASN E 98 10.20 -33.31 14.93
CA ASN E 98 10.80 -32.79 13.69
C ASN E 98 11.93 -31.80 13.97
N ARG E 99 11.75 -30.92 14.94
CA ARG E 99 12.84 -30.04 15.36
C ARG E 99 14.03 -30.83 15.87
N PHE E 100 13.78 -31.87 16.66
CA PHE E 100 14.88 -32.73 17.10
C PHE E 100 15.61 -33.36 15.92
N ASN E 101 14.86 -33.96 14.99
CA ASN E 101 15.50 -34.57 13.83
C ASN E 101 16.34 -33.58 13.03
N ASP E 102 15.82 -32.38 12.80
CA ASP E 102 16.62 -31.35 12.12
C ASP E 102 17.88 -30.98 12.89
N LEU E 103 17.78 -30.85 14.21
CA LEU E 103 18.98 -30.59 15.01
C LEU E 103 19.96 -31.74 15.02
N LEU E 104 19.46 -32.99 15.10
CA LEU E 104 20.37 -34.12 15.04
C LEU E 104 21.07 -34.24 13.69
N ASP E 105 20.37 -33.96 12.59
CA ASP E 105 21.02 -33.96 11.28
C ASP E 105 22.00 -32.80 11.11
N ARG E 106 21.67 -31.64 11.68
CA ARG E 106 22.60 -30.52 11.76
C ARG E 106 23.79 -30.84 12.66
N MET E 107 23.58 -31.57 13.75
CA MET E 107 24.70 -32.07 14.55
C MET E 107 25.57 -33.05 13.79
N ASP E 108 24.95 -33.97 13.07
CA ASP E 108 25.72 -34.99 12.36
C ASP E 108 26.58 -34.38 11.26
N ILE E 109 26.17 -33.25 10.69
CA ILE E 109 27.04 -32.46 9.82
C ILE E 109 28.18 -31.81 10.61
N MET E 110 27.88 -31.21 11.75
CA MET E 110 28.91 -30.56 12.55
C MET E 110 29.96 -31.55 13.05
N PHE E 111 29.54 -32.69 13.59
CA PHE E 111 30.43 -33.58 14.32
C PHE E 111 30.88 -34.80 13.56
N GLY E 112 30.44 -34.99 12.32
CA GLY E 112 30.74 -36.18 11.55
C GLY E 112 32.20 -36.35 11.17
N SER E 113 32.45 -37.39 10.38
CA SER E 113 33.79 -37.66 9.86
C SER E 113 34.33 -36.51 9.01
N THR E 114 33.45 -35.77 8.34
CA THR E 114 33.83 -34.56 7.61
C THR E 114 33.58 -33.31 8.46
N GLY E 115 33.62 -33.47 9.78
CA GLY E 115 33.12 -32.46 10.68
C GLY E 115 33.94 -31.19 10.74
N SER E 116 33.38 -30.23 11.49
CA SER E 116 33.93 -28.89 11.61
C SER E 116 33.85 -28.36 13.04
N ALA E 117 33.40 -29.16 14.00
CA ALA E 117 33.10 -28.70 15.36
C ALA E 117 33.73 -29.62 16.39
N ASP E 118 34.39 -29.03 17.39
CA ASP E 118 35.09 -29.76 18.44
C ASP E 118 34.10 -30.25 19.50
N ILE E 119 33.82 -31.55 19.50
CA ILE E 119 32.83 -32.12 20.41
C ILE E 119 33.18 -31.90 21.88
N GLU E 120 34.47 -31.72 22.20
CA GLU E 120 34.84 -31.45 23.59
C GLU E 120 34.38 -30.07 24.07
N GLU E 121 34.48 -29.06 23.20
CA GLU E 121 33.98 -27.74 23.60
C GLU E 121 32.47 -27.75 23.81
N TRP E 122 31.75 -28.43 22.92
CA TRP E 122 30.30 -28.51 23.06
C TRP E 122 29.88 -29.31 24.30
N MET E 123 30.66 -30.33 24.67
CA MET E 123 30.47 -31.00 25.96
C MET E 123 30.88 -30.17 27.17
N ALA E 124 31.87 -29.29 27.02
CA ALA E 124 32.07 -28.28 28.06
C ALA E 124 30.88 -27.33 28.14
N GLY E 125 30.23 -27.05 27.02
CA GLY E 125 28.94 -26.38 27.06
C GLY E 125 27.91 -27.11 27.90
N VAL E 126 27.77 -28.42 27.68
CA VAL E 126 26.89 -29.25 28.51
C VAL E 126 27.26 -29.17 29.99
N ALA E 127 28.55 -29.25 30.30
CA ALA E 127 28.98 -29.14 31.69
C ALA E 127 28.69 -27.76 32.29
N TRP E 128 28.93 -26.68 31.55
CA TRP E 128 28.60 -25.36 32.08
C TRP E 128 27.09 -25.15 32.21
N LEU E 129 26.32 -25.55 31.20
CA LEU E 129 24.87 -25.44 31.31
C LEU E 129 24.28 -26.29 32.43
N HIS E 130 24.77 -27.51 32.60
CA HIS E 130 24.22 -28.34 33.67
C HIS E 130 24.48 -27.73 35.04
N CYS E 131 25.54 -26.96 35.20
CA CYS E 131 25.85 -26.34 36.48
C CYS E 131 24.97 -25.14 36.81
N LEU E 132 24.18 -24.65 35.86
CA LEU E 132 23.48 -23.38 36.07
C LEU E 132 22.32 -23.49 37.05
N LEU E 133 21.67 -24.64 37.17
CA LEU E 133 20.54 -24.82 38.06
C LEU E 133 20.64 -26.17 38.74
N PRO E 134 20.00 -26.34 39.91
CA PRO E 134 19.86 -27.69 40.46
C PRO E 134 19.07 -28.59 39.55
N LYS E 135 19.62 -29.77 39.25
CA LYS E 135 18.99 -30.78 38.39
C LYS E 135 18.54 -30.18 37.05
N MET E 136 19.49 -29.62 36.32
CA MET E 136 19.19 -28.97 35.05
C MET E 136 18.55 -29.90 34.02
N ASP E 137 18.99 -31.16 33.93
CA ASP E 137 18.36 -32.04 32.94
C ASP E 137 16.89 -32.30 33.25
N SER E 138 16.52 -32.37 34.53
CA SER E 138 15.10 -32.43 34.87
C SER E 138 14.38 -31.11 34.56
N VAL E 139 15.03 -29.98 34.79
CA VAL E 139 14.43 -28.70 34.40
C VAL E 139 14.17 -28.66 32.89
N VAL E 140 15.15 -29.06 32.09
CA VAL E 140 14.97 -29.06 30.64
C VAL E 140 13.90 -30.08 30.21
N TYR E 141 13.97 -31.30 30.72
CA TYR E 141 13.00 -32.32 30.30
C TYR E 141 11.57 -31.98 30.73
N ASP E 142 11.38 -31.49 31.94
CA ASP E 142 10.04 -31.10 32.33
C ASP E 142 9.54 -29.89 31.55
N PHE E 143 10.41 -28.94 31.21
CA PHE E 143 9.97 -27.82 30.38
C PHE E 143 9.52 -28.26 29.00
N LEU E 144 10.28 -29.15 28.36
CA LEU E 144 9.84 -29.69 27.08
C LEU E 144 8.47 -30.33 27.18
N LYS E 145 8.24 -31.13 28.21
CA LYS E 145 6.93 -31.73 28.43
C LYS E 145 5.83 -30.69 28.59
N CYS E 146 6.07 -29.61 29.33
CA CYS E 146 5.06 -28.57 29.46
C CYS E 146 4.69 -27.97 28.11
N MET E 147 5.69 -27.64 27.30
CA MET E 147 5.41 -27.04 26.00
C MET E 147 4.71 -28.02 25.06
N VAL E 148 5.11 -29.29 25.11
CA VAL E 148 4.46 -30.32 24.29
C VAL E 148 3.01 -30.54 24.71
N TYR E 149 2.76 -30.73 26.00
CA TYR E 149 1.39 -31.01 26.43
C TYR E 149 0.47 -29.81 26.34
N ASN E 150 1.01 -28.59 26.46
CA ASN E 150 0.21 -27.38 26.26
C ASN E 150 -1.06 -27.37 27.12
N ILE E 151 -0.93 -27.84 28.35
CA ILE E 151 -2.08 -27.94 29.28
C ILE E 151 -2.56 -26.54 29.65
N PRO E 152 -3.85 -26.23 29.49
CA PRO E 152 -4.40 -24.97 30.03
C PRO E 152 -4.06 -24.69 31.49
N LYS E 153 -3.82 -23.41 31.76
CA LYS E 153 -3.26 -22.88 33.02
C LYS E 153 -1.84 -23.33 33.32
N LYS E 154 -1.59 -24.63 33.29
CA LYS E 154 -0.30 -25.19 33.68
C LYS E 154 0.77 -25.00 32.62
N ARG E 155 0.99 -23.75 32.20
CA ARG E 155 1.49 -23.49 30.85
C ARG E 155 2.65 -22.51 30.74
N TYR E 156 2.91 -21.65 31.73
CA TYR E 156 4.03 -20.72 31.68
C TYR E 156 4.95 -20.88 32.89
N TRP E 157 6.25 -20.59 32.67
CA TRP E 157 7.31 -20.72 33.66
C TRP E 157 7.96 -19.36 33.94
N LEU E 158 8.21 -19.07 35.22
CA LEU E 158 8.80 -17.79 35.64
C LEU E 158 10.29 -17.92 35.95
N PHE E 159 11.13 -17.40 35.05
CA PHE E 159 12.58 -17.31 35.24
C PHE E 159 12.89 -16.00 35.97
N LYS E 160 13.22 -16.08 37.24
CA LYS E 160 13.40 -14.90 38.08
C LYS E 160 14.77 -14.90 38.74
N GLY E 161 15.40 -13.73 38.81
CA GLY E 161 16.62 -13.58 39.56
C GLY E 161 17.30 -12.23 39.37
N PRO E 162 18.35 -11.95 40.16
CA PRO E 162 19.14 -10.73 39.96
C PRO E 162 19.63 -10.51 38.54
N ILE E 163 20.11 -9.28 38.30
CA ILE E 163 20.84 -8.97 37.08
C ILE E 163 22.07 -9.88 36.94
N ASP E 164 22.41 -10.20 35.70
CA ASP E 164 23.46 -11.18 35.38
C ASP E 164 23.32 -12.47 36.21
N SER E 165 22.25 -13.19 35.91
CA SER E 165 22.03 -14.51 36.49
C SER E 165 21.84 -15.60 35.44
N GLY E 166 21.92 -15.26 34.16
CA GLY E 166 21.83 -16.24 33.08
C GLY E 166 20.45 -16.46 32.51
N LYS E 167 19.48 -15.62 32.84
CA LYS E 167 18.08 -15.89 32.51
C LYS E 167 17.84 -15.85 31.01
N THR E 168 18.35 -14.80 30.34
CA THR E 168 18.26 -14.73 28.88
C THR E 168 19.14 -15.76 28.18
N THR E 169 20.25 -16.20 28.80
CA THR E 169 21.03 -17.28 28.22
C THR E 169 20.21 -18.57 28.09
N LEU E 170 19.58 -19.00 29.17
CA LEU E 170 18.86 -20.27 29.11
C LEU E 170 17.61 -20.18 28.25
N ALA E 171 16.91 -19.05 28.31
CA ALA E 171 15.74 -18.88 27.46
C ALA E 171 16.10 -18.92 25.97
N ALA E 172 17.25 -18.39 25.60
CA ALA E 172 17.72 -18.48 24.21
C ALA E 172 18.04 -19.91 23.80
N ALA E 173 18.60 -20.70 24.71
CA ALA E 173 18.87 -22.11 24.38
C ALA E 173 17.58 -22.90 24.20
N LEU E 174 16.61 -22.68 25.08
CA LEU E 174 15.32 -23.33 24.96
C LEU E 174 14.55 -22.89 23.72
N LEU E 175 14.70 -21.63 23.31
CA LEU E 175 14.09 -21.16 22.08
C LEU E 175 14.55 -21.93 20.85
N GLU E 176 15.87 -22.08 20.68
CA GLU E 176 16.35 -22.78 19.48
C GLU E 176 15.99 -24.26 19.49
N LEU E 177 15.98 -24.91 20.64
CA LEU E 177 15.53 -26.30 20.68
C LEU E 177 14.07 -26.43 20.26
N CYS E 178 13.19 -25.60 20.82
CA CYS E 178 11.76 -25.69 20.54
C CYS E 178 11.28 -24.89 19.35
N GLY E 179 12.06 -23.92 18.86
CA GLY E 179 11.65 -23.13 17.71
C GLY E 179 10.69 -21.98 17.98
N GLY E 180 10.85 -21.29 19.11
CA GLY E 180 9.96 -20.21 19.49
C GLY E 180 10.42 -18.84 19.01
N LYS E 181 9.80 -17.80 19.58
CA LYS E 181 10.20 -16.41 19.39
C LYS E 181 10.10 -15.64 20.71
N ALA E 182 10.74 -14.47 20.75
CA ALA E 182 10.82 -13.63 21.94
C ALA E 182 10.04 -12.33 21.78
N LEU E 183 9.41 -11.89 22.88
CA LEU E 183 8.48 -10.75 22.90
C LEU E 183 8.90 -9.72 23.94
N ASN E 184 8.61 -8.44 23.65
CA ASN E 184 8.88 -7.31 24.57
C ASN E 184 7.58 -6.66 25.07
N VAL E 185 7.03 -7.20 26.17
CA VAL E 185 5.76 -6.74 26.73
C VAL E 185 5.85 -5.44 27.53
N ASN E 186 7.03 -4.84 27.66
CA ASN E 186 7.17 -3.61 28.43
C ASN E 186 6.48 -2.40 27.81
N LEU E 187 6.13 -2.45 26.52
CA LEU E 187 5.62 -1.30 25.81
C LEU E 187 4.33 -0.75 26.43
N PRO E 188 4.11 0.57 26.38
CA PRO E 188 2.78 1.10 26.68
C PRO E 188 1.71 0.39 25.86
N LEU E 189 0.52 0.33 26.44
CA LEU E 189 -0.50 -0.61 25.98
C LEU E 189 -0.84 -0.46 24.50
N ASP E 190 -0.68 0.73 23.94
CA ASP E 190 -1.07 0.97 22.55
C ASP E 190 -0.43 0.00 21.56
N ARG E 191 0.89 -0.09 21.54
CA ARG E 191 1.59 -0.94 20.56
C ARG E 191 1.75 -2.39 21.01
N LEU E 192 1.29 -2.73 22.21
CA LEU E 192 1.38 -4.10 22.70
C LEU E 192 0.67 -5.11 21.80
N ASN E 193 -0.43 -4.72 21.16
CA ASN E 193 -1.19 -5.68 20.35
C ASN E 193 -0.46 -6.11 19.08
N PHE E 194 0.30 -5.22 18.45
CA PHE E 194 1.19 -5.66 17.37
C PHE E 194 2.38 -6.47 17.88
N GLU E 195 2.85 -6.20 19.09
CA GLU E 195 3.91 -7.01 19.68
C GLU E 195 3.45 -8.44 19.94
N LEU E 196 2.23 -8.63 20.42
CA LEU E 196 1.70 -9.99 20.62
C LEU E 196 1.51 -10.74 19.31
N GLY E 197 1.33 -10.04 18.19
CA GLY E 197 1.27 -10.67 16.87
C GLY E 197 2.49 -11.45 16.46
N VAL E 198 3.63 -11.25 17.14
CA VAL E 198 4.82 -12.04 16.89
C VAL E 198 4.57 -13.53 17.10
N ALA E 199 3.62 -13.89 17.96
CA ALA E 199 3.37 -15.27 18.35
C ALA E 199 2.64 -16.12 17.32
N ILE E 200 2.17 -15.58 16.20
CA ILE E 200 1.38 -16.38 15.27
C ILE E 200 2.15 -17.57 14.73
N ASP E 201 1.54 -18.76 14.82
CA ASP E 201 2.05 -20.06 14.44
C ASP E 201 3.34 -20.52 15.15
N GLN E 202 3.80 -19.83 16.18
CA GLN E 202 5.02 -20.24 16.87
C GLN E 202 4.73 -21.35 17.88
N PHE E 203 5.73 -22.20 18.11
CA PHE E 203 5.61 -23.27 19.11
C PHE E 203 5.72 -22.71 20.53
N LEU E 204 6.61 -21.75 20.75
CA LEU E 204 6.99 -21.29 22.08
C LEU E 204 7.21 -19.79 22.01
N VAL E 205 6.83 -19.06 23.06
CA VAL E 205 7.27 -17.67 23.18
C VAL E 205 7.85 -17.37 24.56
N VAL E 206 8.80 -16.45 24.57
CA VAL E 206 9.48 -15.97 25.77
C VAL E 206 9.16 -14.49 25.94
N PHE E 207 8.75 -14.09 27.14
CA PHE E 207 8.65 -12.67 27.49
C PHE E 207 9.97 -12.22 28.10
N GLU E 208 10.77 -11.51 27.29
CA GLU E 208 12.10 -11.07 27.69
C GLU E 208 12.09 -9.82 28.56
N ASP E 209 12.74 -9.92 29.71
CA ASP E 209 12.94 -8.82 30.65
C ASP E 209 11.66 -8.03 30.93
N VAL E 210 10.71 -8.71 31.57
CA VAL E 210 9.47 -8.09 31.99
C VAL E 210 9.74 -7.16 33.17
N LYS E 211 9.69 -5.85 32.92
CA LYS E 211 9.87 -4.86 33.98
C LYS E 211 8.63 -4.75 34.86
N GLY E 212 8.83 -4.87 36.19
CA GLY E 212 7.79 -4.59 37.16
C GLY E 212 7.73 -3.11 37.56
N THR E 213 6.65 -2.75 38.26
CA THR E 213 6.41 -1.37 38.63
C THR E 213 6.90 -1.01 40.02
N GLY E 214 6.64 -1.86 41.02
CA GLY E 214 6.83 -1.48 42.42
C GLY E 214 8.25 -1.54 42.95
N GLY E 215 9.20 -2.07 42.18
CA GLY E 215 10.53 -2.38 42.70
C GLY E 215 11.48 -1.21 42.89
N GLU E 216 11.18 -0.04 42.36
CA GLU E 216 12.16 1.05 42.31
C GLU E 216 12.38 1.73 43.66
N SER E 217 11.96 1.11 44.77
CA SER E 217 12.58 1.39 46.05
C SER E 217 14.01 0.87 46.08
N ARG E 218 14.29 -0.14 45.27
CA ARG E 218 15.63 -0.62 44.97
C ARG E 218 16.11 0.02 43.66
N ASP E 219 17.15 -0.54 43.06
CA ASP E 219 17.68 -0.06 41.79
C ASP E 219 16.86 -0.52 40.58
N LEU E 220 15.84 -1.33 40.77
CA LEU E 220 15.06 -1.88 39.67
C LEU E 220 14.26 -0.82 38.91
N PRO E 221 14.49 -0.59 37.63
CA PRO E 221 13.68 0.39 36.88
C PRO E 221 12.20 0.02 36.88
N SER E 222 11.38 0.95 37.35
CA SER E 222 9.93 0.74 37.30
C SER E 222 9.43 0.72 35.86
N GLY E 223 8.54 -0.23 35.56
CA GLY E 223 7.99 -0.39 34.23
C GLY E 223 6.63 -1.05 34.29
N GLN E 224 6.01 -1.15 33.12
CA GLN E 224 4.62 -1.60 32.98
C GLN E 224 4.47 -3.07 32.60
N GLY E 225 5.57 -3.79 32.42
CA GLY E 225 5.49 -5.16 31.93
C GLY E 225 4.59 -6.06 32.76
N ILE E 226 4.75 -6.04 34.08
CA ILE E 226 3.93 -6.90 34.93
C ILE E 226 2.45 -6.53 34.85
N ASN E 227 2.11 -5.24 34.89
CA ASN E 227 0.71 -4.89 34.82
C ASN E 227 0.10 -5.10 33.43
N ASN E 228 0.88 -4.92 32.36
CA ASN E 228 0.44 -5.39 31.05
C ASN E 228 0.16 -6.89 31.06
N LEU E 229 1.12 -7.66 31.55
CA LEU E 229 1.02 -9.12 31.53
C LEU E 229 -0.14 -9.63 32.39
N ASP E 230 -0.41 -8.97 33.51
CA ASP E 230 -1.59 -9.28 34.31
C ASP E 230 -2.89 -9.14 33.53
N ASN E 231 -3.00 -8.11 32.69
CA ASN E 231 -4.18 -7.97 31.84
C ASN E 231 -4.26 -8.96 30.67
N LEU E 232 -3.14 -9.51 30.20
CA LEU E 232 -3.14 -10.52 29.13
C LEU E 232 -3.57 -11.93 29.60
N ARG E 233 -4.30 -12.03 30.69
CA ARG E 233 -4.68 -13.29 31.33
C ARG E 233 -5.17 -14.40 30.39
N ASP E 234 -6.04 -14.09 29.42
CA ASP E 234 -6.53 -15.14 28.52
C ASP E 234 -5.45 -15.67 27.58
N TYR E 235 -4.44 -14.86 27.26
CA TYR E 235 -3.32 -15.37 26.49
C TYR E 235 -2.49 -16.36 27.31
N LEU E 236 -2.26 -16.06 28.59
CA LEU E 236 -1.50 -16.97 29.43
C LEU E 236 -2.22 -18.29 29.68
N ASP E 237 -3.49 -18.22 30.09
CA ASP E 237 -4.19 -19.45 30.48
C ASP E 237 -4.30 -20.44 29.33
N GLY E 238 -4.57 -19.96 28.11
CA GLY E 238 -4.66 -20.87 26.98
C GLY E 238 -5.87 -21.76 26.98
N SER E 239 -6.91 -21.41 27.72
CA SER E 239 -8.20 -22.10 27.62
C SER E 239 -8.91 -21.76 26.30
N VAL E 240 -8.89 -20.50 25.91
CA VAL E 240 -9.67 -20.01 24.77
C VAL E 240 -8.76 -19.40 23.71
N LYS E 241 -9.24 -19.45 22.46
CA LYS E 241 -8.53 -18.89 21.32
C LYS E 241 -8.63 -17.36 21.31
N VAL E 242 -7.51 -16.71 21.04
CA VAL E 242 -7.38 -15.25 21.05
C VAL E 242 -7.00 -14.74 19.68
N ASN E 243 -7.39 -13.49 19.40
CA ASN E 243 -7.05 -12.82 18.14
C ASN E 243 -5.64 -12.24 18.17
N LEU E 244 -4.85 -12.57 17.15
CA LEU E 244 -3.51 -12.00 16.99
C LEU E 244 -3.44 -11.29 15.64
N GLU E 245 -2.71 -10.17 15.58
CA GLU E 245 -2.60 -9.39 14.34
C GLU E 245 -1.16 -9.01 14.06
N LYS E 246 -0.67 -9.39 12.88
CA LYS E 246 0.58 -8.84 12.36
C LYS E 246 0.29 -7.59 11.55
N LYS E 247 1.25 -6.67 11.55
CA LYS E 247 1.08 -5.38 10.89
C LYS E 247 0.67 -5.55 9.43
N HIS E 248 -0.31 -4.75 9.00
CA HIS E 248 -0.92 -4.81 7.67
C HIS E 248 -1.68 -6.09 7.35
N LEU E 249 -1.88 -7.00 8.31
CA LEU E 249 -2.58 -8.24 8.04
C LEU E 249 -3.80 -8.39 8.94
N ASN E 250 -4.76 -9.18 8.47
CA ASN E 250 -5.98 -9.49 9.22
C ASN E 250 -5.67 -10.29 10.48
N LYS E 251 -6.61 -10.24 11.42
CA LYS E 251 -6.54 -11.05 12.64
C LYS E 251 -6.68 -12.53 12.34
N ARG E 252 -5.91 -13.35 13.08
CA ARG E 252 -6.08 -14.80 13.11
C ARG E 252 -6.35 -15.26 14.54
N THR E 253 -7.13 -16.34 14.65
CA THR E 253 -7.46 -16.94 15.95
C THR E 253 -6.62 -18.18 16.19
N GLN E 254 -5.99 -18.25 17.36
CA GLN E 254 -5.31 -19.46 17.80
C GLN E 254 -5.19 -19.44 19.32
N ILE E 255 -4.85 -20.60 19.89
CA ILE E 255 -4.35 -20.64 21.27
C ILE E 255 -2.98 -19.99 21.32
N PHE E 256 -2.81 -19.01 22.20
CA PHE E 256 -1.51 -18.35 22.29
C PHE E 256 -0.46 -19.36 22.77
N PRO E 257 0.73 -19.37 22.18
CA PRO E 257 1.70 -20.43 22.50
C PRO E 257 2.13 -20.39 23.95
N PRO E 258 2.53 -21.55 24.52
CA PRO E 258 3.19 -21.61 25.84
C PRO E 258 4.41 -20.72 25.97
N GLY E 259 4.98 -20.54 27.17
CA GLY E 259 6.17 -19.69 27.22
C GLY E 259 6.87 -19.59 28.57
N ILE E 260 7.79 -18.62 28.60
CA ILE E 260 8.66 -18.28 29.73
C ILE E 260 8.54 -16.79 30.00
N VAL E 261 8.50 -16.41 31.28
CA VAL E 261 8.67 -15.02 31.70
C VAL E 261 10.05 -14.89 32.34
N THR E 262 10.86 -13.96 31.81
CA THR E 262 12.18 -13.70 32.37
C THR E 262 12.16 -12.36 33.11
N MET E 263 12.49 -12.38 34.39
CA MET E 263 12.23 -11.28 35.29
C MET E 263 13.47 -10.94 36.11
N ASN E 264 13.75 -9.65 36.26
CA ASN E 264 14.49 -9.20 37.42
C ASN E 264 13.54 -9.17 38.62
N GLU E 265 14.12 -9.18 39.81
CA GLU E 265 13.37 -9.61 40.99
C GLU E 265 12.40 -8.57 41.58
N TYR E 266 11.51 -8.05 40.73
CA TYR E 266 10.37 -7.24 41.14
C TYR E 266 9.37 -8.05 41.98
N SER E 267 8.50 -7.33 42.68
CA SER E 267 7.31 -7.93 43.31
C SER E 267 6.28 -8.32 42.25
N VAL E 268 5.62 -9.45 42.48
CA VAL E 268 4.62 -10.01 41.56
C VAL E 268 3.29 -10.08 42.28
N PRO E 269 2.18 -9.62 41.68
CA PRO E 269 0.88 -9.75 42.33
C PRO E 269 0.41 -11.20 42.37
N LYS E 270 -0.44 -11.49 43.36
CA LYS E 270 -0.95 -12.84 43.57
C LYS E 270 -1.67 -13.38 42.35
N THR E 271 -2.38 -12.54 41.60
CA THR E 271 -3.16 -13.02 40.47
C THR E 271 -2.28 -13.44 39.30
N LEU E 272 -1.20 -12.70 39.05
CA LEU E 272 -0.27 -13.15 38.01
C LEU E 272 0.49 -14.39 38.45
N GLN E 273 0.92 -14.44 39.71
CA GLN E 273 1.71 -15.56 40.18
C GLN E 273 0.99 -16.90 40.00
N ALA E 274 -0.34 -16.91 40.15
CA ALA E 274 -1.08 -18.16 39.97
C ALA E 274 -0.99 -18.74 38.56
N ARG E 275 -0.64 -17.94 37.56
CA ARG E 275 -0.65 -18.41 36.17
C ARG E 275 0.68 -19.02 35.73
N PHE E 276 1.72 -18.97 36.54
CA PHE E 276 2.94 -19.70 36.31
C PHE E 276 2.91 -21.02 37.07
N VAL E 277 3.23 -22.11 36.39
CA VAL E 277 3.26 -23.41 37.06
C VAL E 277 4.50 -23.57 37.92
N LYS E 278 5.65 -23.05 37.49
CA LYS E 278 6.86 -23.11 38.28
C LYS E 278 7.61 -21.79 38.21
N GLN E 279 8.28 -21.46 39.31
CA GLN E 279 9.23 -20.37 39.36
C GLN E 279 10.62 -20.92 39.60
N ILE E 280 11.57 -20.49 38.78
CA ILE E 280 12.97 -20.86 38.95
C ILE E 280 13.70 -19.63 39.50
N ASP E 281 14.27 -19.79 40.67
CA ASP E 281 15.18 -18.77 41.23
C ASP E 281 16.57 -18.99 40.66
N PHE E 282 16.92 -18.23 39.63
CA PHE E 282 18.31 -18.12 39.23
C PHE E 282 19.08 -17.27 40.25
N ARG E 283 20.28 -17.70 40.60
CA ARG E 283 21.11 -16.95 41.53
C ARG E 283 22.54 -16.80 41.02
N PRO E 284 23.20 -15.70 41.34
CA PRO E 284 24.58 -15.49 40.87
C PRO E 284 25.55 -16.46 41.51
N LYS E 285 26.40 -17.08 40.69
CA LYS E 285 27.40 -18.03 41.16
C LYS E 285 28.79 -17.54 40.75
N ASP E 286 29.61 -17.20 41.75
CA ASP E 286 30.93 -16.64 41.49
C ASP E 286 31.84 -17.60 40.74
N TYR E 287 31.79 -18.89 41.09
CA TYR E 287 32.65 -19.85 40.39
C TYR E 287 32.28 -20.01 38.92
N LEU E 288 31.00 -19.88 38.57
CA LEU E 288 30.64 -19.81 37.16
C LEU E 288 31.15 -18.52 36.51
N LYS E 289 31.07 -17.40 37.22
CA LYS E 289 31.62 -16.16 36.67
C LYS E 289 33.06 -16.31 36.23
N HIS E 290 33.93 -16.80 37.13
CA HIS E 290 35.35 -16.95 36.81
C HIS E 290 35.61 -18.06 35.79
N CYS E 291 34.80 -19.12 35.81
CA CYS E 291 34.91 -20.16 34.79
C CYS E 291 34.67 -19.62 33.39
N LEU E 292 33.68 -18.75 33.22
CA LEU E 292 33.40 -18.15 31.92
C LEU E 292 34.62 -17.43 31.36
N GLU E 293 35.21 -16.55 32.16
CA GLU E 293 36.38 -15.78 31.73
C GLU E 293 37.53 -16.69 31.31
N ARG E 294 37.73 -17.79 32.00
CA ARG E 294 38.81 -18.73 31.73
C ARG E 294 38.49 -19.75 30.63
N SER E 295 37.37 -19.61 29.89
CA SER E 295 36.96 -20.63 28.93
C SER E 295 36.27 -20.05 27.69
N GLU E 296 36.53 -18.79 27.36
CA GLU E 296 35.61 -17.92 26.64
C GLU E 296 35.15 -18.40 25.26
N PHE E 297 35.77 -19.41 24.65
CA PHE E 297 35.23 -19.93 23.38
C PHE E 297 33.76 -20.37 23.49
N LEU E 298 33.31 -20.75 24.68
CA LEU E 298 31.90 -20.98 24.93
C LEU E 298 31.03 -19.80 24.52
N LEU E 299 31.50 -18.59 24.78
CA LEU E 299 30.78 -17.40 24.34
C LEU E 299 31.06 -17.06 22.88
N GLU E 300 32.28 -17.29 22.42
CA GLU E 300 32.64 -16.89 21.06
C GLU E 300 31.87 -17.64 19.99
N LYS E 301 31.52 -18.91 20.22
CA LYS E 301 30.66 -19.64 19.29
C LYS E 301 29.28 -19.93 19.87
N ARG E 302 28.93 -19.25 20.97
CA ARG E 302 27.61 -19.33 21.63
C ARG E 302 27.12 -20.76 21.90
N ILE E 303 28.06 -21.65 22.24
CA ILE E 303 27.69 -23.00 22.62
C ILE E 303 26.69 -23.00 23.78
N ILE E 304 26.97 -22.27 24.85
CA ILE E 304 26.07 -22.27 26.02
C ILE E 304 24.75 -21.55 25.78
N GLN E 305 24.51 -21.07 24.57
CA GLN E 305 23.21 -20.52 24.22
C GLN E 305 22.57 -21.26 23.04
N SER E 306 23.23 -22.28 22.52
CA SER E 306 22.71 -23.04 21.39
C SER E 306 21.73 -24.11 21.86
N GLY E 307 20.72 -24.36 21.04
CA GLY E 307 19.81 -25.47 21.30
C GLY E 307 20.48 -26.82 21.20
N ILE E 308 21.48 -26.95 20.33
CA ILE E 308 22.21 -28.20 20.19
C ILE E 308 22.95 -28.56 21.48
N ALA E 309 23.43 -27.57 22.22
CA ALA E 309 24.04 -27.87 23.52
C ALA E 309 23.04 -28.47 24.52
N LEU E 310 21.81 -27.97 24.56
CA LEU E 310 20.80 -28.60 25.42
C LEU E 310 20.42 -29.99 24.92
N LEU E 311 20.36 -30.17 23.61
CA LEU E 311 20.05 -31.50 23.07
C LEU E 311 21.14 -32.50 23.44
N LEU E 312 22.40 -32.08 23.39
CA LEU E 312 23.48 -32.90 23.92
C LEU E 312 23.30 -33.22 25.40
N MET E 313 22.82 -32.26 26.19
CA MET E 313 22.54 -32.56 27.60
C MET E 313 21.45 -33.61 27.76
N LEU E 314 20.37 -33.52 26.98
CA LEU E 314 19.35 -34.56 27.04
C LEU E 314 19.89 -35.90 26.57
N ILE E 315 20.69 -35.91 25.51
CA ILE E 315 21.29 -37.15 25.03
C ILE E 315 22.22 -37.75 26.09
N TRP E 316 22.99 -36.92 26.78
CA TRP E 316 23.91 -37.46 27.78
C TRP E 316 23.17 -37.92 29.03
N TYR E 317 22.26 -37.10 29.57
CA TYR E 317 21.65 -37.40 30.86
C TYR E 317 20.40 -38.27 30.82
N ARG E 318 19.50 -38.08 29.86
CA ARG E 318 18.21 -38.78 29.92
C ARG E 318 18.19 -40.10 29.16
N PRO E 319 17.34 -41.04 29.59
CA PRO E 319 17.29 -42.36 28.96
C PRO E 319 16.67 -42.32 27.56
N VAL E 320 17.02 -43.34 26.78
CA VAL E 320 16.50 -43.45 25.41
C VAL E 320 14.98 -43.48 25.39
N ALA E 321 14.36 -44.14 26.36
CA ALA E 321 12.91 -44.32 26.34
C ALA E 321 12.12 -43.02 26.45
N GLU E 322 12.71 -41.95 26.96
CA GLU E 322 12.00 -40.68 27.07
C GLU E 322 11.94 -39.91 25.75
N PHE E 323 12.80 -40.23 24.79
CA PHE E 323 12.70 -39.69 23.46
C PHE E 323 11.64 -40.40 22.62
N ALA E 324 11.07 -39.67 21.67
CA ALA E 324 10.03 -40.20 20.80
C ALA E 324 10.52 -41.43 20.05
N GLN E 325 9.62 -42.41 19.89
CA GLN E 325 9.99 -43.68 19.26
C GLN E 325 10.60 -43.50 17.87
N SER E 326 10.15 -42.51 17.11
CA SER E 326 10.72 -42.26 15.78
C SER E 326 12.19 -41.87 15.82
N ILE E 327 12.63 -41.17 16.87
CA ILE E 327 14.01 -40.68 16.93
C ILE E 327 14.93 -41.54 17.78
N GLN E 328 14.40 -42.50 18.54
CA GLN E 328 15.23 -43.33 19.42
C GLN E 328 16.39 -44.02 18.70
N SER E 329 16.22 -44.39 17.43
CA SER E 329 17.34 -44.99 16.71
C SER E 329 18.49 -44.02 16.52
N ARG E 330 18.20 -42.79 16.12
CA ARG E 330 19.25 -41.78 15.96
C ARG E 330 19.80 -41.33 17.31
N ILE E 331 18.97 -41.31 18.34
CA ILE E 331 19.44 -41.02 19.70
C ILE E 331 20.37 -42.11 20.22
N VAL E 332 20.09 -43.39 19.93
CA VAL E 332 21.01 -44.45 20.35
C VAL E 332 22.35 -44.33 19.65
N GLU E 333 22.36 -44.03 18.36
CA GLU E 333 23.62 -43.74 17.67
C GLU E 333 24.35 -42.58 18.31
N TRP E 334 23.66 -41.50 18.63
CA TRP E 334 24.30 -40.34 19.26
C TRP E 334 24.74 -40.59 20.70
N LYS E 335 23.99 -41.36 21.48
CA LYS E 335 24.50 -41.76 22.80
C LYS E 335 25.84 -42.48 22.70
N GLU E 336 25.93 -43.45 21.80
CA GLU E 336 27.16 -44.22 21.66
C GLU E 336 28.35 -43.35 21.21
N ARG E 337 28.11 -42.38 20.33
CA ARG E 337 29.17 -41.43 19.98
C ARG E 337 29.66 -40.63 21.17
N LEU E 338 28.78 -40.20 22.06
CA LEU E 338 29.25 -39.53 23.27
C LEU E 338 29.94 -40.49 24.24
N ASP E 339 29.38 -41.68 24.43
CA ASP E 339 30.00 -42.63 25.35
C ASP E 339 31.42 -43.01 24.93
N LYS E 340 31.64 -43.27 23.64
CA LYS E 340 32.95 -43.70 23.19
C LYS E 340 33.98 -42.59 23.20
N GLU E 341 33.55 -41.32 23.22
CA GLU E 341 34.50 -40.22 23.28
C GLU E 341 34.70 -39.64 24.67
N PHE E 342 33.70 -39.76 25.55
CA PHE E 342 33.80 -39.23 26.91
C PHE E 342 33.47 -40.32 27.92
N SER E 343 34.45 -40.65 28.76
CA SER E 343 34.16 -41.42 29.96
C SER E 343 33.49 -40.53 31.01
N LEU E 344 32.65 -41.16 31.83
CA LEU E 344 31.99 -40.45 32.92
C LEU E 344 32.99 -39.79 33.85
N SER E 345 34.17 -40.40 34.02
CA SER E 345 35.23 -39.77 34.80
C SER E 345 35.74 -38.49 34.17
N VAL E 346 35.97 -38.50 32.85
CA VAL E 346 36.42 -37.27 32.18
C VAL E 346 35.34 -36.19 32.24
N TYR E 347 34.09 -36.57 32.01
CA TYR E 347 33.02 -35.59 32.09
C TYR E 347 32.83 -35.07 33.51
N GLN E 348 32.88 -35.95 34.51
CA GLN E 348 32.81 -35.49 35.89
C GLN E 348 33.95 -34.55 36.24
N LYS E 349 35.13 -34.80 35.69
CA LYS E 349 36.24 -33.85 35.85
C LYS E 349 35.93 -32.49 35.22
N MET E 350 35.27 -32.46 34.06
CA MET E 350 34.84 -31.19 33.51
C MET E 350 33.88 -30.46 34.45
N LYS E 351 32.85 -31.16 34.95
CA LYS E 351 31.97 -30.53 35.93
C LYS E 351 32.74 -30.08 37.18
N PHE E 352 33.68 -30.91 37.65
CA PHE E 352 34.50 -30.49 38.79
C PHE E 352 35.29 -29.23 38.47
N ASN E 353 35.94 -29.19 37.30
CA ASN E 353 36.67 -27.99 36.90
C ASN E 353 35.77 -26.77 36.88
N VAL E 354 34.59 -26.89 36.26
CA VAL E 354 33.61 -25.80 36.27
C VAL E 354 33.27 -25.40 37.69
N ALA E 355 32.98 -26.38 38.55
CA ALA E 355 32.67 -26.08 39.94
C ALA E 355 33.84 -25.44 40.67
N MET E 356 35.08 -25.74 40.26
CA MET E 356 36.27 -25.13 40.84
C MET E 356 36.60 -23.78 40.22
N GLY E 357 35.85 -23.32 39.23
CA GLY E 357 36.22 -22.12 38.51
C GLY E 357 37.43 -22.29 37.61
N ILE E 358 37.85 -23.53 37.39
CA ILE E 358 38.91 -23.85 36.45
C ILE E 358 38.27 -23.92 35.06
N GLY E 359 38.57 -22.93 34.21
CA GLY E 359 38.04 -22.96 32.86
C GLY E 359 38.65 -24.01 31.96
N VAL E 360 39.78 -24.60 32.38
CA VAL E 360 40.47 -25.59 31.57
C VAL E 360 39.62 -26.84 31.39
N LEU E 361 39.59 -27.34 30.15
CA LEU E 361 38.70 -28.43 29.78
C LEU E 361 39.25 -29.79 30.18
N ASP E 362 40.58 -29.94 30.24
CA ASP E 362 41.22 -31.23 30.54
C ASP E 362 40.60 -32.37 29.74
N LYS F 1 15.91 -17.71 -36.72
CA LYS F 1 16.67 -18.51 -35.76
C LYS F 1 16.47 -17.96 -34.34
N GLN F 2 16.64 -18.81 -33.33
CA GLN F 2 16.40 -18.41 -31.95
C GLN F 2 17.58 -17.69 -31.31
N VAL F 3 17.27 -16.88 -30.30
CA VAL F 3 18.28 -16.36 -29.37
C VAL F 3 18.75 -17.47 -28.45
N SER F 4 20.06 -17.54 -28.22
CA SER F 4 20.57 -18.33 -27.10
C SER F 4 20.43 -17.54 -25.80
N TRP F 5 19.47 -17.92 -24.96
CA TRP F 5 19.34 -17.27 -23.66
C TRP F 5 20.55 -17.59 -22.77
N LYS F 6 21.18 -18.74 -22.98
CA LYS F 6 22.36 -19.14 -22.21
C LYS F 6 23.58 -18.26 -22.47
N LEU F 7 23.76 -17.77 -23.70
CA LEU F 7 24.82 -16.79 -23.95
C LEU F 7 24.57 -15.46 -23.23
N VAL F 8 23.31 -15.04 -23.12
CA VAL F 8 23.03 -13.82 -22.36
C VAL F 8 23.31 -14.05 -20.87
N THR F 9 22.92 -15.21 -20.36
CA THR F 9 23.19 -15.55 -18.97
C THR F 9 24.68 -15.70 -18.70
N GLU F 10 25.42 -16.24 -19.66
CA GLU F 10 26.88 -16.27 -19.58
C GLU F 10 27.51 -14.88 -19.56
N TYR F 11 27.01 -13.95 -20.37
CA TYR F 11 27.49 -12.56 -20.28
C TYR F 11 27.16 -11.91 -18.94
N ALA F 12 25.95 -12.12 -18.42
CA ALA F 12 25.59 -11.55 -17.13
C ALA F 12 26.47 -12.10 -16.02
N MET F 13 26.76 -13.39 -16.06
CA MET F 13 27.63 -14.02 -15.08
C MET F 13 29.08 -13.53 -15.20
N GLU F 14 29.58 -13.43 -16.42
CA GLU F 14 30.91 -12.87 -16.65
C GLU F 14 31.06 -11.47 -16.06
N THR F 15 30.09 -10.59 -16.33
CA THR F 15 30.18 -9.20 -15.88
C THR F 15 29.51 -8.96 -14.54
N LYS F 16 28.95 -10.00 -13.91
CA LYS F 16 28.25 -9.91 -12.63
C LYS F 16 27.15 -8.83 -12.62
N CYS F 17 26.45 -8.72 -13.74
CA CYS F 17 25.42 -7.71 -13.93
C CYS F 17 24.13 -8.17 -13.25
N ASP F 18 23.64 -7.39 -12.29
CA ASP F 18 22.39 -7.71 -11.62
C ASP F 18 21.34 -6.60 -11.81
N ASP F 19 21.54 -5.73 -12.79
CA ASP F 19 20.56 -4.71 -13.16
C ASP F 19 20.00 -5.06 -14.55
N VAL F 20 18.68 -5.23 -14.63
CA VAL F 20 18.06 -5.72 -15.85
C VAL F 20 18.17 -4.71 -17.01
N LEU F 21 18.03 -3.42 -16.72
CA LEU F 21 18.17 -2.41 -17.78
C LEU F 21 19.62 -2.23 -18.22
N LEU F 22 20.58 -2.37 -17.32
CA LEU F 22 21.99 -2.30 -17.72
C LEU F 22 22.37 -3.47 -18.61
N LEU F 23 21.87 -4.67 -18.30
CA LEU F 23 22.12 -5.81 -19.16
C LEU F 23 21.51 -5.62 -20.55
N LEU F 24 20.28 -5.11 -20.62
CA LEU F 24 19.66 -4.83 -21.91
C LEU F 24 20.47 -3.79 -22.69
N GLY F 25 20.86 -2.71 -22.01
CA GLY F 25 21.68 -1.69 -22.64
C GLY F 25 23.01 -2.20 -23.14
N MET F 26 23.74 -2.90 -22.27
CA MET F 26 25.03 -3.49 -22.66
C MET F 26 24.89 -4.42 -23.85
N TYR F 27 23.98 -5.40 -23.77
CA TYR F 27 23.93 -6.42 -24.80
C TYR F 27 23.45 -5.88 -26.15
N LEU F 28 22.60 -4.86 -26.16
CA LEU F 28 22.20 -4.25 -27.42
C LEU F 28 23.36 -3.55 -28.14
N GLU F 29 24.38 -3.09 -27.41
CA GLU F 29 25.54 -2.51 -28.07
C GLU F 29 26.31 -3.50 -28.92
N PHE F 30 26.10 -4.79 -28.70
CA PHE F 30 26.72 -5.82 -29.53
C PHE F 30 26.03 -6.02 -30.88
N GLN F 31 24.86 -5.43 -31.12
CA GLN F 31 24.15 -5.69 -32.37
C GLN F 31 24.85 -5.10 -33.60
N TYR F 32 25.68 -4.08 -33.42
CA TYR F 32 26.48 -3.55 -34.52
C TYR F 32 27.73 -4.41 -34.75
N SER F 33 28.17 -4.50 -36.00
CA SER F 33 29.26 -5.41 -36.33
C SER F 33 30.58 -4.95 -35.72
N PHE F 34 31.28 -5.89 -35.08
CA PHE F 34 32.41 -5.55 -34.23
C PHE F 34 33.62 -5.06 -35.01
N GLU F 35 33.74 -5.43 -36.28
CA GLU F 35 34.97 -5.19 -37.02
C GLU F 35 35.20 -3.69 -37.28
N MET F 36 34.14 -2.90 -37.33
CA MET F 36 34.24 -1.46 -37.47
C MET F 36 33.92 -0.72 -36.16
N CYS F 37 33.76 -1.44 -35.07
CA CYS F 37 33.25 -0.90 -33.81
C CYS F 37 34.27 0.00 -33.12
N LEU F 38 33.96 1.30 -33.05
CA LEU F 38 34.84 2.27 -32.40
C LEU F 38 35.09 1.96 -30.93
N LYS F 39 34.07 1.45 -30.22
CA LYS F 39 34.24 1.17 -28.80
C LYS F 39 35.22 0.03 -28.55
N CYS F 40 35.25 -0.96 -29.43
CA CYS F 40 36.28 -1.98 -29.39
C CYS F 40 37.64 -1.42 -29.81
N ILE F 41 37.66 -0.62 -30.87
CA ILE F 41 38.92 -0.08 -31.37
C ILE F 41 39.60 0.79 -30.32
N LYS F 42 38.82 1.67 -29.67
CA LYS F 42 39.38 2.50 -28.60
C LYS F 42 39.66 1.73 -27.31
N LYS F 43 39.10 0.54 -27.14
CA LYS F 43 39.12 -0.19 -25.87
C LYS F 43 38.74 0.69 -24.69
N GLU F 44 37.59 1.35 -24.81
CA GLU F 44 37.13 2.27 -23.77
C GLU F 44 36.79 1.53 -22.49
N GLN F 45 35.85 0.59 -22.59
CA GLN F 45 35.22 -0.07 -21.46
C GLN F 45 35.46 -1.58 -21.53
N PRO F 46 36.06 -2.20 -20.52
CA PRO F 46 36.41 -3.62 -20.65
C PRO F 46 35.21 -4.54 -20.79
N SER F 47 34.07 -4.17 -20.19
CA SER F 47 32.83 -4.93 -20.31
C SER F 47 32.25 -4.93 -21.71
N HIS F 48 32.76 -4.11 -22.63
CA HIS F 48 32.37 -4.18 -24.03
C HIS F 48 33.40 -4.88 -24.90
N TYR F 49 34.64 -4.39 -24.91
CA TYR F 49 35.60 -4.86 -25.90
C TYR F 49 36.09 -6.27 -25.65
N LYS F 50 35.96 -6.80 -24.44
CA LYS F 50 36.22 -8.22 -24.24
C LYS F 50 35.20 -9.09 -24.97
N TYR F 51 33.94 -8.69 -24.92
CA TYR F 51 32.83 -9.60 -25.16
C TYR F 51 32.13 -9.42 -26.51
N HIS F 52 32.28 -8.28 -27.16
CA HIS F 52 31.52 -7.98 -28.36
C HIS F 52 31.69 -9.05 -29.45
N GLU F 53 32.94 -9.43 -29.76
CA GLU F 53 33.15 -10.39 -30.86
C GLU F 53 32.44 -11.71 -30.61
N LYS F 54 32.47 -12.17 -29.37
CA LYS F 54 31.81 -13.41 -28.99
C LYS F 54 30.30 -13.34 -29.12
N HIS F 55 29.70 -12.28 -28.58
CA HIS F 55 28.25 -12.17 -28.46
C HIS F 55 27.58 -11.49 -29.65
N TYR F 56 28.33 -10.93 -30.59
CA TYR F 56 27.75 -10.24 -31.75
C TYR F 56 26.67 -11.05 -32.45
N ALA F 57 26.99 -12.29 -32.81
CA ALA F 57 26.04 -13.09 -33.59
C ALA F 57 24.71 -13.25 -32.86
N ASN F 58 24.77 -13.48 -31.56
CA ASN F 58 23.57 -13.62 -30.75
C ASN F 58 22.85 -12.29 -30.53
N ALA F 59 23.61 -11.21 -30.38
CA ALA F 59 23.00 -9.90 -30.21
C ALA F 59 22.23 -9.42 -31.44
N ALA F 60 22.66 -9.80 -32.64
CA ALA F 60 21.88 -9.46 -33.83
C ALA F 60 20.50 -10.12 -33.79
N ILE F 61 20.44 -11.38 -33.38
CA ILE F 61 19.17 -12.10 -33.26
C ILE F 61 18.37 -11.59 -32.07
N PHE F 62 19.05 -11.24 -30.98
CA PHE F 62 18.41 -10.64 -29.81
C PHE F 62 17.76 -9.29 -30.13
N ALA F 63 18.41 -8.47 -30.96
CA ALA F 63 17.82 -7.20 -31.37
C ALA F 63 16.52 -7.37 -32.14
N ASP F 64 16.35 -8.45 -32.90
CA ASP F 64 15.07 -8.72 -33.55
C ASP F 64 14.01 -9.33 -32.64
N SER F 65 14.38 -9.86 -31.48
CA SER F 65 13.43 -10.59 -30.65
C SER F 65 12.40 -9.67 -29.99
N LYS F 66 11.27 -10.25 -29.63
CA LYS F 66 10.11 -9.53 -29.10
C LYS F 66 9.94 -9.66 -27.59
N ASN F 67 10.86 -10.32 -26.89
CA ASN F 67 10.74 -10.55 -25.46
C ASN F 67 12.06 -10.22 -24.75
N GLN F 68 12.71 -9.14 -25.18
CA GLN F 68 14.07 -8.84 -24.74
C GLN F 68 14.21 -8.72 -23.22
N LYS F 69 13.26 -8.08 -22.54
CA LYS F 69 13.42 -7.93 -21.09
C LYS F 69 13.14 -9.21 -20.31
N THR F 70 12.39 -10.15 -20.88
CA THR F 70 12.27 -11.47 -20.28
C THR F 70 13.60 -12.21 -20.32
N ILE F 71 14.28 -12.17 -21.45
CA ILE F 71 15.59 -12.81 -21.56
C ILE F 71 16.58 -12.23 -20.54
N CYS F 72 16.54 -10.92 -20.36
CA CYS F 72 17.41 -10.26 -19.38
C CYS F 72 17.03 -10.55 -17.93
N GLN F 73 15.74 -10.63 -17.64
CA GLN F 73 15.31 -10.99 -16.28
C GLN F 73 15.91 -12.33 -15.86
N GLN F 74 15.82 -13.34 -16.71
CA GLN F 74 16.36 -14.64 -16.35
C GLN F 74 17.87 -14.58 -16.15
N ALA F 75 18.57 -13.84 -16.99
CA ALA F 75 20.01 -13.67 -16.83
C ALA F 75 20.36 -12.97 -15.52
N VAL F 76 19.67 -11.87 -15.21
CA VAL F 76 19.86 -11.20 -13.92
C VAL F 76 19.53 -12.12 -12.75
N ASP F 77 18.43 -12.87 -12.83
CA ASP F 77 18.07 -13.77 -11.74
C ASP F 77 19.10 -14.88 -11.55
N THR F 78 19.77 -15.32 -12.61
CA THR F 78 20.86 -16.26 -12.46
C THR F 78 22.01 -15.67 -11.63
N VAL F 79 22.34 -14.40 -11.88
CA VAL F 79 23.40 -13.73 -11.12
C VAL F 79 22.99 -13.49 -9.67
N LEU F 80 21.75 -13.04 -9.45
CA LEU F 80 21.24 -12.92 -8.08
C LEU F 80 21.18 -14.26 -7.36
N ALA F 81 20.85 -15.33 -8.08
CA ALA F 81 20.87 -16.66 -7.48
C ALA F 81 22.27 -17.10 -7.06
N LYS F 82 23.28 -16.82 -7.88
CA LYS F 82 24.65 -17.11 -7.44
C LYS F 82 25.04 -16.29 -6.21
N LYS F 83 24.72 -14.99 -6.17
CA LYS F 83 25.02 -14.20 -4.99
C LYS F 83 24.32 -14.75 -3.74
N ARG F 84 23.08 -15.20 -3.90
CA ARG F 84 22.36 -15.82 -2.80
C ARG F 84 23.02 -17.12 -2.33
N VAL F 85 23.42 -17.98 -3.27
CA VAL F 85 24.06 -19.24 -2.91
C VAL F 85 25.38 -19.00 -2.18
N ASP F 86 26.23 -18.14 -2.72
CA ASP F 86 27.52 -17.90 -2.09
C ASP F 86 27.38 -17.23 -0.73
N SER F 87 26.36 -16.41 -0.53
CA SER F 87 26.04 -15.88 0.79
C SER F 87 25.75 -16.97 1.82
N LEU F 88 24.96 -17.97 1.46
CA LEU F 88 24.68 -19.06 2.40
C LEU F 88 25.81 -20.08 2.48
N GLN F 89 26.49 -20.36 1.37
CA GLN F 89 27.51 -21.42 1.40
C GLN F 89 28.88 -20.99 1.90
N LEU F 90 29.39 -19.83 1.49
CA LEU F 90 30.81 -19.55 1.67
C LEU F 90 31.19 -19.34 3.14
N THR F 91 32.34 -19.91 3.51
CA THR F 91 32.98 -19.55 4.77
C THR F 91 33.41 -18.08 4.71
N ARG F 92 33.23 -17.38 5.82
CA ARG F 92 33.29 -15.93 5.82
C ARG F 92 34.67 -15.36 5.55
N GLU F 93 35.74 -16.15 5.67
CA GLU F 93 37.04 -15.71 5.18
C GLU F 93 37.15 -15.82 3.67
N GLN F 94 36.49 -16.81 3.06
CA GLN F 94 36.47 -16.88 1.60
C GLN F 94 35.68 -15.73 1.00
N MET F 95 34.62 -15.28 1.67
CA MET F 95 33.91 -14.09 1.22
C MET F 95 34.85 -12.89 1.11
N LEU F 96 35.56 -12.57 2.19
CA LEU F 96 36.49 -11.43 2.15
C LEU F 96 37.64 -11.65 1.16
N THR F 97 38.13 -12.89 1.04
CA THR F 97 39.17 -13.18 0.06
C THR F 97 38.70 -12.95 -1.37
N ASN F 98 37.47 -13.38 -1.69
CA ASN F 98 36.89 -13.08 -3.00
C ASN F 98 36.80 -11.59 -3.25
N ARG F 99 36.41 -10.84 -2.23
CA ARG F 99 36.26 -9.39 -2.33
C ARG F 99 37.61 -8.70 -2.52
N PHE F 100 38.64 -9.17 -1.84
CA PHE F 100 39.99 -8.69 -2.15
C PHE F 100 40.41 -9.02 -3.56
N ASN F 101 40.11 -10.23 -4.03
CA ASN F 101 40.60 -10.67 -5.34
C ASN F 101 40.08 -9.80 -6.49
N ASP F 102 38.82 -9.39 -6.48
CA ASP F 102 38.36 -8.48 -7.53
C ASP F 102 38.64 -7.00 -7.25
N LEU F 103 38.94 -6.61 -6.01
CA LEU F 103 39.60 -5.32 -5.81
C LEU F 103 41.01 -5.33 -6.42
N LEU F 104 41.73 -6.44 -6.28
CA LEU F 104 43.03 -6.56 -6.96
C LEU F 104 42.89 -6.64 -8.48
N ASP F 105 41.89 -7.34 -9.02
CA ASP F 105 41.61 -7.22 -10.45
C ASP F 105 41.34 -5.77 -10.86
N ARG F 106 40.59 -5.05 -10.05
CA ARG F 106 40.28 -3.66 -10.37
C ARG F 106 41.54 -2.80 -10.34
N MET F 107 42.39 -2.99 -9.33
CA MET F 107 43.68 -2.31 -9.30
C MET F 107 44.51 -2.63 -10.54
N ASP F 108 44.58 -3.90 -10.93
CA ASP F 108 45.44 -4.29 -12.04
C ASP F 108 45.05 -3.62 -13.37
N ILE F 109 43.77 -3.40 -13.62
CA ILE F 109 43.39 -2.62 -14.80
C ILE F 109 43.54 -1.12 -14.61
N MET F 110 43.50 -0.60 -13.37
CA MET F 110 43.70 0.83 -13.18
C MET F 110 45.11 1.26 -13.55
N PHE F 111 46.11 0.49 -13.15
CA PHE F 111 47.50 0.89 -13.22
C PHE F 111 48.24 0.25 -14.40
N GLY F 112 47.52 -0.13 -15.45
CA GLY F 112 48.12 -0.79 -16.60
C GLY F 112 48.35 0.13 -17.79
N SER F 113 48.65 -0.51 -18.93
CA SER F 113 48.89 0.21 -20.19
C SER F 113 47.69 1.04 -20.62
N THR F 114 46.47 0.55 -20.38
CA THR F 114 45.26 1.32 -20.61
C THR F 114 44.83 2.09 -19.36
N GLY F 115 45.75 2.24 -18.41
CA GLY F 115 45.44 2.75 -17.10
C GLY F 115 45.09 4.23 -17.10
N SER F 116 44.63 4.69 -15.92
CA SER F 116 44.11 6.03 -15.76
C SER F 116 44.32 6.54 -14.34
N ALA F 117 45.40 6.13 -13.67
CA ALA F 117 45.65 6.49 -12.29
C ALA F 117 47.15 6.52 -12.02
N ASP F 118 47.54 7.28 -11.01
CA ASP F 118 48.93 7.43 -10.59
C ASP F 118 49.13 6.81 -9.20
N ILE F 119 50.06 5.86 -9.10
CA ILE F 119 50.31 5.17 -7.84
C ILE F 119 50.86 6.13 -6.77
N GLU F 120 51.52 7.21 -7.18
CA GLU F 120 51.97 8.19 -6.20
C GLU F 120 50.82 8.95 -5.57
N GLU F 121 49.78 9.26 -6.34
CA GLU F 121 48.61 9.90 -5.75
C GLU F 121 47.88 8.95 -4.82
N TRP F 122 47.70 7.70 -5.25
CA TRP F 122 47.01 6.72 -4.42
C TRP F 122 47.79 6.35 -3.17
N MET F 123 49.12 6.24 -3.27
CA MET F 123 49.95 6.10 -2.07
C MET F 123 50.03 7.37 -1.23
N ALA F 124 49.95 8.54 -1.85
CA ALA F 124 49.79 9.75 -1.05
C ALA F 124 48.50 9.73 -0.27
N GLY F 125 47.45 9.15 -0.84
CA GLY F 125 46.25 8.86 -0.06
C GLY F 125 46.50 7.94 1.12
N VAL F 126 47.26 6.87 0.92
CA VAL F 126 47.63 5.99 2.03
C VAL F 126 48.38 6.76 3.12
N ALA F 127 49.36 7.57 2.72
CA ALA F 127 50.09 8.35 3.69
C ALA F 127 49.18 9.31 4.46
N TRP F 128 48.27 10.00 3.77
CA TRP F 128 47.31 10.86 4.45
C TRP F 128 46.38 10.05 5.35
N LEU F 129 45.84 8.96 4.83
CA LEU F 129 44.82 8.21 5.55
C LEU F 129 45.38 7.49 6.77
N HIS F 130 46.65 7.08 6.72
CA HIS F 130 47.31 6.52 7.89
C HIS F 130 47.45 7.51 9.04
N CYS F 131 47.38 8.82 8.80
CA CYS F 131 47.47 9.80 9.87
C CYS F 131 46.18 9.93 10.70
N LEU F 132 45.05 9.51 10.16
CA LEU F 132 43.76 9.91 10.73
C LEU F 132 43.54 9.37 12.14
N LEU F 133 44.08 8.20 12.46
CA LEU F 133 43.88 7.57 13.76
C LEU F 133 45.20 6.99 14.25
N PRO F 134 45.35 6.80 15.56
CA PRO F 134 46.50 6.05 16.08
C PRO F 134 46.60 4.65 15.48
N LYS F 135 47.76 4.36 14.89
CA LYS F 135 48.09 3.03 14.35
C LYS F 135 46.99 2.45 13.46
N MET F 136 46.68 3.20 12.41
CA MET F 136 45.56 2.88 11.51
C MET F 136 45.67 1.49 10.88
N ASP F 137 46.88 1.02 10.59
CA ASP F 137 47.05 -0.34 10.06
C ASP F 137 46.58 -1.41 11.03
N SER F 138 46.85 -1.22 12.32
CA SER F 138 46.34 -2.14 13.32
C SER F 138 44.82 -2.03 13.46
N VAL F 139 44.29 -0.81 13.41
CA VAL F 139 42.84 -0.63 13.47
C VAL F 139 42.12 -1.34 12.32
N VAL F 140 42.62 -1.21 11.09
CA VAL F 140 41.98 -1.90 9.97
C VAL F 140 42.13 -3.41 10.09
N TYR F 141 43.25 -3.89 10.59
CA TYR F 141 43.37 -5.32 10.86
C TYR F 141 42.42 -5.79 11.97
N ASP F 142 42.24 -4.99 13.03
CA ASP F 142 41.23 -5.31 14.03
C ASP F 142 39.82 -5.31 13.45
N PHE F 143 39.48 -4.30 12.66
CA PHE F 143 38.14 -4.25 12.07
C PHE F 143 37.88 -5.46 11.17
N LEU F 144 38.80 -5.75 10.26
CA LEU F 144 38.61 -6.91 9.37
C LEU F 144 38.56 -8.22 10.15
N LYS F 145 39.35 -8.36 11.21
CA LYS F 145 39.23 -9.56 12.05
C LYS F 145 37.84 -9.66 12.67
N CYS F 146 37.33 -8.57 13.22
CA CYS F 146 35.96 -8.59 13.74
C CYS F 146 34.95 -8.95 12.66
N MET F 147 35.09 -8.39 11.46
CA MET F 147 34.10 -8.67 10.43
C MET F 147 34.17 -10.10 9.88
N VAL F 148 35.34 -10.74 9.85
CA VAL F 148 35.33 -12.15 9.48
C VAL F 148 34.85 -13.04 10.62
N TYR F 149 35.21 -12.74 11.87
CA TYR F 149 34.78 -13.60 12.97
C TYR F 149 33.30 -13.44 13.30
N ASN F 150 32.75 -12.24 13.19
CA ASN F 150 31.31 -12.04 13.29
C ASN F 150 30.70 -12.60 14.59
N ILE F 151 31.37 -12.38 15.72
CA ILE F 151 30.97 -12.88 17.04
C ILE F 151 29.64 -12.25 17.51
N PRO F 152 28.60 -13.04 17.81
CA PRO F 152 27.32 -12.46 18.23
C PRO F 152 27.39 -11.50 19.42
N LYS F 153 26.56 -10.45 19.36
CA LYS F 153 26.60 -9.28 20.23
C LYS F 153 27.92 -8.51 20.25
N LYS F 154 28.88 -8.92 19.43
CA LYS F 154 30.18 -8.27 19.34
C LYS F 154 30.49 -7.95 17.88
N ARG F 155 29.48 -7.47 17.15
CA ARG F 155 29.48 -7.41 15.70
C ARG F 155 29.64 -6.00 15.12
N TYR F 156 29.38 -4.94 15.89
CA TYR F 156 29.31 -3.57 15.38
C TYR F 156 30.29 -2.65 16.09
N TRP F 157 30.84 -1.71 15.33
CA TRP F 157 31.71 -0.64 15.83
C TRP F 157 31.03 0.72 15.68
N LEU F 158 31.24 1.59 16.64
CA LEU F 158 30.61 2.91 16.71
C LEU F 158 31.62 4.02 16.45
N PHE F 159 31.39 4.82 15.40
CA PHE F 159 32.25 5.96 15.07
C PHE F 159 31.54 7.25 15.47
N LYS F 160 32.08 7.97 16.45
CA LYS F 160 31.51 9.23 16.91
C LYS F 160 32.55 10.36 16.81
N GLY F 161 32.06 11.56 16.50
CA GLY F 161 32.91 12.73 16.41
C GLY F 161 32.17 13.90 15.79
N PRO F 162 32.70 15.11 15.97
CA PRO F 162 32.05 16.29 15.41
C PRO F 162 32.09 16.35 13.88
N ILE F 163 31.63 17.47 13.33
CA ILE F 163 31.64 17.68 11.89
C ILE F 163 33.04 17.60 11.32
N ASP F 164 33.14 17.01 10.12
CA ASP F 164 34.41 16.87 9.39
C ASP F 164 35.47 16.10 10.20
N SER F 165 35.05 15.00 10.83
CA SER F 165 35.92 14.25 11.72
C SER F 165 36.62 13.07 11.04
N GLY F 166 36.13 12.60 9.89
CA GLY F 166 36.73 11.50 9.16
C GLY F 166 35.96 10.20 9.25
N LYS F 167 34.95 10.13 10.10
CA LYS F 167 34.19 8.89 10.30
C LYS F 167 33.51 8.38 9.03
N THR F 168 32.92 9.25 8.20
CA THR F 168 32.38 8.75 6.93
C THR F 168 33.47 8.39 5.92
N THR F 169 34.57 9.13 5.89
CA THR F 169 35.64 8.77 4.95
C THR F 169 36.20 7.39 5.26
N LEU F 170 36.35 7.06 6.54
CA LEU F 170 36.82 5.73 6.92
C LEU F 170 35.74 4.67 6.71
N ALA F 171 34.50 4.96 7.10
CA ALA F 171 33.42 4.00 6.87
C ALA F 171 33.20 3.73 5.38
N ALA F 172 33.30 4.77 4.55
CA ALA F 172 33.17 4.57 3.11
C ALA F 172 34.31 3.74 2.54
N ALA F 173 35.52 3.88 3.08
CA ALA F 173 36.63 3.07 2.62
C ALA F 173 36.49 1.62 3.08
N LEU F 174 36.10 1.42 4.33
CA LEU F 174 35.85 0.06 4.83
C LEU F 174 34.69 -0.60 4.11
N LEU F 175 33.68 0.19 3.76
CA LEU F 175 32.58 -0.30 2.93
C LEU F 175 33.06 -0.81 1.57
N GLU F 176 33.95 -0.07 0.91
CA GLU F 176 34.49 -0.57 -0.35
C GLU F 176 35.45 -1.73 -0.16
N LEU F 177 36.20 -1.72 0.95
CA LEU F 177 37.11 -2.84 1.23
C LEU F 177 36.37 -4.15 1.45
N CYS F 178 35.23 -4.11 2.16
CA CYS F 178 34.41 -5.30 2.36
C CYS F 178 33.24 -5.45 1.38
N GLY F 179 32.88 -4.42 0.63
CA GLY F 179 31.72 -4.51 -0.25
C GLY F 179 30.35 -4.63 0.40
N GLY F 180 30.08 -3.85 1.44
CA GLY F 180 28.76 -3.80 2.05
C GLY F 180 27.83 -2.82 1.37
N LYS F 181 26.77 -2.42 2.08
CA LYS F 181 25.89 -1.35 1.63
C LYS F 181 25.55 -0.39 2.77
N ALA F 182 25.31 0.88 2.41
CA ALA F 182 24.96 1.92 3.37
C ALA F 182 23.45 2.04 3.52
N LEU F 183 22.97 1.98 4.76
CA LEU F 183 21.54 2.03 5.08
C LEU F 183 21.21 3.30 5.86
N ASN F 184 20.31 4.13 5.34
CA ASN F 184 19.77 5.30 6.05
C ASN F 184 18.53 4.90 6.84
N VAL F 185 18.69 4.74 8.16
CA VAL F 185 17.58 4.35 9.04
C VAL F 185 16.96 5.53 9.78
N ASN F 186 16.99 6.72 9.20
CA ASN F 186 16.30 7.87 9.77
C ASN F 186 14.86 8.02 9.28
N LEU F 187 14.40 7.21 8.34
CA LEU F 187 13.00 7.19 7.94
C LEU F 187 12.10 6.54 9.00
N PRO F 188 10.77 6.73 8.91
CA PRO F 188 9.84 6.12 9.87
C PRO F 188 9.98 4.62 10.00
N LEU F 189 9.82 4.13 11.24
CA LEU F 189 10.14 2.74 11.57
C LEU F 189 9.29 1.73 10.80
N ASP F 190 8.04 2.08 10.48
CA ASP F 190 7.17 1.16 9.72
C ASP F 190 7.53 1.06 8.25
N ARG F 191 8.50 1.83 7.76
CA ARG F 191 8.85 1.87 6.35
C ARG F 191 10.30 1.51 6.07
N LEU F 192 11.02 1.01 7.07
CA LEU F 192 12.37 0.47 6.87
C LEU F 192 12.38 -0.87 6.16
N ASN F 193 11.22 -1.52 5.95
CA ASN F 193 11.19 -2.90 5.49
C ASN F 193 12.04 -3.14 4.24
N PHE F 194 11.76 -2.43 3.14
CA PHE F 194 12.56 -2.60 1.93
C PHE F 194 13.99 -2.07 2.05
N GLU F 195 14.25 -1.12 2.95
CA GLU F 195 15.61 -0.63 3.13
C GLU F 195 16.48 -1.64 3.85
N LEU F 196 15.96 -2.24 4.91
CA LEU F 196 16.64 -3.37 5.53
C LEU F 196 16.75 -4.53 4.55
N GLY F 197 15.83 -4.61 3.58
CA GLY F 197 15.94 -5.52 2.46
C GLY F 197 17.18 -5.36 1.60
N VAL F 198 17.81 -4.18 1.59
CA VAL F 198 19.05 -4.01 0.85
C VAL F 198 20.20 -4.80 1.47
N ALA F 199 20.12 -5.09 2.77
CA ALA F 199 21.16 -5.84 3.47
C ALA F 199 21.21 -7.32 3.10
N ILE F 200 20.27 -7.82 2.30
CA ILE F 200 20.26 -9.23 1.95
C ILE F 200 21.54 -9.64 1.23
N ASP F 201 22.18 -10.70 1.73
CA ASP F 201 23.42 -11.28 1.21
C ASP F 201 24.61 -10.32 1.17
N GLN F 202 24.60 -9.24 1.95
CA GLN F 202 25.74 -8.34 2.05
C GLN F 202 26.71 -8.80 3.15
N PHE F 203 27.95 -8.31 3.07
CA PHE F 203 28.97 -8.58 4.08
C PHE F 203 28.98 -7.54 5.21
N LEU F 204 28.82 -6.25 4.89
CA LEU F 204 28.69 -5.19 5.89
C LEU F 204 27.41 -4.39 5.62
N VAL F 205 26.95 -3.67 6.63
CA VAL F 205 26.18 -2.46 6.40
C VAL F 205 26.75 -1.31 7.21
N VAL F 206 26.76 -0.12 6.62
CA VAL F 206 27.14 1.11 7.30
C VAL F 206 25.89 1.92 7.52
N PHE F 207 25.57 2.18 8.79
CA PHE F 207 24.51 3.10 9.16
C PHE F 207 25.09 4.52 9.18
N GLU F 208 25.16 5.13 7.99
CA GLU F 208 25.65 6.49 7.90
C GLU F 208 24.66 7.47 8.52
N ASP F 209 25.15 8.27 9.46
CA ASP F 209 24.41 9.34 10.09
C ASP F 209 23.09 8.91 10.72
N VAL F 210 23.14 8.25 11.87
CA VAL F 210 21.95 7.98 12.67
C VAL F 210 21.71 9.14 13.62
N LYS F 211 20.69 9.93 13.33
CA LYS F 211 20.32 11.08 14.18
C LYS F 211 19.80 10.60 15.52
N GLY F 212 20.17 11.31 16.59
CA GLY F 212 19.83 10.92 17.94
C GLY F 212 18.71 11.72 18.56
N THR F 213 18.68 11.70 19.89
CA THR F 213 17.76 12.46 20.72
C THR F 213 18.56 13.43 21.59
N GLY F 214 17.97 14.59 21.88
CA GLY F 214 18.56 15.49 22.85
C GLY F 214 19.80 16.22 22.39
N GLY F 215 19.93 16.44 21.08
CA GLY F 215 21.06 17.16 20.51
C GLY F 215 20.98 18.67 20.61
N GLU F 216 19.88 19.20 21.14
CA GLU F 216 19.64 20.64 21.10
C GLU F 216 20.72 21.46 21.80
N SER F 217 21.30 20.92 22.88
CA SER F 217 22.39 21.61 23.58
C SER F 217 23.65 21.72 22.74
N ARG F 218 23.72 21.03 21.61
CA ARG F 218 24.86 21.05 20.71
C ARG F 218 24.47 21.57 19.32
N ASP F 219 23.26 22.11 19.18
CA ASP F 219 22.70 22.56 17.90
C ASP F 219 22.57 21.44 16.87
N LEU F 220 22.24 20.23 17.33
CA LEU F 220 22.11 19.06 16.47
C LEU F 220 20.64 18.67 16.34
N PRO F 221 20.04 18.69 15.14
CA PRO F 221 18.64 18.28 15.01
C PRO F 221 18.40 16.82 15.39
N SER F 222 17.29 16.57 16.08
CA SER F 222 16.89 15.23 16.49
C SER F 222 16.14 14.49 15.37
N GLY F 223 16.10 13.17 15.48
CA GLY F 223 15.31 12.36 14.55
C GLY F 223 15.13 10.93 15.03
N GLN F 224 14.55 10.12 14.14
CA GLN F 224 14.19 8.74 14.45
C GLN F 224 15.39 7.79 14.54
N GLY F 225 16.56 8.20 14.05
CA GLY F 225 17.67 7.27 13.88
C GLY F 225 18.03 6.38 15.05
N ILE F 226 18.40 6.94 16.20
CA ILE F 226 18.82 6.11 17.33
C ILE F 226 17.66 5.26 17.85
N ASN F 227 16.46 5.82 17.91
CA ASN F 227 15.32 5.03 18.39
C ASN F 227 14.92 3.93 17.41
N ASN F 228 15.14 4.13 16.12
CA ASN F 228 15.03 3.02 15.17
C ASN F 228 16.08 1.95 15.40
N LEU F 229 17.35 2.34 15.57
CA LEU F 229 18.37 1.33 15.86
C LEU F 229 18.08 0.54 17.12
N ASP F 230 17.60 1.18 18.17
CA ASP F 230 17.29 0.44 19.39
C ASP F 230 16.12 -0.52 19.18
N ASN F 231 15.21 -0.18 18.28
CA ASN F 231 14.20 -1.12 17.82
C ASN F 231 14.74 -2.15 16.84
N LEU F 232 15.98 -2.01 16.38
CA LEU F 232 16.67 -3.04 15.59
C LEU F 232 17.76 -3.76 16.40
N ARG F 233 17.69 -3.68 17.74
CA ARG F 233 18.72 -4.26 18.60
C ARG F 233 18.96 -5.74 18.34
N ASP F 234 17.94 -6.49 17.97
CA ASP F 234 18.17 -7.89 17.59
C ASP F 234 18.87 -8.02 16.24
N TYR F 235 18.65 -7.09 15.31
CA TYR F 235 19.46 -7.10 14.10
C TYR F 235 20.93 -6.87 14.40
N LEU F 236 21.25 -5.91 15.28
CA LEU F 236 22.63 -5.65 15.66
C LEU F 236 23.26 -6.83 16.40
N ASP F 237 22.54 -7.42 17.35
CA ASP F 237 23.06 -8.57 18.07
C ASP F 237 23.31 -9.78 17.16
N GLY F 238 22.44 -10.02 16.20
CA GLY F 238 22.63 -11.13 15.28
C GLY F 238 22.48 -12.51 15.89
N SER F 239 21.87 -12.61 17.07
CA SER F 239 21.63 -13.91 17.70
C SER F 239 20.55 -14.73 17.00
N VAL F 240 19.71 -14.08 16.19
CA VAL F 240 18.59 -14.74 15.53
C VAL F 240 18.50 -14.24 14.09
N LYS F 241 17.85 -15.04 13.26
CA LYS F 241 17.56 -14.61 11.89
C LYS F 241 16.50 -13.52 11.88
N VAL F 242 16.62 -12.64 10.88
CA VAL F 242 15.65 -11.59 10.60
C VAL F 242 15.08 -11.80 9.20
N ASN F 243 13.87 -11.33 8.97
CA ASN F 243 13.12 -11.62 7.75
C ASN F 243 13.08 -10.37 6.86
N LEU F 244 13.74 -10.44 5.70
CA LEU F 244 14.07 -9.28 4.88
C LEU F 244 13.33 -9.37 3.55
N GLU F 245 12.52 -8.36 3.23
CA GLU F 245 11.71 -8.36 2.02
C GLU F 245 12.27 -7.47 0.93
N LYS F 246 12.36 -8.02 -0.28
CA LYS F 246 12.88 -7.34 -1.47
C LYS F 246 12.06 -7.81 -2.67
N LYS F 247 11.87 -6.92 -3.64
CA LYS F 247 10.77 -7.04 -4.59
C LYS F 247 11.12 -7.92 -5.81
N HIS F 248 10.06 -8.25 -6.57
CA HIS F 248 10.07 -9.30 -7.58
C HIS F 248 10.35 -10.67 -7.00
N LEU F 249 10.18 -10.85 -5.68
CA LEU F 249 10.76 -12.01 -5.00
C LEU F 249 10.00 -12.29 -3.72
N ASN F 250 10.12 -13.54 -3.24
CA ASN F 250 9.78 -13.88 -1.87
C ASN F 250 10.82 -13.34 -0.87
N LYS F 251 10.43 -13.34 0.40
CA LYS F 251 11.27 -12.87 1.50
C LYS F 251 12.47 -13.80 1.74
N ARG F 252 13.64 -13.22 2.07
CA ARG F 252 14.83 -13.98 2.48
C ARG F 252 15.14 -13.78 3.96
N THR F 253 15.41 -14.89 4.66
CA THR F 253 15.80 -14.85 6.07
C THR F 253 17.30 -15.04 6.22
N GLN F 254 17.93 -14.23 7.06
CA GLN F 254 19.35 -14.42 7.37
C GLN F 254 19.68 -13.76 8.70
N ILE F 255 20.85 -14.08 9.23
CA ILE F 255 21.48 -13.24 10.23
C ILE F 255 21.92 -11.94 9.56
N PHE F 256 21.47 -10.82 10.10
CA PHE F 256 21.76 -9.52 9.51
C PHE F 256 23.27 -9.26 9.52
N PRO F 257 23.82 -8.63 8.48
CA PRO F 257 25.28 -8.44 8.43
C PRO F 257 25.80 -7.56 9.55
N PRO F 258 27.06 -7.74 9.94
CA PRO F 258 27.73 -6.79 10.84
C PRO F 258 28.03 -5.48 10.14
N GLY F 259 28.55 -4.49 10.87
CA GLY F 259 28.60 -3.15 10.30
C GLY F 259 29.11 -2.08 11.24
N ILE F 260 28.90 -0.83 10.81
CA ILE F 260 29.42 0.38 11.44
C ILE F 260 28.27 1.37 11.63
N VAL F 261 28.23 2.01 12.80
CA VAL F 261 27.31 3.12 13.06
C VAL F 261 28.11 4.41 13.14
N THR F 262 27.77 5.38 12.29
CA THR F 262 28.40 6.70 12.32
C THR F 262 27.42 7.71 12.88
N MET F 263 27.92 8.58 13.76
CA MET F 263 27.06 9.31 14.68
C MET F 263 27.71 10.62 15.09
N ASN F 264 27.02 11.73 14.86
CA ASN F 264 27.56 13.06 15.19
C ASN F 264 27.16 13.49 16.61
N GLU F 265 27.82 12.91 17.61
CA GLU F 265 27.85 13.38 18.99
C GLU F 265 26.50 13.40 19.73
N TYR F 266 25.46 12.73 19.23
CA TYR F 266 24.21 12.63 19.97
C TYR F 266 24.35 11.82 21.25
N SER F 267 23.34 11.96 22.12
CA SER F 267 23.19 11.07 23.28
C SER F 267 22.68 9.70 22.84
N VAL F 268 23.35 8.64 23.30
CA VAL F 268 23.03 7.27 22.92
C VAL F 268 22.56 6.49 24.14
N PRO F 269 21.45 5.74 24.04
CA PRO F 269 20.97 4.98 25.21
C PRO F 269 21.84 3.78 25.51
N LYS F 270 22.02 3.49 26.81
CA LYS F 270 22.89 2.38 27.23
C LYS F 270 22.49 1.04 26.62
N THR F 271 21.19 0.79 26.43
CA THR F 271 20.76 -0.46 25.80
C THR F 271 21.29 -0.62 24.38
N LEU F 272 21.62 0.47 23.69
CA LEU F 272 22.29 0.40 22.40
C LEU F 272 23.80 0.37 22.58
N GLN F 273 24.35 1.37 23.29
CA GLN F 273 25.79 1.51 23.36
C GLN F 273 26.46 0.29 23.98
N ALA F 274 25.78 -0.39 24.90
CA ALA F 274 26.36 -1.52 25.58
C ALA F 274 26.70 -2.69 24.66
N ARG F 275 26.19 -2.71 23.43
CA ARG F 275 26.46 -3.79 22.50
C ARG F 275 27.04 -3.29 21.17
N PHE F 276 27.96 -2.32 21.26
CA PHE F 276 29.01 -2.12 20.29
C PHE F 276 30.34 -2.57 20.90
N VAL F 277 31.18 -3.23 20.12
CA VAL F 277 32.44 -3.74 20.67
C VAL F 277 33.34 -2.57 21.05
N LYS F 278 33.48 -1.61 20.16
CA LYS F 278 34.48 -0.56 20.30
C LYS F 278 33.88 0.74 19.78
N GLN F 279 34.13 1.83 20.50
CA GLN F 279 33.81 3.18 20.05
C GLN F 279 35.11 3.90 19.70
N ILE F 280 35.20 4.40 18.47
CA ILE F 280 36.32 5.21 18.02
C ILE F 280 35.86 6.65 18.02
N ASP F 281 36.49 7.48 18.85
CA ASP F 281 36.23 8.92 18.90
C ASP F 281 37.08 9.64 17.84
N PHE F 282 36.46 9.97 16.72
CA PHE F 282 37.08 10.82 15.70
C PHE F 282 37.03 12.28 16.10
N ARG F 283 38.09 13.03 15.78
CA ARG F 283 38.08 14.48 15.95
C ARG F 283 38.96 15.15 14.91
N PRO F 284 38.66 16.39 14.54
CA PRO F 284 39.41 17.07 13.46
C PRO F 284 40.84 17.42 13.84
N LYS F 285 41.69 17.50 12.81
CA LYS F 285 43.05 18.02 12.93
C LYS F 285 43.34 19.09 11.89
N ASP F 286 44.00 20.17 12.35
CA ASP F 286 44.28 21.33 11.50
C ASP F 286 45.20 21.00 10.33
N TYR F 287 46.23 20.19 10.57
CA TYR F 287 47.19 19.86 9.53
C TYR F 287 46.61 18.97 8.43
N LEU F 288 45.66 18.10 8.76
CA LEU F 288 45.00 17.33 7.71
C LEU F 288 44.17 18.23 6.81
N LYS F 289 43.49 19.22 7.39
CA LYS F 289 42.68 20.14 6.59
C LYS F 289 43.53 20.95 5.63
N HIS F 290 44.65 21.49 6.12
CA HIS F 290 45.57 22.19 5.21
C HIS F 290 46.23 21.26 4.20
N CYS F 291 46.49 20.00 4.56
CA CYS F 291 47.02 19.07 3.59
C CYS F 291 46.04 18.78 2.46
N LEU F 292 44.80 18.40 2.78
CA LEU F 292 43.80 18.20 1.75
C LEU F 292 43.56 19.48 0.93
N GLU F 293 43.56 20.63 1.59
CA GLU F 293 43.39 21.89 0.88
C GLU F 293 44.48 22.10 -0.16
N ARG F 294 45.72 21.76 0.16
CA ARG F 294 46.85 21.93 -0.73
C ARG F 294 47.06 20.77 -1.71
N SER F 295 46.19 19.76 -1.73
CA SER F 295 46.35 18.60 -2.60
C SER F 295 44.98 18.11 -3.08
N GLU F 296 44.34 18.94 -3.90
CA GLU F 296 42.97 18.70 -4.34
C GLU F 296 42.77 17.38 -5.08
N PHE F 297 43.81 16.81 -5.68
CA PHE F 297 43.65 15.54 -6.40
C PHE F 297 43.17 14.42 -5.49
N LEU F 298 43.47 14.48 -4.20
CA LEU F 298 43.01 13.43 -3.29
C LEU F 298 41.49 13.34 -3.28
N LEU F 299 40.82 14.49 -3.26
CA LEU F 299 39.36 14.53 -3.19
C LEU F 299 38.74 14.27 -4.56
N GLU F 300 39.26 14.96 -5.57
CA GLU F 300 38.73 14.83 -6.94
C GLU F 300 38.77 13.39 -7.42
N LYS F 301 39.86 12.67 -7.17
CA LYS F 301 39.98 11.28 -7.59
C LYS F 301 39.45 10.29 -6.54
N ARG F 302 38.76 10.79 -5.52
CA ARG F 302 38.12 10.00 -4.45
C ARG F 302 39.07 9.05 -3.73
N ILE F 303 40.31 9.48 -3.54
CA ILE F 303 41.34 8.55 -3.07
C ILE F 303 41.12 8.21 -1.59
N ILE F 304 40.91 9.22 -0.74
CA ILE F 304 40.83 8.96 0.70
C ILE F 304 39.59 8.16 1.08
N GLN F 305 38.52 8.24 0.30
CA GLN F 305 37.33 7.43 0.54
C GLN F 305 37.49 5.97 0.13
N SER F 306 38.55 5.60 -0.57
CA SER F 306 38.54 4.37 -1.36
C SER F 306 39.10 3.18 -0.60
N GLY F 307 38.40 2.05 -0.73
CA GLY F 307 38.89 0.76 -0.27
C GLY F 307 40.10 0.26 -1.01
N ILE F 308 40.36 0.79 -2.20
CA ILE F 308 41.61 0.51 -2.88
C ILE F 308 42.77 1.20 -2.18
N ALA F 309 42.55 2.41 -1.66
CA ALA F 309 43.57 3.04 -0.82
C ALA F 309 43.83 2.25 0.46
N LEU F 310 42.77 1.78 1.12
CA LEU F 310 42.96 0.93 2.30
C LEU F 310 43.56 -0.43 1.96
N LEU F 311 43.23 -1.00 0.80
CA LEU F 311 43.87 -2.24 0.40
C LEU F 311 45.36 -2.05 0.16
N LEU F 312 45.73 -0.97 -0.52
CA LEU F 312 47.14 -0.64 -0.67
C LEU F 312 47.83 -0.43 0.68
N MET F 313 47.15 0.22 1.62
CA MET F 313 47.68 0.34 2.98
C MET F 313 47.91 -1.02 3.63
N LEU F 314 47.01 -1.98 3.42
CA LEU F 314 47.26 -3.33 3.92
C LEU F 314 48.44 -4.00 3.23
N ILE F 315 48.63 -3.79 1.91
CA ILE F 315 49.85 -4.30 1.28
C ILE F 315 51.08 -3.72 1.97
N TRP F 316 51.10 -2.41 2.18
CA TRP F 316 52.31 -1.76 2.66
C TRP F 316 52.62 -2.09 4.12
N TYR F 317 51.62 -2.18 4.99
CA TYR F 317 51.89 -2.44 6.41
C TYR F 317 51.87 -3.91 6.86
N ARG F 318 51.01 -4.75 6.29
CA ARG F 318 50.82 -6.06 6.95
C ARG F 318 51.78 -7.14 6.41
N PRO F 319 52.21 -8.05 7.29
CA PRO F 319 52.90 -9.27 6.84
C PRO F 319 52.11 -10.06 5.82
N VAL F 320 52.84 -10.74 4.93
CA VAL F 320 52.22 -11.58 3.91
C VAL F 320 51.38 -12.69 4.51
N ALA F 321 51.75 -13.14 5.71
CA ALA F 321 51.00 -14.18 6.40
C ALA F 321 49.56 -13.80 6.76
N GLU F 322 49.23 -12.52 6.77
CA GLU F 322 47.86 -12.12 7.14
C GLU F 322 46.85 -12.39 6.03
N PHE F 323 47.26 -12.36 4.78
CA PHE F 323 46.37 -12.59 3.66
C PHE F 323 46.09 -14.08 3.49
N ALA F 324 44.93 -14.38 2.89
CA ALA F 324 44.58 -15.76 2.62
C ALA F 324 45.60 -16.42 1.70
N GLN F 325 45.82 -17.71 1.95
CA GLN F 325 46.87 -18.45 1.24
C GLN F 325 46.68 -18.41 -0.27
N SER F 326 45.44 -18.36 -0.75
CA SER F 326 45.19 -18.34 -2.19
C SER F 326 45.49 -16.99 -2.83
N ILE F 327 45.23 -15.89 -2.14
CA ILE F 327 45.45 -14.57 -2.71
C ILE F 327 46.89 -14.08 -2.55
N GLN F 328 47.66 -14.69 -1.66
CA GLN F 328 49.06 -14.34 -1.51
C GLN F 328 49.81 -14.31 -2.84
N SER F 329 49.43 -15.16 -3.80
CA SER F 329 50.04 -15.15 -5.12
C SER F 329 49.88 -13.81 -5.84
N ARG F 330 48.83 -13.04 -5.55
CA ARG F 330 48.72 -11.69 -6.08
C ARG F 330 49.30 -10.65 -5.13
N ILE F 331 49.14 -10.85 -3.82
CA ILE F 331 49.66 -9.91 -2.84
C ILE F 331 51.17 -9.74 -2.98
N VAL F 332 51.88 -10.86 -3.15
CA VAL F 332 53.33 -10.81 -3.29
C VAL F 332 53.77 -10.05 -4.53
N GLU F 333 52.99 -10.08 -5.61
CA GLU F 333 53.32 -9.26 -6.77
C GLU F 333 53.15 -7.77 -6.50
N TRP F 334 52.07 -7.39 -5.84
CA TRP F 334 51.90 -5.98 -5.46
C TRP F 334 52.90 -5.53 -4.41
N LYS F 335 53.34 -6.42 -3.53
CA LYS F 335 54.38 -6.08 -2.56
C LYS F 335 55.64 -5.56 -3.24
N GLU F 336 56.19 -6.32 -4.19
CA GLU F 336 57.40 -5.86 -4.86
C GLU F 336 57.15 -4.63 -5.72
N ARG F 337 55.96 -4.51 -6.31
CA ARG F 337 55.66 -3.36 -7.15
C ARG F 337 55.67 -2.05 -6.36
N LEU F 338 55.10 -2.04 -5.15
CA LEU F 338 55.11 -0.82 -4.34
C LEU F 338 56.50 -0.42 -3.85
N ASP F 339 57.39 -1.37 -3.56
CA ASP F 339 58.78 -1.00 -3.31
C ASP F 339 59.43 -0.42 -4.55
N LYS F 340 59.13 -1.00 -5.72
CA LYS F 340 59.70 -0.49 -6.96
C LYS F 340 59.23 0.93 -7.26
N GLU F 341 58.02 1.28 -6.86
CA GLU F 341 57.57 2.66 -7.01
C GLU F 341 58.16 3.61 -5.97
N PHE F 342 58.16 3.22 -4.69
CA PHE F 342 58.53 4.16 -3.63
C PHE F 342 59.58 3.59 -2.67
N SER F 343 60.59 4.41 -2.39
CA SER F 343 61.43 4.20 -1.23
C SER F 343 60.70 4.58 0.06
N LEU F 344 61.21 4.09 1.18
CA LEU F 344 60.76 4.56 2.48
C LEU F 344 60.95 6.06 2.64
N SER F 345 62.00 6.61 2.03
CA SER F 345 62.32 8.03 2.22
C SER F 345 61.22 8.94 1.68
N VAL F 346 60.78 8.70 0.44
CA VAL F 346 59.72 9.54 -0.12
C VAL F 346 58.39 9.32 0.61
N TYR F 347 58.15 8.11 1.11
CA TYR F 347 56.97 7.87 1.94
C TYR F 347 57.04 8.62 3.26
N GLN F 348 58.15 8.50 3.98
CA GLN F 348 58.31 9.26 5.22
C GLN F 348 58.26 10.77 4.98
N LYS F 349 58.84 11.24 3.88
CA LYS F 349 58.75 12.66 3.54
C LYS F 349 57.30 13.12 3.38
N MET F 350 56.49 12.35 2.64
CA MET F 350 55.09 12.77 2.49
C MET F 350 54.28 12.57 3.77
N LYS F 351 54.60 11.58 4.60
CA LYS F 351 54.04 11.54 5.96
C LYS F 351 54.39 12.81 6.72
N PHE F 352 55.64 13.26 6.61
CA PHE F 352 56.03 14.54 7.20
C PHE F 352 55.30 15.72 6.58
N ASN F 353 55.16 15.74 5.24
CA ASN F 353 54.40 16.81 4.60
C ASN F 353 52.98 16.91 5.15
N VAL F 354 52.31 15.77 5.33
CA VAL F 354 50.97 15.78 5.94
C VAL F 354 51.03 16.36 7.35
N ALA F 355 51.99 15.90 8.14
CA ALA F 355 52.14 16.43 9.50
C ALA F 355 52.47 17.92 9.52
N MET F 356 53.18 18.40 8.51
CA MET F 356 53.45 19.83 8.37
C MET F 356 52.29 20.62 7.77
N GLY F 357 51.20 19.96 7.37
CA GLY F 357 50.07 20.64 6.79
C GLY F 357 50.33 21.25 5.43
N ILE F 358 51.37 20.80 4.74
CA ILE F 358 51.67 21.23 3.40
C ILE F 358 51.18 20.17 2.42
N GLY F 359 51.20 20.50 1.13
CA GLY F 359 50.81 19.53 0.11
C GLY F 359 51.60 18.24 0.20
N VAL F 360 50.89 17.12 0.11
CA VAL F 360 51.49 15.81 0.33
C VAL F 360 52.59 15.49 -0.68
N LEU F 361 52.50 16.02 -1.90
CA LEU F 361 53.51 15.78 -2.91
C LEU F 361 54.85 16.46 -2.57
N ASP F 362 55.93 15.88 -3.10
CA ASP F 362 57.30 16.33 -2.87
C ASP F 362 57.60 16.48 -1.38
#